data_1E0Z
#
_entry.id   1E0Z
#
_cell.length_a   1.000
_cell.length_b   1.000
_cell.length_c   1.000
_cell.angle_alpha   90.00
_cell.angle_beta   90.00
_cell.angle_gamma   90.00
#
_symmetry.space_group_name_H-M   'P 1'
#
loop_
_entity.id
_entity.type
_entity.pdbx_description
1 polymer FERREDOXIN
2 non-polymer 'FE2/S2 (INORGANIC) CLUSTER'
#
_entity_poly.entity_id   1
_entity_poly.type   'polypeptide(L)'
_entity_poly.pdbx_seq_one_letter_code
;PTVEYLNYETLDDQGWDMDDDDLFEKAADAGLDGEDYGTMEVAEGEYILEAAEAQGYDWPFSCRAGACANCASIVKEGEI
DMDMQQILSDEEVEEKDVRLTCIGSPAADEVKIVYNA(ALY)HLDYLQNRVI
;
_entity_poly.pdbx_strand_id   A
#
# COMPACT_ATOMS: atom_id res chain seq x y z
N PRO A 1 -3.98 -15.87 -0.77
CA PRO A 1 -3.92 -14.55 -1.44
C PRO A 1 -4.72 -13.51 -0.64
N THR A 2 -4.36 -13.29 0.59
CA THR A 2 -5.11 -12.30 1.41
C THR A 2 -4.20 -11.14 1.83
N VAL A 3 -4.69 -9.94 1.75
CA VAL A 3 -3.87 -8.75 2.14
C VAL A 3 -4.74 -7.72 2.85
N GLU A 4 -4.15 -6.77 3.52
CA GLU A 4 -4.96 -5.74 4.23
C GLU A 4 -4.43 -4.34 3.90
N TYR A 5 -5.16 -3.58 3.14
CA TYR A 5 -4.70 -2.21 2.78
C TYR A 5 -5.12 -1.20 3.85
N LEU A 6 -4.28 -0.22 4.11
CA LEU A 6 -4.62 0.80 5.13
C LEU A 6 -4.33 2.21 4.59
N ASN A 7 -5.15 3.17 4.95
CA ASN A 7 -4.92 4.56 4.44
C ASN A 7 -3.77 5.22 5.21
N TYR A 8 -2.65 5.42 4.57
CA TYR A 8 -1.51 6.07 5.28
C TYR A 8 -1.95 7.43 5.82
N GLU A 9 -2.80 8.11 5.10
CA GLU A 9 -3.28 9.44 5.57
C GLU A 9 -4.05 9.28 6.88
N THR A 10 -4.84 8.25 6.98
CA THR A 10 -5.62 8.02 8.23
C THR A 10 -4.66 7.81 9.41
N LEU A 11 -3.57 7.14 9.18
CA LEU A 11 -2.59 6.91 10.28
C LEU A 11 -2.05 8.24 10.78
N ASP A 12 -1.79 9.15 9.90
CA ASP A 12 -1.26 10.49 10.33
C ASP A 12 -2.40 11.34 10.89
N ASP A 13 -3.43 11.53 10.11
CA ASP A 13 -4.58 12.35 10.59
C ASP A 13 -4.95 11.94 12.02
N GLN A 14 -5.22 10.68 12.22
CA GLN A 14 -5.59 10.22 13.59
C GLN A 14 -4.38 10.31 14.53
N GLY A 15 -3.19 10.30 13.98
CA GLY A 15 -1.98 10.40 14.83
C GLY A 15 -1.74 9.06 15.54
N TRP A 16 -2.04 7.98 14.88
CA TRP A 16 -1.84 6.65 15.51
C TRP A 16 -0.40 6.16 15.28
N ASP A 17 -0.12 4.92 15.59
CA ASP A 17 1.25 4.39 15.39
C ASP A 17 1.31 3.53 14.11
N MET A 18 2.48 3.16 13.69
CA MET A 18 2.60 2.32 12.47
C MET A 18 2.18 0.88 12.77
N ASP A 19 2.60 0.34 13.89
CA ASP A 19 2.23 -1.06 14.22
C ASP A 19 1.96 -1.19 15.73
N ASP A 20 1.85 -0.08 16.41
CA ASP A 20 1.59 -0.15 17.88
C ASP A 20 0.12 -0.43 18.15
N ASP A 21 -0.76 0.41 17.67
CA ASP A 21 -2.21 0.17 17.91
C ASP A 21 -2.75 -0.89 16.94
N ASP A 22 -1.88 -1.49 16.17
CA ASP A 22 -2.35 -2.53 15.21
C ASP A 22 -3.49 -1.97 14.34
N LEU A 23 -3.29 -0.83 13.78
CA LEU A 23 -4.35 -0.22 12.92
C LEU A 23 -5.01 -1.30 12.04
N PHE A 24 -4.23 -2.16 11.46
CA PHE A 24 -4.80 -3.22 10.59
C PHE A 24 -5.85 -4.04 11.37
N GLU A 25 -5.78 -3.99 12.67
CA GLU A 25 -6.77 -4.75 13.48
C GLU A 25 -7.77 -3.79 14.15
N LYS A 26 -7.27 -2.77 14.80
CA LYS A 26 -8.19 -1.80 15.46
C LYS A 26 -9.00 -1.03 14.42
N ALA A 27 -8.52 -0.97 13.21
CA ALA A 27 -9.25 -0.23 12.15
C ALA A 27 -10.62 -0.89 11.91
N ALA A 28 -10.67 -2.19 11.95
CA ALA A 28 -11.96 -2.89 11.72
C ALA A 28 -12.99 -2.41 12.75
N ASP A 29 -12.54 -1.90 13.87
CA ASP A 29 -13.50 -1.42 14.90
C ASP A 29 -13.82 0.06 14.67
N ALA A 30 -13.08 0.71 13.82
CA ALA A 30 -13.34 2.15 13.55
C ALA A 30 -14.37 2.30 12.43
N GLY A 31 -14.51 1.30 11.60
CA GLY A 31 -15.49 1.38 10.49
C GLY A 31 -15.15 2.55 9.58
N LEU A 32 -13.88 2.85 9.45
CA LEU A 32 -13.47 3.98 8.56
C LEU A 32 -13.94 3.73 7.13
N ASP A 33 -13.54 4.57 6.21
CA ASP A 33 -13.96 4.38 4.80
C ASP A 33 -13.34 3.10 4.23
N GLY A 34 -14.09 2.36 3.46
CA GLY A 34 -13.55 1.09 2.87
C GLY A 34 -12.36 1.43 1.97
N GLU A 35 -12.32 2.62 1.44
CA GLU A 35 -11.18 3.01 0.56
C GLU A 35 -9.93 3.32 1.39
N ASP A 36 -10.01 3.14 2.68
CA ASP A 36 -8.83 3.41 3.54
C ASP A 36 -8.36 2.13 4.22
N TYR A 37 -9.25 1.36 4.77
CA TYR A 37 -8.85 0.10 5.44
C TYR A 37 -9.75 -1.06 5.01
N GLY A 38 -9.18 -2.22 4.78
CA GLY A 38 -10.01 -3.39 4.36
C GLY A 38 -9.09 -4.54 3.94
N THR A 39 -9.64 -5.72 3.81
CA THR A 39 -8.81 -6.88 3.42
C THR A 39 -8.77 -7.01 1.89
N MET A 40 -7.63 -6.83 1.29
CA MET A 40 -7.54 -6.95 -0.19
C MET A 40 -7.23 -8.38 -0.61
N GLU A 41 -8.06 -8.98 -1.41
CA GLU A 41 -7.80 -10.38 -1.85
C GLU A 41 -7.22 -10.39 -3.26
N VAL A 42 -6.01 -10.85 -3.40
CA VAL A 42 -5.37 -10.88 -4.75
C VAL A 42 -4.68 -12.22 -4.99
N ALA A 43 -4.99 -12.87 -6.07
CA ALA A 43 -4.34 -14.19 -6.36
C ALA A 43 -2.95 -13.98 -6.94
N GLU A 44 -2.17 -15.02 -7.05
CA GLU A 44 -0.79 -14.89 -7.60
C GLU A 44 -0.86 -14.54 -9.08
N GLY A 45 -0.26 -13.45 -9.47
CA GLY A 45 -0.28 -13.05 -10.91
C GLY A 45 -1.27 -11.90 -11.11
N GLU A 46 -1.93 -11.48 -10.05
CA GLU A 46 -2.90 -10.35 -10.17
C GLU A 46 -2.32 -9.08 -9.57
N TYR A 47 -2.41 -7.99 -10.28
CA TYR A 47 -1.86 -6.71 -9.75
C TYR A 47 -2.72 -6.19 -8.60
N ILE A 48 -2.11 -5.74 -7.53
CA ILE A 48 -2.90 -5.23 -6.38
C ILE A 48 -3.86 -4.13 -6.84
N LEU A 49 -3.33 -2.99 -7.20
CA LEU A 49 -4.21 -1.86 -7.66
C LEU A 49 -5.30 -2.39 -8.59
N GLU A 50 -5.06 -3.49 -9.26
CA GLU A 50 -6.09 -4.04 -10.19
C GLU A 50 -7.16 -4.81 -9.40
N ALA A 51 -6.76 -5.74 -8.57
CA ALA A 51 -7.75 -6.53 -7.78
C ALA A 51 -8.56 -5.61 -6.86
N ALA A 52 -7.93 -4.63 -6.29
CA ALA A 52 -8.67 -3.71 -5.37
C ALA A 52 -9.50 -2.72 -6.17
N GLU A 53 -9.04 -2.34 -7.33
CA GLU A 53 -9.82 -1.38 -8.16
C GLU A 53 -11.12 -2.02 -8.62
N ALA A 54 -11.14 -3.32 -8.76
CA ALA A 54 -12.38 -4.01 -9.19
C ALA A 54 -13.37 -4.09 -8.03
N GLN A 55 -12.95 -3.72 -6.85
CA GLN A 55 -13.87 -3.76 -5.68
C GLN A 55 -14.37 -2.36 -5.33
N GLY A 56 -13.60 -1.36 -5.63
CA GLY A 56 -14.03 0.04 -5.32
C GLY A 56 -12.91 0.80 -4.63
N TYR A 57 -11.77 0.18 -4.45
CA TYR A 57 -10.63 0.88 -3.78
C TYR A 57 -9.97 1.88 -4.76
N ASP A 58 -9.37 2.90 -4.24
CA ASP A 58 -8.70 3.91 -5.12
C ASP A 58 -7.20 4.00 -4.81
N TRP A 59 -6.38 4.05 -5.82
CA TRP A 59 -4.91 4.15 -5.57
C TRP A 59 -4.28 5.20 -6.50
N PRO A 60 -3.24 5.81 -6.03
CA PRO A 60 -2.54 6.84 -6.84
C PRO A 60 -1.76 6.15 -7.96
N PHE A 61 -1.79 6.69 -9.14
CA PHE A 61 -1.04 6.06 -10.27
C PHE A 61 -0.78 7.08 -11.38
N SER A 62 0.32 6.93 -12.07
CA SER A 62 0.64 7.89 -13.17
C SER A 62 1.30 7.17 -14.33
N CYS A 63 2.42 6.52 -14.08
CA CYS A 63 3.13 5.81 -15.19
C CYS A 63 2.48 4.45 -15.46
N ARG A 64 2.02 3.75 -14.46
CA ARG A 64 1.34 2.43 -14.69
C ARG A 64 2.27 1.42 -15.39
N ALA A 65 3.55 1.52 -15.18
CA ALA A 65 4.51 0.58 -15.82
C ALA A 65 5.60 0.17 -14.82
N GLY A 66 5.52 0.63 -13.59
CA GLY A 66 6.54 0.26 -12.58
C GLY A 66 7.81 1.08 -12.83
N ALA A 67 7.68 2.33 -13.18
CA ALA A 67 8.88 3.17 -13.44
C ALA A 67 8.85 4.45 -12.59
N CYS A 68 7.89 4.57 -11.71
CA CYS A 68 7.81 5.79 -10.85
C CYS A 68 7.37 5.40 -9.43
N ALA A 69 7.13 6.36 -8.57
CA ALA A 69 6.71 6.02 -7.18
C ALA A 69 5.39 6.69 -6.79
N ASN A 70 4.68 7.24 -7.73
CA ASN A 70 3.40 7.91 -7.41
C ASN A 70 2.44 6.91 -6.73
N CYS A 71 2.46 5.68 -7.16
CA CYS A 71 1.57 4.65 -6.55
C CYS A 71 2.26 4.02 -5.34
N ALA A 72 3.33 4.63 -4.89
CA ALA A 72 4.09 4.08 -3.72
C ALA A 72 3.15 3.64 -2.59
N SER A 73 3.57 2.67 -1.82
CA SER A 73 2.74 2.17 -0.68
C SER A 73 3.64 1.92 0.53
N ILE A 74 3.17 1.17 1.49
CA ILE A 74 4.01 0.89 2.69
C ILE A 74 3.70 -0.50 3.25
N VAL A 75 4.12 -1.54 2.57
CA VAL A 75 3.84 -2.92 3.07
C VAL A 75 4.22 -3.02 4.56
N LYS A 76 3.26 -3.20 5.42
CA LYS A 76 3.56 -3.29 6.88
C LYS A 76 3.97 -4.72 7.24
N GLU A 77 3.79 -5.66 6.35
CA GLU A 77 4.18 -7.07 6.64
C GLU A 77 3.90 -7.95 5.43
N GLY A 78 4.42 -9.15 5.44
CA GLY A 78 4.19 -10.06 4.28
C GLY A 78 5.26 -9.82 3.21
N GLU A 79 5.03 -10.26 2.02
CA GLU A 79 6.04 -10.05 0.93
C GLU A 79 5.34 -9.84 -0.41
N ILE A 80 5.88 -8.99 -1.25
CA ILE A 80 5.24 -8.76 -2.58
C ILE A 80 6.26 -9.00 -3.69
N ASP A 81 5.80 -9.50 -4.81
CA ASP A 81 6.73 -9.76 -5.94
C ASP A 81 6.74 -8.59 -6.93
N MET A 82 7.90 -8.15 -7.34
CA MET A 82 7.97 -7.01 -8.30
C MET A 82 8.39 -7.50 -9.68
N ASP A 83 8.50 -6.62 -10.63
CA ASP A 83 8.90 -7.04 -12.00
C ASP A 83 10.40 -6.81 -12.21
N MET A 84 10.88 -7.08 -13.39
CA MET A 84 12.33 -6.88 -13.67
C MET A 84 12.67 -5.37 -13.68
N GLN A 85 12.72 -4.77 -12.52
CA GLN A 85 13.05 -3.32 -12.47
C GLN A 85 13.19 -2.86 -11.01
N GLN A 86 13.75 -1.70 -10.80
CA GLN A 86 13.92 -1.21 -9.40
C GLN A 86 14.15 0.31 -9.39
N ILE A 87 13.11 1.08 -9.54
CA ILE A 87 13.28 2.56 -9.54
C ILE A 87 13.28 3.08 -8.10
N LEU A 88 12.67 2.36 -7.20
CA LEU A 88 12.65 2.81 -5.77
C LEU A 88 13.99 2.49 -5.11
N SER A 89 14.26 3.09 -3.97
CA SER A 89 15.55 2.82 -3.28
C SER A 89 15.36 1.74 -2.20
N ASP A 90 16.24 0.77 -2.17
CA ASP A 90 16.12 -0.30 -1.14
C ASP A 90 15.78 0.32 0.22
N GLU A 91 16.28 1.49 0.48
CA GLU A 91 15.99 2.16 1.77
C GLU A 91 14.48 2.31 1.93
N GLU A 92 13.80 2.59 0.87
CA GLU A 92 12.31 2.74 0.95
C GLU A 92 11.66 1.37 1.09
N VAL A 93 12.27 0.36 0.53
CA VAL A 93 11.70 -1.01 0.63
C VAL A 93 12.04 -1.63 1.99
N GLU A 94 12.97 -1.04 2.70
CA GLU A 94 13.34 -1.60 4.04
C GLU A 94 13.05 -0.57 5.14
N GLU A 95 13.18 0.69 4.83
CA GLU A 95 12.92 1.74 5.87
C GLU A 95 11.49 2.28 5.73
N LYS A 96 10.90 2.16 4.58
CA LYS A 96 9.51 2.68 4.40
C LYS A 96 8.58 1.57 3.90
N ASP A 97 9.14 0.45 3.51
CA ASP A 97 8.29 -0.68 3.02
C ASP A 97 7.47 -0.22 1.81
N VAL A 98 8.07 0.52 0.92
CA VAL A 98 7.32 0.99 -0.27
C VAL A 98 7.42 -0.01 -1.42
N ARG A 99 6.41 -0.10 -2.24
CA ARG A 99 6.44 -1.06 -3.38
C ARG A 99 5.61 -0.53 -4.55
N LEU A 100 5.59 -1.24 -5.64
CA LEU A 100 4.79 -0.76 -6.81
C LEU A 100 3.42 -1.44 -6.81
N THR A 101 2.39 -0.71 -6.51
CA THR A 101 1.01 -1.30 -6.48
C THR A 101 0.46 -1.45 -7.90
N CYS A 102 0.93 -0.65 -8.83
CA CYS A 102 0.41 -0.76 -10.22
C CYS A 102 0.99 -1.99 -10.92
N ILE A 103 2.18 -2.39 -10.54
CA ILE A 103 2.80 -3.59 -11.18
C ILE A 103 3.40 -4.51 -10.12
N GLY A 104 2.80 -4.57 -8.96
CA GLY A 104 3.35 -5.45 -7.88
C GLY A 104 2.31 -6.48 -7.47
N SER A 105 2.73 -7.71 -7.26
CA SER A 105 1.76 -8.77 -6.85
C SER A 105 2.23 -9.40 -5.54
N PRO A 106 1.27 -9.80 -4.75
CA PRO A 106 1.58 -10.44 -3.44
C PRO A 106 2.15 -11.84 -3.64
N ALA A 107 3.25 -12.13 -3.01
CA ALA A 107 3.87 -13.48 -3.16
C ALA A 107 3.60 -14.33 -1.91
N ALA A 108 3.04 -13.73 -0.89
CA ALA A 108 2.76 -14.49 0.36
C ALA A 108 1.25 -14.63 0.55
N ASP A 109 0.83 -15.41 1.52
CA ASP A 109 -0.63 -15.57 1.75
C ASP A 109 -1.20 -14.33 2.44
N GLU A 110 -0.72 -14.02 3.61
CA GLU A 110 -1.23 -12.81 4.33
C GLU A 110 -0.18 -11.70 4.27
N VAL A 111 -0.59 -10.51 3.89
CA VAL A 111 0.39 -9.39 3.81
C VAL A 111 -0.25 -8.08 4.26
N LYS A 112 0.51 -7.24 4.92
CA LYS A 112 -0.04 -5.93 5.39
C LYS A 112 0.60 -4.79 4.60
N ILE A 113 -0.17 -3.82 4.19
CA ILE A 113 0.40 -2.68 3.41
C ILE A 113 -0.51 -1.46 3.46
N VAL A 114 0.05 -0.29 3.50
CA VAL A 114 -0.79 0.95 3.54
C VAL A 114 -0.90 1.52 2.12
N TYR A 115 -2.07 1.97 1.74
CA TYR A 115 -2.24 2.52 0.37
C TYR A 115 -2.19 4.06 0.41
N ASN A 116 -1.88 4.68 -0.71
CA ASN A 116 -1.81 6.17 -0.75
C ASN A 116 -0.54 6.65 -0.03
N ALA A 117 0.60 6.16 -0.42
CA ALA A 117 1.86 6.59 0.24
C ALA A 117 2.18 8.05 -0.13
N HIS A 119 0.94 10.45 0.47
CA HIS A 119 0.69 11.30 1.66
C HIS A 119 1.99 11.50 2.45
N LEU A 120 2.92 10.60 2.29
CA LEU A 120 4.21 10.73 3.04
C LEU A 120 4.67 12.19 3.05
N ASP A 121 5.14 12.66 4.17
CA ASP A 121 5.60 14.08 4.25
C ASP A 121 6.80 14.31 3.33
N TYR A 122 7.49 13.26 2.97
CA TYR A 122 8.67 13.44 2.07
C TYR A 122 8.22 13.83 0.66
N LEU A 123 7.04 13.44 0.27
CA LEU A 123 6.55 13.80 -1.09
C LEU A 123 5.65 15.03 -1.02
N GLN A 124 4.89 15.17 0.03
CA GLN A 124 3.99 16.35 0.14
C GLN A 124 4.70 17.63 -0.29
N ASN A 125 6.00 17.68 -0.14
CA ASN A 125 6.76 18.90 -0.54
C ASN A 125 6.67 19.12 -2.05
N ARG A 126 6.33 18.10 -2.79
CA ARG A 126 6.23 18.26 -4.28
C ARG A 126 5.08 19.19 -4.64
N VAL A 127 4.17 19.42 -3.74
CA VAL A 127 3.03 20.33 -4.04
C VAL A 127 3.53 21.64 -4.64
N ILE A 128 2.94 22.09 -5.70
CA ILE A 128 3.38 23.37 -6.34
C ILE A 128 2.63 24.56 -5.73
N PRO A 1 -3.60 -14.57 -2.40
CA PRO A 1 -3.26 -14.32 -0.98
C PRO A 1 -4.16 -13.23 -0.39
N THR A 2 -3.99 -12.92 0.87
CA THR A 2 -4.83 -11.87 1.49
C THR A 2 -3.97 -10.65 1.86
N VAL A 3 -4.40 -9.47 1.48
CA VAL A 3 -3.60 -8.26 1.82
C VAL A 3 -4.51 -7.16 2.38
N GLU A 4 -4.32 -6.79 3.61
CA GLU A 4 -5.17 -5.73 4.22
C GLU A 4 -4.61 -4.34 3.85
N TYR A 5 -5.37 -3.56 3.14
CA TYR A 5 -4.88 -2.20 2.76
C TYR A 5 -5.29 -1.16 3.81
N LEU A 6 -4.49 -0.15 4.00
CA LEU A 6 -4.84 0.90 5.00
C LEU A 6 -4.57 2.29 4.42
N ASN A 7 -5.43 3.23 4.69
CA ASN A 7 -5.23 4.61 4.14
C ASN A 7 -4.11 5.32 4.91
N TYR A 8 -3.07 5.73 4.24
CA TYR A 8 -1.98 6.45 4.94
C TYR A 8 -2.55 7.66 5.67
N GLU A 9 -3.57 8.26 5.11
CA GLU A 9 -4.19 9.44 5.78
C GLU A 9 -4.76 9.03 7.13
N THR A 10 -5.42 7.90 7.19
CA THR A 10 -6.00 7.44 8.48
C THR A 10 -4.89 7.32 9.54
N LEU A 11 -3.68 7.04 9.11
CA LEU A 11 -2.56 6.93 10.09
C LEU A 11 -2.30 8.28 10.74
N ASP A 12 -2.22 9.32 9.96
CA ASP A 12 -1.98 10.67 10.54
C ASP A 12 -3.26 11.19 11.19
N ASP A 13 -4.38 10.97 10.56
CA ASP A 13 -5.67 11.43 11.15
C ASP A 13 -5.81 10.91 12.59
N GLN A 14 -5.75 9.63 12.76
CA GLN A 14 -5.86 9.06 14.14
C GLN A 14 -4.58 9.32 14.92
N GLY A 15 -3.47 9.43 14.24
CA GLY A 15 -2.19 9.69 14.94
C GLY A 15 -1.72 8.41 15.65
N TRP A 16 -1.88 7.28 15.02
CA TRP A 16 -1.44 6.01 15.66
C TRP A 16 -0.05 5.62 15.15
N ASP A 17 0.41 4.44 15.49
CA ASP A 17 1.75 4.00 15.01
C ASP A 17 1.65 3.30 13.67
N MET A 18 2.76 2.95 13.07
CA MET A 18 2.72 2.26 11.75
C MET A 18 2.28 0.81 11.92
N ASP A 19 2.78 0.13 12.92
CA ASP A 19 2.40 -1.29 13.13
C ASP A 19 2.46 -1.67 14.61
N ASP A 20 2.61 -0.71 15.48
CA ASP A 20 2.68 -1.03 16.93
C ASP A 20 1.26 -1.25 17.48
N ASP A 21 0.37 -0.33 17.24
CA ASP A 21 -1.02 -0.48 17.73
C ASP A 21 -1.81 -1.42 16.81
N ASP A 22 -1.15 -2.01 15.85
CA ASP A 22 -1.85 -2.94 14.92
C ASP A 22 -3.11 -2.27 14.37
N LEU A 23 -2.98 -1.07 13.86
CA LEU A 23 -4.16 -0.36 13.31
C LEU A 23 -5.01 -1.31 12.46
N PHE A 24 -4.38 -2.14 11.68
CA PHE A 24 -5.15 -3.09 10.83
C PHE A 24 -6.11 -3.90 11.70
N GLU A 25 -5.80 -4.03 12.97
CA GLU A 25 -6.69 -4.81 13.87
C GLU A 25 -7.59 -3.85 14.67
N LYS A 26 -7.03 -2.79 15.19
CA LYS A 26 -7.86 -1.83 15.98
C LYS A 26 -8.78 -1.04 15.04
N ALA A 27 -8.37 -0.85 13.82
CA ALA A 27 -9.22 -0.09 12.86
C ALA A 27 -10.60 -0.73 12.75
N ALA A 28 -10.70 -1.99 13.10
CA ALA A 28 -12.03 -2.68 13.01
C ALA A 28 -12.96 -2.14 14.10
N ASP A 29 -12.41 -1.69 15.19
CA ASP A 29 -13.27 -1.15 16.29
C ASP A 29 -13.78 0.25 15.93
N ALA A 30 -13.11 0.92 15.03
CA ALA A 30 -13.56 2.27 14.62
C ALA A 30 -14.54 2.19 13.46
N GLY A 31 -14.11 1.69 12.35
CA GLY A 31 -15.02 1.57 11.17
C GLY A 31 -14.60 2.56 10.08
N LEU A 32 -13.36 2.47 9.63
CA LEU A 32 -12.89 3.41 8.58
C LEU A 32 -13.52 3.06 7.23
N ASP A 33 -13.47 3.95 6.29
CA ASP A 33 -14.07 3.67 4.95
C ASP A 33 -13.40 2.45 4.32
N GLY A 34 -14.13 1.69 3.56
CA GLY A 34 -13.54 0.48 2.92
C GLY A 34 -12.42 0.90 1.97
N GLU A 35 -12.52 2.08 1.41
CA GLU A 35 -11.46 2.54 0.47
C GLU A 35 -10.20 2.93 1.25
N ASP A 36 -10.23 2.82 2.55
CA ASP A 36 -9.03 3.19 3.37
C ASP A 36 -8.52 1.96 4.12
N TYR A 37 -9.38 1.27 4.83
CA TYR A 37 -8.93 0.07 5.59
C TYR A 37 -9.83 -1.12 5.27
N GLY A 38 -9.26 -2.26 5.02
CA GLY A 38 -10.08 -3.46 4.70
C GLY A 38 -9.17 -4.58 4.18
N THR A 39 -9.68 -5.78 4.10
CA THR A 39 -8.85 -6.91 3.60
C THR A 39 -8.90 -6.98 2.06
N MET A 40 -7.76 -7.01 1.43
CA MET A 40 -7.75 -7.07 -0.07
C MET A 40 -7.47 -8.51 -0.54
N GLU A 41 -8.48 -9.33 -0.57
CA GLU A 41 -8.27 -10.73 -1.03
C GLU A 41 -8.12 -10.78 -2.55
N VAL A 42 -6.95 -11.07 -3.04
CA VAL A 42 -6.75 -11.13 -4.52
C VAL A 42 -5.99 -12.40 -4.91
N ALA A 43 -6.03 -12.77 -6.16
CA ALA A 43 -5.32 -13.99 -6.59
C ALA A 43 -3.80 -13.77 -6.56
N GLU A 44 -3.05 -14.80 -6.33
CA GLU A 44 -1.56 -14.66 -6.28
C GLU A 44 -1.04 -14.14 -7.63
N GLY A 45 -0.45 -12.97 -7.64
CA GLY A 45 0.07 -12.42 -8.92
C GLY A 45 -0.91 -11.40 -9.48
N GLU A 46 -1.92 -11.06 -8.72
CA GLU A 46 -2.92 -10.06 -9.21
C GLU A 46 -2.46 -8.64 -8.86
N TYR A 47 -2.10 -7.87 -9.86
CA TYR A 47 -1.64 -6.48 -9.60
C TYR A 47 -2.56 -5.81 -8.59
N ILE A 48 -2.06 -5.49 -7.42
CA ILE A 48 -2.90 -4.82 -6.39
C ILE A 48 -3.81 -3.77 -7.03
N LEU A 49 -3.24 -2.67 -7.46
CA LEU A 49 -4.08 -1.61 -8.09
C LEU A 49 -5.12 -2.23 -9.02
N GLU A 50 -4.76 -3.27 -9.71
CA GLU A 50 -5.74 -3.93 -10.63
C GLU A 50 -6.73 -4.78 -9.82
N ALA A 51 -6.22 -5.64 -8.98
CA ALA A 51 -7.13 -6.50 -8.16
C ALA A 51 -8.11 -5.62 -7.38
N ALA A 52 -7.63 -4.53 -6.86
CA ALA A 52 -8.52 -3.61 -6.08
C ALA A 52 -9.35 -2.74 -7.04
N GLU A 53 -8.85 -2.49 -8.22
CA GLU A 53 -9.60 -1.65 -9.19
C GLU A 53 -10.92 -2.35 -9.58
N ALA A 54 -10.92 -3.65 -9.58
CA ALA A 54 -12.16 -4.40 -9.95
C ALA A 54 -13.17 -4.35 -8.80
N GLN A 55 -12.73 -4.02 -7.62
CA GLN A 55 -13.68 -3.97 -6.46
C GLN A 55 -14.23 -2.55 -6.27
N GLY A 56 -13.53 -1.56 -6.77
CA GLY A 56 -14.02 -0.16 -6.62
C GLY A 56 -13.09 0.61 -5.69
N TYR A 57 -11.91 0.12 -5.46
CA TYR A 57 -10.96 0.84 -4.56
C TYR A 57 -10.33 2.03 -5.30
N ASP A 58 -9.34 2.64 -4.72
CA ASP A 58 -8.70 3.81 -5.40
C ASP A 58 -7.20 3.86 -5.08
N TRP A 59 -6.38 4.02 -6.08
CA TRP A 59 -4.91 4.08 -5.84
C TRP A 59 -4.28 5.17 -6.72
N PRO A 60 -3.36 5.90 -6.14
CA PRO A 60 -2.67 6.97 -6.89
C PRO A 60 -1.72 6.37 -7.93
N PHE A 61 -1.69 6.93 -9.10
CA PHE A 61 -0.78 6.40 -10.16
C PHE A 61 -0.67 7.40 -11.31
N SER A 62 0.44 7.39 -12.00
CA SER A 62 0.61 8.35 -13.13
C SER A 62 1.33 7.65 -14.29
N CYS A 63 2.50 7.15 -14.06
CA CYS A 63 3.25 6.48 -15.15
C CYS A 63 2.61 5.11 -15.50
N ARG A 64 2.15 4.38 -14.51
CA ARG A 64 1.49 3.06 -14.80
C ARG A 64 2.44 2.09 -15.53
N ALA A 65 3.71 2.20 -15.30
CA ALA A 65 4.68 1.28 -15.96
C ALA A 65 5.76 0.84 -14.97
N GLY A 66 5.66 1.25 -13.73
CA GLY A 66 6.69 0.85 -12.72
C GLY A 66 7.94 1.72 -12.86
N ALA A 67 7.77 3.00 -13.13
CA ALA A 67 8.96 3.88 -13.29
C ALA A 67 8.84 5.14 -12.42
N CYS A 68 7.83 5.24 -11.59
CA CYS A 68 7.71 6.46 -10.72
C CYS A 68 7.26 6.05 -9.30
N ALA A 69 7.03 7.01 -8.44
CA ALA A 69 6.62 6.66 -7.05
C ALA A 69 5.27 7.30 -6.68
N ASN A 70 4.59 7.87 -7.65
CA ASN A 70 3.27 8.50 -7.35
C ASN A 70 2.33 7.47 -6.73
N CYS A 71 2.37 6.25 -7.20
CA CYS A 71 1.47 5.20 -6.63
C CYS A 71 2.17 4.50 -5.44
N ALA A 72 3.24 5.09 -4.97
CA ALA A 72 3.98 4.47 -3.83
C ALA A 72 3.03 4.08 -2.69
N SER A 73 3.40 3.06 -1.95
CA SER A 73 2.56 2.61 -0.81
C SER A 73 3.45 2.37 0.42
N ILE A 74 2.94 1.73 1.43
CA ILE A 74 3.77 1.47 2.64
C ILE A 74 3.39 0.11 3.25
N VAL A 75 3.93 -0.95 2.73
CA VAL A 75 3.61 -2.30 3.28
C VAL A 75 3.81 -2.31 4.80
N LYS A 76 2.82 -2.72 5.55
CA LYS A 76 2.98 -2.75 7.03
C LYS A 76 3.56 -4.10 7.46
N GLU A 77 3.62 -5.04 6.56
CA GLU A 77 4.17 -6.38 6.91
C GLU A 77 3.91 -7.38 5.78
N GLY A 78 4.82 -8.30 5.57
CA GLY A 78 4.62 -9.31 4.48
C GLY A 78 5.66 -9.07 3.38
N GLU A 79 5.41 -9.57 2.20
CA GLU A 79 6.40 -9.37 1.10
C GLU A 79 5.66 -9.20 -0.24
N ILE A 80 5.99 -8.18 -0.98
CA ILE A 80 5.32 -7.96 -2.29
C ILE A 80 6.32 -8.21 -3.43
N ASP A 81 5.88 -8.80 -4.51
CA ASP A 81 6.80 -9.06 -5.64
C ASP A 81 6.44 -8.17 -6.84
N MET A 82 7.40 -7.87 -7.68
CA MET A 82 7.11 -7.02 -8.86
C MET A 82 8.28 -7.07 -9.85
N ASP A 83 8.09 -6.58 -11.04
CA ASP A 83 9.20 -6.61 -12.05
C ASP A 83 10.39 -5.80 -11.54
N MET A 84 11.58 -6.32 -11.68
CA MET A 84 12.78 -5.58 -11.21
C MET A 84 12.91 -4.25 -11.96
N GLN A 85 13.74 -3.37 -11.48
CA GLN A 85 13.91 -2.05 -12.16
C GLN A 85 14.93 -1.20 -11.39
N GLN A 86 14.74 0.10 -11.40
CA GLN A 86 15.70 0.98 -10.67
C GLN A 86 14.96 2.19 -10.08
N ILE A 87 13.74 2.00 -9.66
CA ILE A 87 12.97 3.14 -9.08
C ILE A 87 13.20 3.23 -7.57
N LEU A 88 13.55 2.14 -6.95
CA LEU A 88 13.80 2.16 -5.48
C LEU A 88 14.87 1.15 -5.10
N SER A 89 15.27 1.12 -3.86
CA SER A 89 16.32 0.16 -3.42
C SER A 89 15.76 -0.81 -2.39
N ASP A 90 16.34 -1.98 -2.27
CA ASP A 90 15.84 -2.97 -1.29
C ASP A 90 15.62 -2.30 0.07
N GLU A 91 16.47 -1.40 0.44
CA GLU A 91 16.31 -0.70 1.76
C GLU A 91 14.98 0.06 1.80
N GLU A 92 14.59 0.64 0.69
CA GLU A 92 13.31 1.39 0.66
C GLU A 92 12.14 0.45 1.01
N VAL A 93 12.24 -0.79 0.61
CA VAL A 93 11.14 -1.75 0.90
C VAL A 93 11.20 -2.18 2.37
N GLU A 94 12.37 -2.32 2.92
CA GLU A 94 12.49 -2.73 4.35
C GLU A 94 12.41 -1.50 5.25
N GLU A 95 12.89 -0.38 4.79
CA GLU A 95 12.84 0.86 5.62
C GLU A 95 11.64 1.73 5.24
N LYS A 96 11.38 1.87 3.96
CA LYS A 96 10.24 2.71 3.53
C LYS A 96 9.00 1.85 3.26
N ASP A 97 9.14 0.55 3.29
CA ASP A 97 7.96 -0.32 3.04
C ASP A 97 7.21 0.16 1.80
N VAL A 98 7.89 0.84 0.91
CA VAL A 98 7.20 1.35 -0.30
C VAL A 98 7.42 0.41 -1.50
N ARG A 99 6.43 0.28 -2.34
CA ARG A 99 6.57 -0.62 -3.53
C ARG A 99 5.76 -0.05 -4.69
N LEU A 100 5.46 -0.85 -5.67
CA LEU A 100 4.66 -0.34 -6.83
C LEU A 100 3.29 -1.02 -6.86
N THR A 101 2.23 -0.26 -6.68
CA THR A 101 0.87 -0.86 -6.70
C THR A 101 0.39 -1.02 -8.14
N CYS A 102 0.90 -0.22 -9.04
CA CYS A 102 0.47 -0.33 -10.46
C CYS A 102 1.13 -1.54 -11.14
N ILE A 103 2.30 -1.91 -10.69
CA ILE A 103 3.00 -3.07 -11.30
C ILE A 103 3.55 -4.00 -10.22
N GLY A 104 2.86 -4.12 -9.12
CA GLY A 104 3.36 -5.02 -8.02
C GLY A 104 2.25 -5.99 -7.61
N SER A 105 2.62 -7.15 -7.15
CA SER A 105 1.60 -8.15 -6.71
C SER A 105 2.02 -8.77 -5.37
N PRO A 106 1.04 -9.15 -4.60
CA PRO A 106 1.31 -9.77 -3.28
C PRO A 106 1.85 -11.19 -3.43
N ALA A 107 2.95 -11.49 -2.81
CA ALA A 107 3.52 -12.86 -2.92
C ALA A 107 3.33 -13.63 -1.61
N ALA A 108 3.21 -12.93 -0.51
CA ALA A 108 3.02 -13.62 0.79
C ALA A 108 1.53 -13.82 1.08
N ASP A 109 1.16 -14.95 1.62
CA ASP A 109 -0.28 -15.19 1.92
C ASP A 109 -0.86 -14.01 2.70
N GLU A 110 -0.43 -13.82 3.92
CA GLU A 110 -0.96 -12.69 4.73
C GLU A 110 0.00 -11.49 4.63
N VAL A 111 -0.49 -10.36 4.17
CA VAL A 111 0.40 -9.17 4.06
C VAL A 111 -0.38 -7.89 4.35
N LYS A 112 0.26 -6.91 4.93
CA LYS A 112 -0.45 -5.64 5.24
C LYS A 112 0.26 -4.47 4.56
N ILE A 113 -0.48 -3.50 4.10
CA ILE A 113 0.14 -2.32 3.43
C ILE A 113 -0.81 -1.13 3.43
N VAL A 114 -0.29 0.05 3.34
CA VAL A 114 -1.16 1.26 3.33
C VAL A 114 -1.22 1.86 1.92
N TYR A 115 -2.40 2.07 1.40
CA TYR A 115 -2.52 2.64 0.03
C TYR A 115 -2.54 4.17 0.09
N ASN A 116 -2.15 4.82 -0.97
CA ASN A 116 -2.13 6.32 -0.99
C ASN A 116 -0.96 6.85 -0.16
N ALA A 117 0.24 6.43 -0.46
CA ALA A 117 1.41 6.91 0.31
C ALA A 117 1.90 8.26 -0.23
N HIS A 119 0.65 10.77 -0.23
CA HIS A 119 0.21 11.84 0.70
C HIS A 119 1.35 12.20 1.66
N LEU A 120 2.21 11.27 1.95
CA LEU A 120 3.34 11.57 2.88
C LEU A 120 4.02 12.88 2.49
N ASP A 121 4.13 13.80 3.40
CA ASP A 121 4.78 15.11 3.09
C ASP A 121 6.24 14.89 2.67
N TYR A 122 6.87 13.88 3.20
CA TYR A 122 8.29 13.61 2.83
C TYR A 122 8.40 13.30 1.34
N LEU A 123 7.31 12.96 0.71
CA LEU A 123 7.36 12.65 -0.75
C LEU A 123 6.76 13.79 -1.56
N GLN A 124 5.84 14.53 -0.98
CA GLN A 124 5.21 15.66 -1.72
C GLN A 124 6.27 16.70 -2.08
N ASN A 125 7.35 16.75 -1.34
CA ASN A 125 8.42 17.75 -1.64
C ASN A 125 9.03 17.47 -3.01
N ARG A 126 8.87 16.28 -3.52
CA ARG A 126 9.44 15.95 -4.86
C ARG A 126 8.40 16.18 -5.96
N VAL A 127 7.41 16.98 -5.69
CA VAL A 127 6.36 17.24 -6.71
C VAL A 127 6.92 18.14 -7.83
N ILE A 128 6.52 17.91 -9.04
CA ILE A 128 7.04 18.75 -10.17
C ILE A 128 8.57 18.79 -10.14
N PRO A 1 -3.75 -16.07 -0.88
CA PRO A 1 -3.29 -14.73 -1.33
C PRO A 1 -4.16 -13.64 -0.70
N THR A 2 -4.04 -13.44 0.59
CA THR A 2 -4.85 -12.40 1.27
C THR A 2 -3.95 -11.28 1.79
N VAL A 3 -4.41 -10.06 1.70
CA VAL A 3 -3.59 -8.91 2.18
C VAL A 3 -4.49 -7.88 2.88
N GLU A 4 -3.90 -6.86 3.46
CA GLU A 4 -4.72 -5.84 4.16
C GLU A 4 -4.23 -4.43 3.79
N TYR A 5 -5.07 -3.63 3.22
CA TYR A 5 -4.64 -2.25 2.84
C TYR A 5 -5.11 -1.23 3.88
N LEU A 6 -4.35 -0.18 4.08
CA LEU A 6 -4.73 0.85 5.08
C LEU A 6 -4.45 2.25 4.52
N ASN A 7 -5.27 3.22 4.86
CA ASN A 7 -5.04 4.60 4.34
C ASN A 7 -3.89 5.27 5.10
N TYR A 8 -2.80 5.52 4.44
CA TYR A 8 -1.64 6.18 5.12
C TYR A 8 -2.08 7.51 5.71
N GLU A 9 -3.06 8.14 5.12
CA GLU A 9 -3.53 9.45 5.65
C GLU A 9 -4.21 9.25 7.01
N THR A 10 -4.99 8.21 7.15
CA THR A 10 -5.66 7.96 8.45
C THR A 10 -4.63 7.70 9.54
N LEU A 11 -3.57 6.99 9.22
CA LEU A 11 -2.52 6.72 10.23
C LEU A 11 -1.81 8.01 10.60
N ASP A 12 -1.65 8.90 9.65
CA ASP A 12 -0.96 10.20 9.95
C ASP A 12 -1.94 11.15 10.65
N ASP A 13 -3.09 11.34 10.07
CA ASP A 13 -4.09 12.25 10.69
C ASP A 13 -4.33 11.85 12.15
N GLN A 14 -4.68 10.61 12.38
CA GLN A 14 -4.92 10.16 13.78
C GLN A 14 -3.61 10.14 14.57
N GLY A 15 -2.50 9.91 13.90
CA GLY A 15 -1.20 9.88 14.61
C GLY A 15 -1.11 8.63 15.48
N TRP A 16 -1.30 7.48 14.89
CA TRP A 16 -1.23 6.22 15.68
C TRP A 16 -0.02 5.39 15.27
N ASP A 17 0.19 4.27 15.90
CA ASP A 17 1.36 3.41 15.54
C ASP A 17 0.87 2.13 14.87
N MET A 18 1.51 1.72 13.81
CA MET A 18 1.08 0.48 13.10
C MET A 18 1.31 -0.74 14.00
N ASP A 19 2.23 -0.65 14.91
CA ASP A 19 2.50 -1.82 15.81
C ASP A 19 1.78 -1.64 17.14
N ASP A 20 1.79 -0.46 17.69
CA ASP A 20 1.10 -0.23 18.99
C ASP A 20 -0.41 -0.11 18.78
N ASP A 21 -0.83 0.82 17.97
CA ASP A 21 -2.30 0.99 17.74
C ASP A 21 -2.82 -0.11 16.81
N ASP A 22 -1.97 -0.72 16.04
CA ASP A 22 -2.44 -1.79 15.11
C ASP A 22 -3.63 -1.29 14.31
N LEU A 23 -3.50 -0.16 13.66
CA LEU A 23 -4.63 0.38 12.85
C LEU A 23 -5.23 -0.72 11.97
N PHE A 24 -4.43 -1.66 11.53
CA PHE A 24 -4.96 -2.75 10.67
C PHE A 24 -6.01 -3.56 11.44
N GLU A 25 -6.11 -3.35 12.72
CA GLU A 25 -7.11 -4.11 13.53
C GLU A 25 -8.10 -3.15 14.18
N LYS A 26 -7.61 -2.08 14.76
CA LYS A 26 -8.52 -1.10 15.42
C LYS A 26 -9.44 -0.45 14.37
N ALA A 27 -8.99 -0.34 13.16
CA ALA A 27 -9.82 0.29 12.10
C ALA A 27 -11.13 -0.49 11.95
N ALA A 28 -11.20 -1.67 12.48
CA ALA A 28 -12.45 -2.48 12.37
C ALA A 28 -13.50 -1.99 13.37
N ASP A 29 -13.06 -1.31 14.40
CA ASP A 29 -14.03 -0.81 15.42
C ASP A 29 -14.24 0.69 15.27
N ALA A 30 -13.55 1.30 14.35
CA ALA A 30 -13.71 2.78 14.14
C ALA A 30 -14.84 3.05 13.14
N GLY A 31 -14.88 2.33 12.06
CA GLY A 31 -15.95 2.55 11.06
C GLY A 31 -15.39 3.38 9.90
N LEU A 32 -14.21 3.07 9.44
CA LEU A 32 -13.62 3.84 8.32
C LEU A 32 -14.15 3.32 6.98
N ASP A 33 -13.79 3.95 5.89
CA ASP A 33 -14.27 3.48 4.57
C ASP A 33 -13.48 2.25 4.11
N GLY A 34 -13.92 1.58 3.09
CA GLY A 34 -13.18 0.39 2.60
C GLY A 34 -11.97 0.82 1.76
N GLU A 35 -12.09 1.93 1.09
CA GLU A 35 -10.95 2.42 0.26
C GLU A 35 -9.77 2.83 1.14
N ASP A 36 -9.98 2.92 2.43
CA ASP A 36 -8.87 3.31 3.34
C ASP A 36 -8.39 2.10 4.14
N TYR A 37 -9.31 1.32 4.65
CA TYR A 37 -8.89 0.11 5.44
C TYR A 37 -9.74 -1.09 5.04
N GLY A 38 -9.12 -2.23 4.89
CA GLY A 38 -9.88 -3.45 4.49
C GLY A 38 -8.91 -4.57 4.12
N THR A 39 -9.42 -5.68 3.67
CA THR A 39 -8.52 -6.81 3.30
C THR A 39 -8.40 -6.93 1.78
N MET A 40 -7.20 -7.00 1.27
CA MET A 40 -7.02 -7.12 -0.20
C MET A 40 -6.83 -8.58 -0.61
N GLU A 41 -7.46 -9.00 -1.67
CA GLU A 41 -7.31 -10.42 -2.11
C GLU A 41 -6.81 -10.46 -3.56
N VAL A 42 -5.66 -11.02 -3.79
CA VAL A 42 -5.12 -11.10 -5.18
C VAL A 42 -4.02 -12.17 -5.26
N ALA A 43 -4.09 -13.02 -6.24
CA ALA A 43 -3.06 -14.09 -6.39
C ALA A 43 -1.74 -13.50 -6.89
N GLU A 44 -0.69 -14.28 -6.89
CA GLU A 44 0.62 -13.76 -7.37
C GLU A 44 0.56 -13.50 -8.89
N GLY A 45 0.83 -12.30 -9.31
CA GLY A 45 0.78 -11.99 -10.77
C GLY A 45 -0.31 -10.97 -11.02
N GLU A 46 -1.18 -10.75 -10.08
CA GLU A 46 -2.28 -9.77 -10.27
C GLU A 46 -1.95 -8.45 -9.53
N TYR A 47 -1.65 -7.41 -10.25
CA TYR A 47 -1.32 -6.11 -9.59
C TYR A 47 -2.42 -5.75 -8.58
N ILE A 48 -2.05 -5.54 -7.35
CA ILE A 48 -3.07 -5.18 -6.32
C ILE A 48 -4.02 -4.11 -6.86
N LEU A 49 -3.49 -3.06 -7.42
CA LEU A 49 -4.37 -1.99 -7.97
C LEU A 49 -5.53 -2.61 -8.76
N GLU A 50 -5.23 -3.49 -9.67
CA GLU A 50 -6.31 -4.14 -10.47
C GLU A 50 -7.20 -5.00 -9.57
N ALA A 51 -6.60 -5.78 -8.71
CA ALA A 51 -7.41 -6.66 -7.81
C ALA A 51 -8.42 -5.81 -7.03
N ALA A 52 -7.93 -4.81 -6.34
CA ALA A 52 -8.86 -3.95 -5.54
C ALA A 52 -9.69 -3.06 -6.47
N GLU A 53 -9.18 -2.75 -7.63
CA GLU A 53 -9.97 -1.89 -8.58
C GLU A 53 -11.27 -2.60 -8.96
N ALA A 54 -11.26 -3.90 -8.96
CA ALA A 54 -12.51 -4.65 -9.31
C ALA A 54 -13.49 -4.62 -8.14
N GLN A 55 -13.06 -4.12 -7.01
CA GLN A 55 -13.96 -4.08 -5.83
C GLN A 55 -14.46 -2.65 -5.62
N GLY A 56 -13.67 -1.67 -5.96
CA GLY A 56 -14.10 -0.25 -5.78
C GLY A 56 -13.00 0.53 -5.07
N TYR A 57 -11.90 -0.10 -4.77
CA TYR A 57 -10.79 0.61 -4.08
C TYR A 57 -10.05 1.53 -5.07
N ASP A 58 -9.72 2.72 -4.65
CA ASP A 58 -9.00 3.65 -5.58
C ASP A 58 -7.55 3.85 -5.13
N TRP A 59 -6.63 3.84 -6.07
CA TRP A 59 -5.20 4.04 -5.70
C TRP A 59 -4.58 5.10 -6.61
N PRO A 60 -3.70 5.88 -6.04
CA PRO A 60 -3.03 6.95 -6.81
C PRO A 60 -2.02 6.34 -7.79
N PHE A 61 -2.02 6.79 -9.02
CA PHE A 61 -1.07 6.23 -10.02
C PHE A 61 -0.89 7.21 -11.17
N SER A 62 0.25 7.22 -11.79
CA SER A 62 0.50 8.14 -12.92
C SER A 62 1.20 7.43 -14.07
N CYS A 63 2.36 6.88 -13.81
CA CYS A 63 3.11 6.17 -14.89
C CYS A 63 2.48 4.79 -15.17
N ARG A 64 2.02 4.10 -14.16
CA ARG A 64 1.38 2.76 -14.37
C ARG A 64 2.30 1.80 -15.12
N ALA A 65 3.59 1.93 -14.94
CA ALA A 65 4.54 1.01 -15.63
C ALA A 65 5.67 0.60 -14.67
N GLY A 66 5.60 1.03 -13.43
CA GLY A 66 6.65 0.65 -12.46
C GLY A 66 7.89 1.55 -12.64
N ALA A 67 7.70 2.82 -12.91
CA ALA A 67 8.87 3.72 -13.10
C ALA A 67 8.77 4.98 -12.22
N CYS A 68 7.79 5.06 -11.36
CA CYS A 68 7.68 6.27 -10.49
C CYS A 68 7.24 5.86 -9.07
N ALA A 69 6.98 6.81 -8.20
CA ALA A 69 6.57 6.45 -6.81
C ALA A 69 5.22 7.08 -6.44
N ASN A 70 4.52 7.64 -7.38
CA ASN A 70 3.22 8.28 -7.05
C ASN A 70 2.28 7.26 -6.40
N CYS A 71 2.30 6.03 -6.85
CA CYS A 71 1.42 4.99 -6.25
C CYS A 71 2.14 4.32 -5.07
N ALA A 72 3.23 4.88 -4.63
CA ALA A 72 3.99 4.28 -3.50
C ALA A 72 3.05 3.82 -2.38
N SER A 73 3.50 2.88 -1.60
CA SER A 73 2.66 2.36 -0.47
C SER A 73 3.56 2.12 0.75
N ILE A 74 3.09 1.35 1.70
CA ILE A 74 3.91 1.08 2.90
C ILE A 74 3.59 -0.31 3.47
N VAL A 75 4.09 -1.34 2.85
CA VAL A 75 3.80 -2.72 3.34
C VAL A 75 4.05 -2.80 4.85
N LYS A 76 3.04 -3.13 5.61
CA LYS A 76 3.23 -3.23 7.09
C LYS A 76 3.70 -4.63 7.47
N GLU A 77 3.65 -5.55 6.55
CA GLU A 77 4.09 -6.94 6.87
C GLU A 77 3.86 -7.85 5.67
N GLY A 78 4.73 -8.81 5.45
CA GLY A 78 4.56 -9.73 4.30
C GLY A 78 5.53 -9.34 3.19
N GLU A 79 5.42 -9.95 2.03
CA GLU A 79 6.34 -9.62 0.91
C GLU A 79 5.54 -9.42 -0.39
N ILE A 80 6.10 -8.74 -1.34
CA ILE A 80 5.37 -8.52 -2.62
C ILE A 80 6.32 -8.65 -3.81
N ASP A 81 5.89 -9.27 -4.87
CA ASP A 81 6.78 -9.42 -6.06
C ASP A 81 6.62 -8.23 -7.00
N MET A 82 7.57 -8.03 -7.88
CA MET A 82 7.46 -6.88 -8.83
C MET A 82 8.28 -7.15 -10.09
N ASP A 83 7.71 -6.95 -11.24
CA ASP A 83 8.46 -7.20 -12.51
C ASP A 83 9.84 -6.54 -12.45
N MET A 84 10.64 -6.73 -13.46
CA MET A 84 11.99 -6.12 -13.47
C MET A 84 11.90 -4.62 -13.76
N GLN A 85 11.63 -3.84 -12.76
CA GLN A 85 11.51 -2.36 -12.96
C GLN A 85 11.07 -1.69 -11.66
N GLN A 86 11.96 -0.96 -11.03
CA GLN A 86 11.59 -0.29 -9.76
C GLN A 86 12.40 1.01 -9.58
N ILE A 87 11.73 2.13 -9.52
CA ILE A 87 12.46 3.41 -9.33
C ILE A 87 12.96 3.52 -7.89
N LEU A 88 12.33 2.81 -6.99
CA LEU A 88 12.77 2.86 -5.57
C LEU A 88 13.99 1.95 -5.35
N SER A 89 14.44 1.84 -4.12
CA SER A 89 15.62 0.97 -3.85
C SER A 89 15.29 -0.03 -2.74
N ASP A 90 16.05 -1.08 -2.62
CA ASP A 90 15.79 -2.08 -1.54
C ASP A 90 15.73 -1.39 -0.18
N GLU A 91 16.61 -0.45 0.05
CA GLU A 91 16.60 0.28 1.35
C GLU A 91 15.22 0.89 1.60
N GLU A 92 14.57 1.32 0.54
CA GLU A 92 13.22 1.92 0.71
C GLU A 92 12.19 0.82 1.00
N VAL A 93 12.37 -0.34 0.42
CA VAL A 93 11.42 -1.46 0.66
C VAL A 93 11.72 -2.12 2.01
N GLU A 94 12.90 -1.90 2.54
CA GLU A 94 13.24 -2.52 3.85
C GLU A 94 13.16 -1.47 4.97
N GLU A 95 13.49 -0.24 4.68
CA GLU A 95 13.42 0.81 5.74
C GLU A 95 12.22 1.73 5.50
N LYS A 96 11.59 1.63 4.36
CA LYS A 96 10.41 2.50 4.08
C LYS A 96 9.17 1.65 3.83
N ASP A 97 9.35 0.38 3.56
CA ASP A 97 8.18 -0.50 3.31
C ASP A 97 7.40 -0.03 2.08
N VAL A 98 8.00 0.72 1.22
CA VAL A 98 7.28 1.20 0.02
C VAL A 98 7.39 0.19 -1.12
N ARG A 99 6.42 0.16 -1.99
CA ARG A 99 6.46 -0.81 -3.13
C ARG A 99 5.71 -0.25 -4.34
N LEU A 100 5.34 -1.08 -5.27
CA LEU A 100 4.61 -0.59 -6.47
C LEU A 100 3.18 -1.16 -6.48
N THR A 101 2.20 -0.32 -6.31
CA THR A 101 0.79 -0.80 -6.31
C THR A 101 0.27 -0.96 -7.75
N CYS A 102 0.80 -0.22 -8.68
CA CYS A 102 0.32 -0.33 -10.09
C CYS A 102 0.89 -1.59 -10.77
N ILE A 103 2.10 -1.95 -10.44
CA ILE A 103 2.70 -3.15 -11.07
C ILE A 103 3.36 -4.05 -10.00
N GLY A 104 2.79 -4.09 -8.84
CA GLY A 104 3.38 -4.94 -7.76
C GLY A 104 2.37 -6.00 -7.33
N SER A 105 2.81 -7.21 -7.11
CA SER A 105 1.87 -8.29 -6.69
C SER A 105 2.30 -8.88 -5.34
N PRO A 106 1.33 -9.19 -4.53
CA PRO A 106 1.61 -9.76 -3.19
C PRO A 106 2.05 -11.23 -3.31
N ALA A 107 3.00 -11.63 -2.51
CA ALA A 107 3.48 -13.04 -2.58
C ALA A 107 3.08 -13.80 -1.31
N ALA A 108 3.71 -13.49 -0.21
CA ALA A 108 3.37 -14.18 1.07
C ALA A 108 1.85 -14.31 1.22
N ASP A 109 1.39 -15.40 1.74
CA ASP A 109 -0.08 -15.58 1.92
C ASP A 109 -0.70 -14.33 2.54
N GLU A 110 -0.48 -14.12 3.81
CA GLU A 110 -1.06 -12.91 4.49
C GLU A 110 -0.07 -11.75 4.39
N VAL A 111 -0.54 -10.59 4.03
CA VAL A 111 0.37 -9.41 3.92
C VAL A 111 -0.36 -8.12 4.31
N LYS A 112 0.35 -7.17 4.85
CA LYS A 112 -0.29 -5.88 5.25
C LYS A 112 0.43 -4.71 4.56
N ILE A 113 -0.30 -3.72 4.14
CA ILE A 113 0.35 -2.55 3.47
C ILE A 113 -0.58 -1.34 3.51
N VAL A 114 -0.03 -0.16 3.51
CA VAL A 114 -0.89 1.06 3.54
C VAL A 114 -0.98 1.66 2.13
N TYR A 115 -2.15 2.01 1.69
CA TYR A 115 -2.28 2.59 0.32
C TYR A 115 -2.30 4.12 0.39
N ASN A 116 -2.04 4.77 -0.72
CA ASN A 116 -2.04 6.26 -0.73
C ASN A 116 -0.81 6.81 -0.01
N ALA A 117 0.36 6.32 -0.34
CA ALA A 117 1.59 6.82 0.34
C ALA A 117 1.92 8.23 -0.16
N HIS A 119 0.66 10.70 0.24
CA HIS A 119 0.42 11.69 1.34
C HIS A 119 1.69 11.87 2.18
N LEU A 120 2.58 10.91 2.14
CA LEU A 120 3.84 11.04 2.94
C LEU A 120 4.40 12.45 2.80
N ASP A 121 4.60 13.12 3.90
CA ASP A 121 5.14 14.51 3.84
C ASP A 121 6.54 14.51 3.21
N TYR A 122 7.29 13.46 3.43
CA TYR A 122 8.67 13.41 2.87
C TYR A 122 8.62 13.24 1.33
N LEU A 123 7.48 12.91 0.80
CA LEU A 123 7.38 12.74 -0.68
C LEU A 123 6.41 13.76 -1.29
N GLN A 124 5.41 14.15 -0.55
CA GLN A 124 4.43 15.14 -1.09
C GLN A 124 5.16 16.42 -1.50
N ASN A 125 6.20 16.76 -0.81
CA ASN A 125 6.96 18.01 -1.15
C ASN A 125 7.64 17.85 -2.51
N ARG A 126 7.98 16.65 -2.88
CA ARG A 126 8.66 16.44 -4.18
C ARG A 126 7.78 16.95 -5.33
N VAL A 127 6.49 17.01 -5.12
CA VAL A 127 5.59 17.50 -6.20
C VAL A 127 5.88 18.98 -6.51
N ILE A 128 5.64 19.40 -7.72
CA ILE A 128 5.88 20.82 -8.08
C ILE A 128 4.69 21.69 -7.68
N PRO A 1 -3.51 -15.19 -0.49
CA PRO A 1 -3.16 -13.82 -0.94
C PRO A 1 -4.05 -12.79 -0.26
N THR A 2 -4.06 -12.76 1.04
CA THR A 2 -4.93 -11.77 1.76
C THR A 2 -4.11 -10.53 2.11
N VAL A 3 -4.32 -9.45 1.41
CA VAL A 3 -3.55 -8.21 1.70
C VAL A 3 -4.47 -7.14 2.29
N GLU A 4 -4.34 -6.85 3.55
CA GLU A 4 -5.22 -5.81 4.18
C GLU A 4 -4.66 -4.41 3.88
N TYR A 5 -5.43 -3.58 3.23
CA TYR A 5 -4.94 -2.21 2.91
C TYR A 5 -5.41 -1.20 3.97
N LEU A 6 -4.64 -0.17 4.18
CA LEU A 6 -5.02 0.86 5.19
C LEU A 6 -4.66 2.26 4.67
N ASN A 7 -5.61 3.16 4.65
CA ASN A 7 -5.32 4.52 4.14
C ASN A 7 -4.19 5.17 4.95
N TYR A 8 -3.14 5.57 4.29
CA TYR A 8 -2.00 6.21 5.01
C TYR A 8 -2.49 7.41 5.81
N GLU A 9 -3.66 7.90 5.50
CA GLU A 9 -4.21 9.07 6.24
C GLU A 9 -4.51 8.68 7.69
N THR A 10 -5.16 7.57 7.90
CA THR A 10 -5.48 7.16 9.29
C THR A 10 -4.18 6.97 10.08
N LEU A 11 -3.11 6.62 9.42
CA LEU A 11 -1.82 6.42 10.13
C LEU A 11 -1.26 7.77 10.58
N ASP A 12 -1.21 8.73 9.69
CA ASP A 12 -0.68 10.07 10.06
C ASP A 12 -1.76 10.88 10.79
N ASP A 13 -2.97 10.82 10.32
CA ASP A 13 -4.07 11.59 10.99
C ASP A 13 -4.13 11.22 12.47
N GLN A 14 -4.04 9.96 12.78
CA GLN A 14 -4.11 9.53 14.21
C GLN A 14 -2.70 9.57 14.84
N GLY A 15 -1.68 9.40 14.04
CA GLY A 15 -0.31 9.41 14.59
C GLY A 15 0.02 8.06 15.21
N TRP A 16 -0.43 6.99 14.61
CA TRP A 16 -0.16 5.63 15.17
C TRP A 16 1.17 5.09 14.63
N ASP A 17 1.55 3.91 15.04
CA ASP A 17 2.83 3.33 14.54
C ASP A 17 2.59 2.53 13.26
N MET A 18 3.58 1.82 12.80
CA MET A 18 3.42 1.02 11.55
C MET A 18 2.57 -0.23 11.83
N ASP A 19 2.97 -1.01 12.80
CA ASP A 19 2.19 -2.25 13.11
C ASP A 19 2.10 -2.45 14.63
N ASP A 20 2.52 -1.48 15.39
CA ASP A 20 2.47 -1.62 16.88
C ASP A 20 1.03 -1.41 17.38
N ASP A 21 0.37 -0.38 16.92
CA ASP A 21 -1.02 -0.12 17.37
C ASP A 21 -2.01 -1.01 16.60
N ASP A 22 -1.51 -1.91 15.80
CA ASP A 22 -2.42 -2.80 15.03
C ASP A 22 -3.49 -1.96 14.32
N LEU A 23 -3.08 -0.96 13.60
CA LEU A 23 -4.06 -0.09 12.89
C LEU A 23 -5.13 -0.95 12.20
N PHE A 24 -4.74 -2.01 11.55
CA PHE A 24 -5.73 -2.87 10.86
C PHE A 24 -6.79 -3.37 11.84
N GLU A 25 -6.44 -3.47 13.09
CA GLU A 25 -7.43 -3.95 14.10
C GLU A 25 -8.23 -2.77 14.68
N LYS A 26 -7.57 -1.70 15.01
CA LYS A 26 -8.29 -0.52 15.56
C LYS A 26 -9.24 0.06 14.53
N ALA A 27 -8.86 0.01 13.28
CA ALA A 27 -9.74 0.56 12.21
C ALA A 27 -11.08 -0.18 12.18
N ALA A 28 -11.09 -1.43 12.55
CA ALA A 28 -12.37 -2.20 12.54
C ALA A 28 -13.32 -1.63 13.59
N ASP A 29 -12.80 -1.11 14.66
CA ASP A 29 -13.67 -0.54 15.72
C ASP A 29 -14.04 0.91 15.37
N ALA A 30 -13.28 1.54 14.53
CA ALA A 30 -13.58 2.96 14.16
C ALA A 30 -14.64 2.99 13.04
N GLY A 31 -14.67 1.98 12.23
CA GLY A 31 -15.68 1.95 11.13
C GLY A 31 -15.25 2.91 10.02
N LEU A 32 -14.07 2.71 9.46
CA LEU A 32 -13.60 3.62 8.37
C LEU A 32 -14.21 3.21 7.03
N ASP A 33 -13.84 3.87 5.98
CA ASP A 33 -14.40 3.53 4.64
C ASP A 33 -13.70 2.27 4.09
N GLY A 34 -14.20 1.74 3.01
CA GLY A 34 -13.56 0.53 2.42
C GLY A 34 -12.38 0.94 1.55
N GLU A 35 -12.44 2.12 0.98
CA GLU A 35 -11.32 2.59 0.12
C GLU A 35 -10.12 2.99 0.98
N ASP A 36 -10.24 2.87 2.27
CA ASP A 36 -9.12 3.25 3.18
C ASP A 36 -8.64 2.03 3.97
N TYR A 37 -9.54 1.34 4.60
CA TYR A 37 -9.14 0.14 5.39
C TYR A 37 -10.01 -1.06 5.00
N GLY A 38 -9.42 -2.23 4.96
CA GLY A 38 -10.21 -3.44 4.59
C GLY A 38 -9.26 -4.55 4.12
N THR A 39 -9.78 -5.70 3.81
CA THR A 39 -8.90 -6.82 3.36
C THR A 39 -8.88 -6.89 1.83
N MET A 40 -7.72 -6.83 1.23
CA MET A 40 -7.64 -6.90 -0.26
C MET A 40 -7.40 -8.33 -0.71
N GLU A 41 -8.42 -9.15 -0.72
CA GLU A 41 -8.24 -10.56 -1.17
C GLU A 41 -8.07 -10.60 -2.68
N VAL A 42 -6.91 -11.01 -3.15
CA VAL A 42 -6.69 -11.07 -4.62
C VAL A 42 -6.04 -12.39 -5.01
N ALA A 43 -6.19 -12.80 -6.23
CA ALA A 43 -5.58 -14.09 -6.67
C ALA A 43 -4.05 -14.01 -6.53
N GLU A 44 -3.41 -15.13 -6.27
CA GLU A 44 -1.93 -15.12 -6.11
C GLU A 44 -1.27 -14.72 -7.43
N GLY A 45 -0.51 -13.65 -7.42
CA GLY A 45 0.16 -13.21 -8.68
C GLY A 45 -0.69 -12.15 -9.37
N GLU A 46 -1.67 -11.62 -8.68
CA GLU A 46 -2.54 -10.59 -9.30
C GLU A 46 -2.01 -9.18 -8.97
N TYR A 47 -2.03 -8.29 -9.92
CA TYR A 47 -1.54 -6.90 -9.66
C TYR A 47 -2.42 -6.21 -8.63
N ILE A 48 -1.86 -5.85 -7.50
CA ILE A 48 -2.67 -5.18 -6.45
C ILE A 48 -3.56 -4.09 -7.06
N LEU A 49 -2.97 -3.08 -7.63
CA LEU A 49 -3.79 -1.99 -8.25
C LEU A 49 -4.86 -2.58 -9.18
N GLU A 50 -4.52 -3.58 -9.94
CA GLU A 50 -5.53 -4.17 -10.87
C GLU A 50 -6.48 -5.09 -10.10
N ALA A 51 -5.98 -5.79 -9.12
CA ALA A 51 -6.87 -6.70 -8.33
C ALA A 51 -7.88 -5.86 -7.52
N ALA A 52 -7.41 -4.81 -6.91
CA ALA A 52 -8.33 -3.96 -6.11
C ALA A 52 -9.11 -3.02 -7.04
N GLU A 53 -8.56 -2.74 -8.19
CA GLU A 53 -9.26 -1.84 -9.15
C GLU A 53 -10.57 -2.50 -9.62
N ALA A 54 -10.52 -3.77 -9.90
CA ALA A 54 -11.74 -4.49 -10.35
C ALA A 54 -12.68 -4.73 -9.17
N GLN A 55 -12.27 -4.33 -7.99
CA GLN A 55 -13.14 -4.53 -6.80
C GLN A 55 -13.87 -3.23 -6.45
N GLY A 56 -13.32 -2.11 -6.84
CA GLY A 56 -13.98 -0.81 -6.53
C GLY A 56 -13.04 0.07 -5.71
N TYR A 57 -11.80 -0.34 -5.56
CA TYR A 57 -10.84 0.47 -4.77
C TYR A 57 -10.14 1.48 -5.68
N ASP A 58 -9.54 2.49 -5.11
CA ASP A 58 -8.83 3.51 -5.95
C ASP A 58 -7.40 3.70 -5.47
N TRP A 59 -6.46 3.77 -6.38
CA TRP A 59 -5.03 3.97 -5.98
C TRP A 59 -4.38 5.01 -6.88
N PRO A 60 -3.44 5.73 -6.32
CA PRO A 60 -2.72 6.77 -7.10
C PRO A 60 -1.77 6.11 -8.10
N PHE A 61 -1.78 6.56 -9.33
CA PHE A 61 -0.87 5.95 -10.34
C PHE A 61 -0.67 6.91 -11.51
N SER A 62 0.47 6.88 -12.12
CA SER A 62 0.74 7.79 -13.26
C SER A 62 1.59 7.11 -14.33
N CYS A 63 2.75 6.64 -13.98
CA CYS A 63 3.65 5.99 -14.97
C CYS A 63 3.18 4.55 -15.29
N ARG A 64 2.76 3.80 -14.30
CA ARG A 64 2.28 2.41 -14.55
C ARG A 64 3.33 1.55 -15.26
N ALA A 65 4.58 1.82 -15.02
CA ALA A 65 5.66 1.02 -15.66
C ALA A 65 6.78 0.72 -14.65
N GLY A 66 6.61 1.14 -13.42
CA GLY A 66 7.66 0.87 -12.39
C GLY A 66 8.78 1.92 -12.49
N ALA A 67 8.44 3.15 -12.76
CA ALA A 67 9.49 4.20 -12.89
C ALA A 67 9.19 5.43 -12.01
N CYS A 68 8.17 5.36 -11.18
CA CYS A 68 7.86 6.54 -10.32
C CYS A 68 7.37 6.08 -8.93
N ALA A 69 7.04 7.00 -8.06
CA ALA A 69 6.58 6.62 -6.69
C ALA A 69 5.20 7.21 -6.39
N ASN A 70 4.52 7.72 -7.39
CA ASN A 70 3.18 8.30 -7.15
C ASN A 70 2.25 7.26 -6.53
N CYS A 71 2.35 6.03 -6.97
CA CYS A 71 1.49 4.96 -6.41
C CYS A 71 2.18 4.33 -5.19
N ALA A 72 3.24 4.94 -4.73
CA ALA A 72 3.98 4.39 -3.56
C ALA A 72 3.01 3.89 -2.48
N SER A 73 3.45 2.95 -1.70
CA SER A 73 2.58 2.40 -0.61
C SER A 73 3.39 2.25 0.68
N ILE A 74 2.90 1.46 1.59
CA ILE A 74 3.65 1.27 2.87
C ILE A 74 3.37 -0.14 3.42
N VAL A 75 3.96 -1.14 2.83
CA VAL A 75 3.73 -2.53 3.32
C VAL A 75 3.98 -2.62 4.83
N LYS A 76 2.96 -2.93 5.59
CA LYS A 76 3.14 -3.02 7.06
C LYS A 76 3.74 -4.38 7.45
N GLU A 77 3.70 -5.34 6.55
CA GLU A 77 4.28 -6.67 6.88
C GLU A 77 4.04 -7.66 5.73
N GLY A 78 4.71 -8.78 5.75
CA GLY A 78 4.52 -9.78 4.68
C GLY A 78 5.56 -9.57 3.58
N GLU A 79 5.21 -9.82 2.35
CA GLU A 79 6.18 -9.62 1.24
C GLU A 79 5.45 -9.47 -0.09
N ILE A 80 5.74 -8.44 -0.84
CA ILE A 80 5.06 -8.24 -2.14
C ILE A 80 6.06 -8.35 -3.29
N ASP A 81 5.68 -9.00 -4.36
CA ASP A 81 6.61 -9.14 -5.52
C ASP A 81 6.30 -8.05 -6.56
N MET A 82 7.23 -7.75 -7.42
CA MET A 82 6.97 -6.69 -8.44
C MET A 82 7.94 -6.84 -9.62
N ASP A 83 7.92 -5.91 -10.54
CA ASP A 83 8.83 -5.98 -11.71
C ASP A 83 10.16 -5.31 -11.38
N MET A 84 10.98 -5.08 -12.38
CA MET A 84 12.30 -4.42 -12.13
C MET A 84 12.11 -3.18 -11.26
N GLN A 85 13.18 -2.53 -10.91
CA GLN A 85 13.08 -1.30 -10.05
C GLN A 85 14.28 -0.38 -10.29
N GLN A 86 14.02 0.88 -10.51
CA GLN A 86 15.15 1.83 -10.75
C GLN A 86 14.94 3.13 -9.96
N ILE A 87 13.71 3.57 -9.84
CA ILE A 87 13.45 4.82 -9.08
C ILE A 87 13.41 4.54 -7.58
N LEU A 88 13.11 3.33 -7.20
CA LEU A 88 13.06 2.99 -5.74
C LEU A 88 14.24 2.11 -5.36
N SER A 89 14.67 2.16 -4.13
CA SER A 89 15.82 1.32 -3.69
C SER A 89 15.34 0.25 -2.71
N ASP A 90 16.04 -0.85 -2.62
CA ASP A 90 15.63 -1.93 -1.69
C ASP A 90 15.50 -1.38 -0.27
N GLU A 91 16.35 -0.47 0.09
CA GLU A 91 16.27 0.13 1.46
C GLU A 91 14.91 0.81 1.66
N GLU A 92 14.35 1.34 0.60
CA GLU A 92 13.02 2.00 0.73
C GLU A 92 11.95 0.98 1.07
N VAL A 93 12.10 -0.24 0.60
CA VAL A 93 11.09 -1.29 0.91
C VAL A 93 11.27 -1.79 2.33
N GLU A 94 12.48 -1.74 2.83
CA GLU A 94 12.73 -2.23 4.23
C GLU A 94 12.67 -1.05 5.22
N GLU A 95 13.15 0.09 4.82
CA GLU A 95 13.14 1.27 5.75
C GLU A 95 11.90 2.14 5.49
N LYS A 96 11.39 2.13 4.28
CA LYS A 96 10.19 2.96 3.98
C LYS A 96 8.97 2.07 3.74
N ASP A 97 9.19 0.79 3.56
CA ASP A 97 8.04 -0.13 3.32
C ASP A 97 7.24 0.31 2.10
N VAL A 98 7.85 1.04 1.21
CA VAL A 98 7.10 1.51 0.01
C VAL A 98 7.23 0.50 -1.14
N ARG A 99 6.27 0.49 -2.03
CA ARG A 99 6.32 -0.46 -3.17
C ARG A 99 5.42 0.05 -4.30
N LEU A 100 5.55 -0.50 -5.47
CA LEU A 100 4.69 -0.04 -6.60
C LEU A 100 3.50 -0.99 -6.78
N THR A 101 2.33 -0.54 -6.44
CA THR A 101 1.12 -1.40 -6.60
C THR A 101 0.74 -1.51 -8.08
N CYS A 102 1.15 -0.56 -8.88
CA CYS A 102 0.81 -0.61 -10.33
C CYS A 102 1.53 -1.79 -10.99
N ILE A 103 2.70 -2.12 -10.51
CA ILE A 103 3.46 -3.25 -11.12
C ILE A 103 3.93 -4.21 -10.01
N GLY A 104 3.20 -4.27 -8.93
CA GLY A 104 3.61 -5.18 -7.82
C GLY A 104 2.50 -6.20 -7.54
N SER A 105 2.85 -7.34 -7.02
CA SER A 105 1.82 -8.38 -6.72
C SER A 105 2.12 -9.03 -5.37
N PRO A 106 1.08 -9.51 -4.74
CA PRO A 106 1.22 -10.16 -3.41
C PRO A 106 1.92 -11.52 -3.56
N ALA A 107 2.89 -11.79 -2.73
CA ALA A 107 3.62 -13.09 -2.83
C ALA A 107 3.38 -13.93 -1.57
N ALA A 108 2.84 -13.33 -0.54
CA ALA A 108 2.60 -14.10 0.72
C ALA A 108 1.09 -14.20 1.00
N ASP A 109 0.70 -15.15 1.79
CA ASP A 109 -0.76 -15.31 2.09
C ASP A 109 -1.28 -14.07 2.83
N GLU A 110 -0.97 -13.93 4.08
CA GLU A 110 -1.44 -12.74 4.84
C GLU A 110 -0.41 -11.62 4.76
N VAL A 111 -0.78 -10.48 4.24
CA VAL A 111 0.19 -9.35 4.13
C VAL A 111 -0.45 -8.05 4.64
N LYS A 112 0.36 -7.08 4.96
CA LYS A 112 -0.18 -5.79 5.47
C LYS A 112 0.42 -4.63 4.66
N ILE A 113 -0.38 -3.68 4.25
CA ILE A 113 0.17 -2.55 3.46
C ILE A 113 -0.77 -1.34 3.50
N VAL A 114 -0.24 -0.16 3.38
CA VAL A 114 -1.09 1.07 3.39
C VAL A 114 -1.18 1.63 1.96
N TYR A 115 -2.36 1.96 1.52
CA TYR A 115 -2.51 2.50 0.14
C TYR A 115 -2.52 4.04 0.17
N ASN A 116 -2.16 4.66 -0.93
CA ASN A 116 -2.14 6.16 -0.99
C ASN A 116 -0.96 6.71 -0.18
N ALA A 117 0.23 6.28 -0.47
CA ALA A 117 1.41 6.79 0.27
C ALA A 117 1.74 8.21 -0.18
N HIS A 119 0.36 10.61 0.14
CA HIS A 119 -0.01 11.55 1.23
C HIS A 119 1.23 11.95 2.01
N LEU A 120 2.17 11.05 2.14
CA LEU A 120 3.42 11.37 2.90
C LEU A 120 3.90 12.78 2.56
N ASP A 121 4.33 13.53 3.53
CA ASP A 121 4.81 14.92 3.25
C ASP A 121 6.05 14.87 2.34
N TYR A 122 6.81 13.81 2.43
CA TYR A 122 8.03 13.70 1.57
C TYR A 122 7.65 13.69 0.09
N LEU A 123 6.57 13.03 -0.24
CA LEU A 123 6.13 12.99 -1.66
C LEU A 123 5.05 14.04 -1.92
N GLN A 124 4.48 14.58 -0.89
CA GLN A 124 3.41 15.61 -1.07
C GLN A 124 3.86 16.67 -2.07
N ASN A 125 5.15 16.85 -2.24
CA ASN A 125 5.63 17.88 -3.20
C ASN A 125 5.32 17.44 -4.65
N ARG A 126 4.91 16.22 -4.83
CA ARG A 126 4.59 15.74 -6.20
C ARG A 126 3.08 15.50 -6.34
N VAL A 127 2.35 15.60 -5.27
CA VAL A 127 0.88 15.38 -5.34
C VAL A 127 0.28 16.23 -6.45
N ILE A 128 -0.40 15.62 -7.38
CA ILE A 128 -1.02 16.41 -8.49
C ILE A 128 -2.44 16.82 -8.12
N PRO A 1 -3.68 -14.20 -3.00
CA PRO A 1 -3.48 -14.09 -1.53
C PRO A 1 -4.34 -12.95 -0.96
N THR A 2 -4.44 -12.85 0.33
CA THR A 2 -5.25 -11.76 0.94
C THR A 2 -4.35 -10.67 1.50
N VAL A 3 -4.52 -9.45 1.05
CA VAL A 3 -3.67 -8.34 1.57
C VAL A 3 -4.54 -7.27 2.21
N GLU A 4 -4.27 -6.94 3.45
CA GLU A 4 -5.09 -5.90 4.12
C GLU A 4 -4.58 -4.49 3.75
N TYR A 5 -5.36 -3.74 3.03
CA TYR A 5 -4.92 -2.38 2.64
C TYR A 5 -5.32 -1.36 3.71
N LEU A 6 -4.50 -0.37 3.94
CA LEU A 6 -4.83 0.65 4.96
C LEU A 6 -4.56 2.06 4.41
N ASN A 7 -5.42 3.00 4.68
CA ASN A 7 -5.20 4.38 4.15
C ASN A 7 -4.08 5.08 4.92
N TYR A 8 -3.01 5.39 4.25
CA TYR A 8 -1.87 6.07 4.93
C TYR A 8 -2.33 7.39 5.56
N GLU A 9 -3.42 7.93 5.07
CA GLU A 9 -3.92 9.21 5.65
C GLU A 9 -4.50 8.97 7.05
N THR A 10 -5.21 7.88 7.23
CA THR A 10 -5.78 7.58 8.57
C THR A 10 -4.66 7.40 9.59
N LEU A 11 -3.55 6.84 9.17
CA LEU A 11 -2.42 6.64 10.12
C LEU A 11 -1.85 8.00 10.55
N ASP A 12 -1.62 8.87 9.61
CA ASP A 12 -1.08 10.21 9.96
C ASP A 12 -2.18 11.08 10.57
N ASP A 13 -3.30 11.17 9.91
CA ASP A 13 -4.42 12.00 10.45
C ASP A 13 -4.66 11.65 11.92
N GLN A 14 -4.91 10.40 12.20
CA GLN A 14 -5.16 10.00 13.62
C GLN A 14 -3.86 10.14 14.43
N GLY A 15 -2.74 10.26 13.77
CA GLY A 15 -1.46 10.39 14.50
C GLY A 15 -1.16 9.11 15.27
N TRP A 16 -1.41 7.97 14.67
CA TRP A 16 -1.14 6.69 15.37
C TRP A 16 0.28 6.21 15.06
N ASP A 17 0.65 5.08 15.59
CA ASP A 17 2.03 4.56 15.33
C ASP A 17 2.03 3.60 14.14
N MET A 18 3.19 3.21 13.70
CA MET A 18 3.27 2.28 12.52
C MET A 18 2.93 0.85 12.96
N ASP A 19 3.43 0.42 14.09
CA ASP A 19 3.13 -0.97 14.56
C ASP A 19 2.62 -0.96 16.00
N ASP A 20 2.79 0.13 16.71
CA ASP A 20 2.30 0.17 18.12
C ASP A 20 0.78 0.28 18.17
N ASP A 21 0.21 1.11 17.35
CA ASP A 21 -1.28 1.26 17.36
C ASP A 21 -1.94 0.08 16.62
N ASP A 22 -1.15 -0.71 15.94
CA ASP A 22 -1.74 -1.86 15.19
C ASP A 22 -3.02 -1.43 14.46
N LEU A 23 -2.93 -0.41 13.66
CA LEU A 23 -4.14 0.07 12.92
C LEU A 23 -4.85 -1.10 12.25
N PHE A 24 -4.11 -1.99 11.62
CA PHE A 24 -4.76 -3.15 10.94
C PHE A 24 -5.62 -3.91 11.93
N GLU A 25 -5.28 -3.86 13.19
CA GLU A 25 -6.08 -4.59 14.22
C GLU A 25 -7.03 -3.61 14.93
N LYS A 26 -6.56 -2.43 15.22
CA LYS A 26 -7.43 -1.44 15.91
C LYS A 26 -8.43 -0.83 14.92
N ALA A 27 -8.09 -0.78 13.66
CA ALA A 27 -9.02 -0.20 12.67
C ALA A 27 -10.29 -1.05 12.58
N ALA A 28 -10.28 -2.21 13.17
CA ALA A 28 -11.50 -3.09 13.14
C ALA A 28 -12.54 -2.59 14.13
N ASP A 29 -12.11 -1.94 15.18
CA ASP A 29 -13.08 -1.43 16.18
C ASP A 29 -13.63 -0.07 15.75
N ALA A 30 -13.00 0.56 14.79
CA ALA A 30 -13.49 1.90 14.32
C ALA A 30 -14.47 1.73 13.17
N GLY A 31 -14.03 1.25 12.05
CA GLY A 31 -14.94 1.06 10.89
C GLY A 31 -14.65 2.14 9.85
N LEU A 32 -13.42 2.53 9.71
CA LEU A 32 -13.07 3.59 8.71
C LEU A 32 -13.68 3.24 7.35
N ASP A 33 -13.48 4.08 6.37
CA ASP A 33 -14.05 3.80 5.02
C ASP A 33 -13.53 2.47 4.48
N GLY A 34 -14.16 1.94 3.48
CA GLY A 34 -13.71 0.64 2.91
C GLY A 34 -12.54 0.88 1.95
N GLU A 35 -12.53 1.99 1.28
CA GLU A 35 -11.42 2.29 0.33
C GLU A 35 -10.16 2.71 1.10
N ASP A 36 -10.24 2.71 2.40
CA ASP A 36 -9.05 3.11 3.22
C ASP A 36 -8.51 1.90 3.99
N TYR A 37 -9.37 1.18 4.65
CA TYR A 37 -8.90 -0.01 5.43
C TYR A 37 -9.80 -1.22 5.14
N GLY A 38 -9.22 -2.38 5.03
CA GLY A 38 -10.04 -3.60 4.75
C GLY A 38 -9.12 -4.72 4.26
N THR A 39 -9.64 -5.92 4.16
CA THR A 39 -8.80 -7.06 3.70
C THR A 39 -8.96 -7.25 2.19
N MET A 40 -7.91 -7.06 1.44
CA MET A 40 -8.01 -7.24 -0.04
C MET A 40 -7.76 -8.70 -0.41
N GLU A 41 -8.57 -9.23 -1.29
CA GLU A 41 -8.39 -10.66 -1.70
C GLU A 41 -8.04 -10.74 -3.18
N VAL A 42 -6.78 -10.70 -3.51
CA VAL A 42 -6.38 -10.78 -4.95
C VAL A 42 -5.74 -12.14 -5.24
N ALA A 43 -5.78 -12.58 -6.47
CA ALA A 43 -5.18 -13.90 -6.81
C ALA A 43 -3.66 -13.75 -6.94
N GLU A 44 -2.95 -14.85 -7.00
CA GLU A 44 -1.47 -14.76 -7.13
C GLU A 44 -1.09 -14.21 -8.51
N GLY A 45 -0.48 -13.06 -8.55
CA GLY A 45 -0.08 -12.47 -9.86
C GLY A 45 -1.08 -11.38 -10.24
N GLU A 46 -1.98 -11.04 -9.36
CA GLU A 46 -2.98 -9.97 -9.68
C GLU A 46 -2.45 -8.61 -9.25
N TYR A 47 -2.13 -7.76 -10.18
CA TYR A 47 -1.61 -6.41 -9.82
C TYR A 47 -2.46 -5.80 -8.71
N ILE A 48 -1.87 -5.53 -7.58
CA ILE A 48 -2.65 -4.93 -6.45
C ILE A 48 -3.56 -3.82 -6.96
N LEU A 49 -3.02 -2.70 -7.36
CA LEU A 49 -3.87 -1.59 -7.86
C LEU A 49 -4.97 -2.14 -8.77
N GLU A 50 -4.64 -3.09 -9.62
CA GLU A 50 -5.66 -3.66 -10.54
C GLU A 50 -6.61 -4.59 -9.77
N ALA A 51 -6.07 -5.47 -8.97
CA ALA A 51 -6.95 -6.41 -8.20
C ALA A 51 -8.02 -5.62 -7.44
N ALA A 52 -7.61 -4.66 -6.67
CA ALA A 52 -8.60 -3.86 -5.90
C ALA A 52 -9.48 -3.04 -6.85
N GLU A 53 -8.93 -2.56 -7.92
CA GLU A 53 -9.74 -1.76 -8.89
C GLU A 53 -11.00 -2.52 -9.26
N ALA A 54 -10.88 -3.80 -9.48
CA ALA A 54 -12.08 -4.61 -9.84
C ALA A 54 -13.08 -4.62 -8.69
N GLN A 55 -12.65 -4.24 -7.52
CA GLN A 55 -13.58 -4.21 -6.36
C GLN A 55 -14.16 -2.81 -6.18
N GLY A 56 -13.46 -1.81 -6.61
CA GLY A 56 -13.96 -0.41 -6.47
C GLY A 56 -12.97 0.42 -5.65
N TYR A 57 -11.80 -0.11 -5.40
CA TYR A 57 -10.79 0.65 -4.62
C TYR A 57 -10.12 1.71 -5.50
N ASP A 58 -9.51 2.71 -4.91
CA ASP A 58 -8.84 3.77 -5.70
C ASP A 58 -7.37 3.91 -5.29
N TRP A 59 -6.48 4.01 -6.22
CA TRP A 59 -5.04 4.15 -5.88
C TRP A 59 -4.39 5.25 -6.73
N PRO A 60 -3.40 5.90 -6.16
CA PRO A 60 -2.69 6.97 -6.88
C PRO A 60 -1.78 6.35 -7.94
N PHE A 61 -1.76 6.90 -9.12
CA PHE A 61 -0.90 6.32 -10.19
C PHE A 61 -0.63 7.36 -11.28
N SER A 62 0.49 7.28 -11.92
CA SER A 62 0.82 8.25 -13.00
C SER A 62 1.58 7.57 -14.13
N CYS A 63 2.71 6.98 -13.83
CA CYS A 63 3.51 6.31 -14.89
C CYS A 63 2.92 4.93 -15.24
N ARG A 64 2.26 4.29 -14.31
CA ARG A 64 1.64 2.96 -14.60
C ARG A 64 2.63 2.01 -15.30
N ALA A 65 3.89 2.13 -15.02
CA ALA A 65 4.90 1.24 -15.67
C ALA A 65 5.95 0.79 -14.65
N GLY A 66 5.81 1.18 -13.41
CA GLY A 66 6.81 0.75 -12.38
C GLY A 66 8.09 1.59 -12.49
N ALA A 67 7.96 2.87 -12.77
CA ALA A 67 9.18 3.73 -12.88
C ALA A 67 9.07 4.97 -12.00
N CYS A 68 8.04 5.07 -11.19
CA CYS A 68 7.92 6.27 -10.30
C CYS A 68 7.43 5.85 -8.91
N ALA A 69 7.16 6.79 -8.04
CA ALA A 69 6.70 6.42 -6.66
C ALA A 69 5.35 7.05 -6.32
N ASN A 70 4.68 7.64 -7.28
CA ASN A 70 3.37 8.27 -6.99
C ASN A 70 2.40 7.24 -6.39
N CYS A 71 2.43 6.03 -6.88
CA CYS A 71 1.51 4.98 -6.35
C CYS A 71 2.18 4.27 -5.16
N ALA A 72 3.25 4.82 -4.65
CA ALA A 72 3.97 4.19 -3.51
C ALA A 72 2.99 3.67 -2.45
N SER A 73 3.42 2.72 -1.67
CA SER A 73 2.56 2.15 -0.60
C SER A 73 3.42 1.87 0.64
N ILE A 74 2.93 1.12 1.57
CA ILE A 74 3.75 0.80 2.78
C ILE A 74 3.42 -0.61 3.30
N VAL A 75 3.80 -1.61 2.57
CA VAL A 75 3.51 -3.00 3.03
C VAL A 75 3.87 -3.15 4.51
N LYS A 76 2.88 -3.28 5.37
CA LYS A 76 3.18 -3.41 6.83
C LYS A 76 3.55 -4.86 7.18
N GLU A 77 3.22 -5.80 6.34
CA GLU A 77 3.57 -7.21 6.64
C GLU A 77 3.41 -8.10 5.41
N GLY A 78 4.00 -9.26 5.42
CA GLY A 78 3.89 -10.17 4.23
C GLY A 78 4.97 -9.82 3.22
N GLU A 79 4.91 -10.40 2.05
CA GLU A 79 5.95 -10.10 1.02
C GLU A 79 5.28 -9.81 -0.33
N ILE A 80 5.84 -8.94 -1.11
CA ILE A 80 5.24 -8.60 -2.43
C ILE A 80 6.32 -8.52 -3.50
N ASP A 81 6.07 -9.07 -4.66
CA ASP A 81 7.11 -9.02 -5.74
C ASP A 81 6.68 -8.04 -6.84
N MET A 82 7.62 -7.46 -7.53
CA MET A 82 7.27 -6.49 -8.61
C MET A 82 8.11 -6.77 -9.87
N ASP A 83 7.96 -5.97 -10.88
CA ASP A 83 8.75 -6.18 -12.14
C ASP A 83 10.25 -6.03 -11.84
N MET A 84 11.07 -6.58 -12.68
CA MET A 84 12.55 -6.46 -12.45
C MET A 84 12.99 -5.00 -12.59
N GLN A 85 12.63 -4.17 -11.65
CA GLN A 85 13.04 -2.74 -11.74
C GLN A 85 12.50 -1.97 -10.52
N GLN A 86 13.32 -1.15 -9.93
CA GLN A 86 12.86 -0.37 -8.74
C GLN A 86 13.38 1.08 -8.81
N ILE A 87 12.50 2.03 -8.71
CA ILE A 87 12.94 3.46 -8.78
C ILE A 87 13.34 3.94 -7.38
N LEU A 88 12.75 3.40 -6.36
CA LEU A 88 13.10 3.83 -4.97
C LEU A 88 14.36 3.10 -4.50
N SER A 89 14.73 3.29 -3.26
CA SER A 89 15.95 2.61 -2.72
C SER A 89 15.55 1.39 -1.89
N ASP A 90 16.44 0.45 -1.72
CA ASP A 90 16.10 -0.76 -0.91
C ASP A 90 15.75 -0.36 0.52
N GLU A 91 16.41 0.62 1.05
CA GLU A 91 16.11 1.06 2.44
C GLU A 91 14.65 1.48 2.56
N GLU A 92 14.08 2.01 1.50
CA GLU A 92 12.66 2.42 1.56
C GLU A 92 11.75 1.19 1.58
N VAL A 93 12.14 0.14 0.91
CA VAL A 93 11.31 -1.10 0.90
C VAL A 93 11.40 -1.80 2.26
N GLU A 94 12.51 -1.68 2.92
CA GLU A 94 12.66 -2.34 4.25
C GLU A 94 12.35 -1.35 5.37
N GLU A 95 12.63 -0.09 5.16
CA GLU A 95 12.34 0.92 6.22
C GLU A 95 10.93 1.49 6.03
N LYS A 96 10.67 2.08 4.88
CA LYS A 96 9.31 2.65 4.63
C LYS A 96 8.37 1.57 4.12
N ASP A 97 8.88 0.41 3.79
CA ASP A 97 8.02 -0.68 3.27
C ASP A 97 7.28 -0.20 2.02
N VAL A 98 7.87 0.67 1.25
CA VAL A 98 7.20 1.16 0.03
C VAL A 98 7.55 0.30 -1.18
N ARG A 99 6.80 0.42 -2.24
CA ARG A 99 7.08 -0.38 -3.46
C ARG A 99 6.23 0.11 -4.62
N LEU A 100 5.92 -0.75 -5.56
CA LEU A 100 5.09 -0.32 -6.71
C LEU A 100 3.72 -1.01 -6.66
N THR A 101 2.68 -0.25 -6.42
CA THR A 101 1.32 -0.86 -6.36
C THR A 101 0.74 -1.04 -7.76
N CYS A 102 1.17 -0.25 -8.69
CA CYS A 102 0.63 -0.39 -10.09
C CYS A 102 1.27 -1.58 -10.79
N ILE A 103 2.51 -1.87 -10.50
CA ILE A 103 3.17 -3.04 -11.17
C ILE A 103 3.75 -3.99 -10.12
N GLY A 104 3.09 -4.12 -8.99
CA GLY A 104 3.60 -5.03 -7.93
C GLY A 104 2.54 -6.08 -7.62
N SER A 105 2.95 -7.27 -7.28
CA SER A 105 1.96 -8.34 -6.95
C SER A 105 2.34 -9.03 -5.64
N PRO A 106 1.34 -9.44 -4.90
CA PRO A 106 1.56 -10.12 -3.61
C PRO A 106 2.09 -11.54 -3.83
N ALA A 107 2.89 -12.03 -2.92
CA ALA A 107 3.44 -13.40 -3.08
C ALA A 107 3.15 -14.24 -1.83
N ALA A 108 2.79 -13.61 -0.74
CA ALA A 108 2.50 -14.37 0.50
C ALA A 108 0.99 -14.49 0.71
N ASP A 109 0.56 -15.41 1.53
CA ASP A 109 -0.90 -15.57 1.76
C ASP A 109 -1.48 -14.29 2.38
N GLU A 110 -1.29 -14.09 3.66
CA GLU A 110 -1.82 -12.86 4.32
C GLU A 110 -0.76 -11.75 4.29
N VAL A 111 -1.07 -10.62 3.73
CA VAL A 111 -0.07 -9.52 3.67
C VAL A 111 -0.71 -8.21 4.15
N LYS A 112 0.10 -7.28 4.60
CA LYS A 112 -0.45 -5.98 5.07
C LYS A 112 0.25 -4.83 4.36
N ILE A 113 -0.50 -3.84 3.93
CA ILE A 113 0.13 -2.69 3.22
C ILE A 113 -0.79 -1.47 3.23
N VAL A 114 -0.24 -0.30 3.38
CA VAL A 114 -1.09 0.93 3.38
C VAL A 114 -1.15 1.50 1.97
N TYR A 115 -2.32 1.83 1.50
CA TYR A 115 -2.43 2.38 0.12
C TYR A 115 -2.41 3.91 0.14
N ASN A 116 -2.10 4.52 -0.98
CA ASN A 116 -2.05 6.01 -1.04
C ASN A 116 -0.87 6.53 -0.21
N ALA A 117 0.28 5.96 -0.36
CA ALA A 117 1.47 6.44 0.42
C ALA A 117 1.90 7.82 -0.09
N HIS A 119 0.82 10.33 0.16
CA HIS A 119 0.58 11.33 1.24
C HIS A 119 1.88 11.58 2.02
N LEU A 120 2.74 10.59 2.07
CA LEU A 120 4.01 10.77 2.81
C LEU A 120 4.61 12.14 2.50
N ASP A 121 4.88 12.93 3.50
CA ASP A 121 5.46 14.29 3.27
C ASP A 121 6.77 14.18 2.50
N TYR A 122 7.57 13.19 2.79
CA TYR A 122 8.87 13.05 2.07
C TYR A 122 8.61 12.93 0.56
N LEU A 123 7.49 12.41 0.18
CA LEU A 123 7.18 12.27 -1.27
C LEU A 123 6.27 13.42 -1.73
N GLN A 124 5.50 13.98 -0.83
CA GLN A 124 4.61 15.11 -1.23
C GLN A 124 5.42 16.24 -1.84
N ASN A 125 6.65 16.38 -1.43
CA ASN A 125 7.50 17.48 -2.00
C ASN A 125 7.57 17.35 -3.52
N ARG A 126 7.41 16.16 -4.03
CA ARG A 126 7.46 15.97 -5.50
C ARG A 126 6.32 16.74 -6.18
N VAL A 127 5.34 17.14 -5.41
CA VAL A 127 4.20 17.90 -6.01
C VAL A 127 4.62 19.34 -6.32
N ILE A 128 5.43 19.92 -5.47
CA ILE A 128 5.87 21.33 -5.73
C ILE A 128 7.17 21.32 -6.54
N PRO A 1 -3.52 -15.59 -0.84
CA PRO A 1 -2.99 -14.25 -1.22
C PRO A 1 -3.85 -13.14 -0.63
N THR A 2 -3.69 -12.87 0.64
CA THR A 2 -4.51 -11.80 1.29
C THR A 2 -3.63 -10.59 1.60
N VAL A 3 -4.14 -9.40 1.35
CA VAL A 3 -3.33 -8.17 1.63
C VAL A 3 -4.20 -7.13 2.33
N GLU A 4 -3.87 -6.76 3.53
CA GLU A 4 -4.68 -5.74 4.26
C GLU A 4 -4.22 -4.34 3.88
N TYR A 5 -5.03 -3.61 3.16
CA TYR A 5 -4.63 -2.23 2.76
C TYR A 5 -5.11 -1.22 3.82
N LEU A 6 -4.33 -0.20 4.05
CA LEU A 6 -4.73 0.83 5.07
C LEU A 6 -4.52 2.23 4.49
N ASN A 7 -5.42 3.14 4.78
CA ASN A 7 -5.27 4.52 4.25
C ASN A 7 -4.14 5.25 5.00
N TYR A 8 -3.10 5.62 4.31
CA TYR A 8 -1.98 6.34 4.99
C TYR A 8 -2.51 7.59 5.70
N GLU A 9 -3.63 8.10 5.26
CA GLU A 9 -4.20 9.30 5.89
C GLU A 9 -4.78 8.95 7.27
N THR A 10 -5.45 7.84 7.36
CA THR A 10 -6.04 7.42 8.66
C THR A 10 -4.93 7.23 9.70
N LEU A 11 -3.76 6.86 9.26
CA LEU A 11 -2.64 6.65 10.23
C LEU A 11 -2.23 7.98 10.86
N ASP A 12 -2.14 9.02 10.07
CA ASP A 12 -1.74 10.34 10.63
C ASP A 12 -2.94 11.01 11.29
N ASP A 13 -4.10 10.91 10.70
CA ASP A 13 -5.31 11.54 11.29
C ASP A 13 -5.58 10.95 12.68
N GLN A 14 -5.67 9.66 12.78
CA GLN A 14 -5.93 9.03 14.11
C GLN A 14 -4.69 9.13 15.00
N GLY A 15 -3.53 9.22 14.42
CA GLY A 15 -2.29 9.32 15.24
C GLY A 15 -1.93 7.94 15.79
N TRP A 16 -1.99 6.94 14.96
CA TRP A 16 -1.65 5.56 15.44
C TRP A 16 -0.20 5.22 15.08
N ASP A 17 0.25 4.05 15.43
CA ASP A 17 1.65 3.66 15.10
C ASP A 17 1.67 2.80 13.83
N MET A 18 2.84 2.36 13.43
CA MET A 18 2.92 1.51 12.20
C MET A 18 2.52 0.07 12.52
N ASP A 19 3.07 -0.49 13.57
CA ASP A 19 2.74 -1.90 13.92
C ASP A 19 2.54 -2.03 15.44
N ASP A 20 2.61 -0.95 16.15
CA ASP A 20 2.44 -1.03 17.63
C ASP A 20 0.95 -1.14 17.99
N ASP A 21 0.17 -0.16 17.64
CA ASP A 21 -1.29 -0.21 17.97
C ASP A 21 -2.03 -1.09 16.97
N ASP A 22 -1.31 -1.76 16.10
CA ASP A 22 -1.98 -2.64 15.10
C ASP A 22 -3.18 -1.91 14.49
N LEU A 23 -2.97 -0.72 13.99
CA LEU A 23 -4.10 0.04 13.37
C LEU A 23 -4.97 -0.88 12.51
N PHE A 24 -4.37 -1.81 11.83
CA PHE A 24 -5.15 -2.73 10.97
C PHE A 24 -6.25 -3.41 11.80
N GLU A 25 -6.08 -3.45 13.10
CA GLU A 25 -7.11 -4.08 13.96
C GLU A 25 -7.96 -3.00 14.64
N LYS A 26 -7.37 -1.90 15.01
CA LYS A 26 -8.15 -0.82 15.68
C LYS A 26 -9.00 -0.07 14.65
N ALA A 27 -8.60 -0.08 13.40
CA ALA A 27 -9.41 0.63 12.36
C ALA A 27 -10.80 0.01 12.26
N ALA A 28 -10.91 -1.26 12.52
CA ALA A 28 -12.25 -1.93 12.44
C ALA A 28 -13.13 -1.45 13.60
N ASP A 29 -12.54 -0.87 14.61
CA ASP A 29 -13.36 -0.40 15.77
C ASP A 29 -13.93 0.99 15.47
N ALA A 30 -13.39 1.66 14.48
CA ALA A 30 -13.90 3.02 14.15
C ALA A 30 -14.89 2.93 12.97
N GLY A 31 -14.67 2.01 12.08
CA GLY A 31 -15.59 1.86 10.92
C GLY A 31 -15.19 2.85 9.81
N LEU A 32 -13.91 3.01 9.58
CA LEU A 32 -13.47 3.95 8.52
C LEU A 32 -14.04 3.53 7.16
N ASP A 33 -13.61 4.16 6.10
CA ASP A 33 -14.13 3.78 4.76
C ASP A 33 -13.58 2.41 4.35
N GLY A 34 -14.18 1.79 3.38
CA GLY A 34 -13.69 0.45 2.94
C GLY A 34 -12.41 0.61 2.11
N GLU A 35 -12.37 1.60 1.27
CA GLU A 35 -11.15 1.80 0.43
C GLU A 35 -9.97 2.24 1.29
N ASP A 36 -10.22 2.68 2.49
CA ASP A 36 -9.11 3.13 3.38
C ASP A 36 -8.59 1.96 4.22
N TYR A 37 -9.47 1.17 4.78
CA TYR A 37 -9.02 0.02 5.61
C TYR A 37 -9.86 -1.22 5.30
N GLY A 38 -9.23 -2.29 4.91
CA GLY A 38 -9.98 -3.53 4.59
C GLY A 38 -9.02 -4.63 4.16
N THR A 39 -9.47 -5.86 4.15
CA THR A 39 -8.57 -6.98 3.73
C THR A 39 -8.65 -7.17 2.22
N MET A 40 -7.56 -6.95 1.52
CA MET A 40 -7.59 -7.13 0.04
C MET A 40 -7.37 -8.60 -0.33
N GLU A 41 -7.86 -9.01 -1.46
CA GLU A 41 -7.68 -10.43 -1.87
C GLU A 41 -7.39 -10.50 -3.37
N VAL A 42 -6.24 -11.01 -3.74
CA VAL A 42 -5.91 -11.09 -5.20
C VAL A 42 -5.32 -12.46 -5.53
N ALA A 43 -5.55 -12.93 -6.73
CA ALA A 43 -4.98 -14.25 -7.13
C ALA A 43 -3.51 -14.10 -7.51
N GLU A 44 -2.71 -15.10 -7.25
CA GLU A 44 -1.27 -15.00 -7.60
C GLU A 44 -1.11 -14.56 -9.06
N GLY A 45 -0.54 -13.41 -9.28
CA GLY A 45 -0.35 -12.91 -10.67
C GLY A 45 -1.33 -11.76 -10.93
N GLU A 46 -1.91 -11.23 -9.88
CA GLU A 46 -2.87 -10.10 -10.06
C GLU A 46 -2.36 -8.83 -9.38
N TYR A 47 -1.99 -7.84 -10.15
CA TYR A 47 -1.48 -6.58 -9.53
C TYR A 47 -2.47 -6.09 -8.46
N ILE A 48 -1.97 -5.75 -7.30
CA ILE A 48 -2.88 -5.28 -6.22
C ILE A 48 -3.79 -4.14 -6.73
N LEU A 49 -3.21 -3.06 -7.16
CA LEU A 49 -4.04 -1.92 -7.66
C LEU A 49 -5.14 -2.44 -8.60
N GLU A 50 -4.86 -3.45 -9.37
CA GLU A 50 -5.90 -3.98 -10.30
C GLU A 50 -6.93 -4.82 -9.53
N ALA A 51 -6.49 -5.71 -8.69
CA ALA A 51 -7.45 -6.56 -7.93
C ALA A 51 -8.33 -5.70 -7.02
N ALA A 52 -7.75 -4.74 -6.37
CA ALA A 52 -8.55 -3.87 -5.46
C ALA A 52 -9.36 -2.84 -6.26
N GLU A 53 -8.86 -2.45 -7.40
CA GLU A 53 -9.60 -1.44 -8.22
C GLU A 53 -10.93 -2.04 -8.71
N ALA A 54 -10.94 -3.31 -9.00
CA ALA A 54 -12.20 -3.95 -9.49
C ALA A 54 -13.23 -4.02 -8.36
N GLN A 55 -12.81 -3.87 -7.13
CA GLN A 55 -13.77 -3.93 -6.00
C GLN A 55 -14.28 -2.54 -5.65
N GLY A 56 -13.54 -1.52 -6.00
CA GLY A 56 -14.00 -0.14 -5.69
C GLY A 56 -12.86 0.66 -5.06
N TYR A 57 -11.79 -0.01 -4.70
CA TYR A 57 -10.64 0.70 -4.08
C TYR A 57 -9.92 1.56 -5.12
N ASP A 58 -9.41 2.70 -4.72
CA ASP A 58 -8.71 3.59 -5.69
C ASP A 58 -7.24 3.77 -5.27
N TRP A 59 -6.35 3.78 -6.23
CA TRP A 59 -4.90 3.95 -5.90
C TRP A 59 -4.27 4.99 -6.82
N PRO A 60 -3.30 5.69 -6.31
CA PRO A 60 -2.59 6.72 -7.10
C PRO A 60 -1.69 6.04 -8.14
N PHE A 61 -1.73 6.48 -9.36
CA PHE A 61 -0.87 5.86 -10.41
C PHE A 61 -0.76 6.79 -11.62
N SER A 62 0.32 6.69 -12.35
CA SER A 62 0.49 7.57 -13.54
C SER A 62 1.20 6.81 -14.65
N CYS A 63 2.39 6.32 -14.39
CA CYS A 63 3.14 5.58 -15.43
C CYS A 63 2.53 4.19 -15.69
N ARG A 64 2.10 3.50 -14.66
CA ARG A 64 1.47 2.15 -14.86
C ARG A 64 2.42 1.18 -15.57
N ALA A 65 3.70 1.33 -15.38
CA ALA A 65 4.68 0.41 -16.04
C ALA A 65 5.80 0.04 -15.05
N GLY A 66 5.73 0.51 -13.83
CA GLY A 66 6.80 0.18 -12.84
C GLY A 66 8.00 1.11 -13.05
N ALA A 67 7.77 2.36 -13.34
CA ALA A 67 8.91 3.30 -13.56
C ALA A 67 8.73 4.59 -12.75
N CYS A 68 7.82 4.63 -11.81
CA CYS A 68 7.65 5.87 -11.01
C CYS A 68 7.20 5.53 -9.57
N ALA A 69 7.03 6.51 -8.73
CA ALA A 69 6.61 6.22 -7.33
C ALA A 69 5.27 6.88 -6.99
N ASN A 70 4.58 7.40 -7.96
CA ASN A 70 3.26 8.05 -7.68
C ASN A 70 2.32 7.07 -6.99
N CYS A 71 2.40 5.81 -7.34
CA CYS A 71 1.51 4.79 -6.71
C CYS A 71 2.22 4.17 -5.49
N ALA A 72 3.29 4.78 -5.05
CA ALA A 72 4.05 4.24 -3.89
C ALA A 72 3.09 3.81 -2.75
N SER A 73 3.50 2.83 -1.99
CA SER A 73 2.65 2.35 -0.86
C SER A 73 3.52 2.17 0.38
N ILE A 74 3.03 1.48 1.37
CA ILE A 74 3.84 1.27 2.61
C ILE A 74 3.47 -0.07 3.25
N VAL A 75 3.95 -1.15 2.69
CA VAL A 75 3.63 -2.49 3.26
C VAL A 75 3.88 -2.50 4.77
N LYS A 76 2.94 -2.98 5.54
CA LYS A 76 3.13 -3.02 7.01
C LYS A 76 3.43 -4.46 7.45
N GLU A 77 3.41 -5.38 6.54
CA GLU A 77 3.70 -6.80 6.90
C GLU A 77 3.54 -7.70 5.68
N GLY A 78 4.25 -8.79 5.63
CA GLY A 78 4.13 -9.71 4.46
C GLY A 78 5.17 -9.32 3.40
N GLU A 79 5.16 -10.00 2.28
CA GLU A 79 6.15 -9.66 1.22
C GLU A 79 5.44 -9.55 -0.14
N ILE A 80 5.74 -8.53 -0.89
CA ILE A 80 5.09 -8.36 -2.22
C ILE A 80 6.12 -8.54 -3.34
N ASP A 81 5.78 -9.29 -4.35
CA ASP A 81 6.74 -9.51 -5.48
C ASP A 81 6.64 -8.36 -6.48
N MET A 82 7.74 -7.96 -7.05
CA MET A 82 7.71 -6.85 -8.04
C MET A 82 8.65 -7.14 -9.21
N ASP A 83 8.45 -6.51 -10.32
CA ASP A 83 9.33 -6.76 -11.50
C ASP A 83 10.64 -5.99 -11.35
N MET A 84 11.69 -6.44 -11.98
CA MET A 84 13.00 -5.73 -11.88
C MET A 84 12.81 -4.26 -12.25
N GLN A 85 13.58 -3.39 -11.67
CA GLN A 85 13.44 -1.94 -12.00
C GLN A 85 14.58 -1.13 -11.40
N GLN A 86 14.56 0.17 -11.58
CA GLN A 86 15.64 1.03 -11.02
C GLN A 86 15.05 2.38 -10.59
N ILE A 87 13.75 2.44 -10.41
CA ILE A 87 13.12 3.72 -10.00
C ILE A 87 13.21 3.92 -8.49
N LEU A 88 13.32 2.84 -7.75
CA LEU A 88 13.41 2.96 -6.26
C LEU A 88 14.66 2.24 -5.76
N SER A 89 14.78 2.08 -4.46
CA SER A 89 15.96 1.38 -3.90
C SER A 89 15.52 0.30 -2.91
N ASP A 90 16.31 -0.72 -2.73
CA ASP A 90 15.93 -1.80 -1.78
C ASP A 90 15.75 -1.23 -0.37
N GLU A 91 16.57 -0.27 -0.01
CA GLU A 91 16.45 0.33 1.35
C GLU A 91 15.05 0.92 1.54
N GLU A 92 14.45 1.41 0.48
CA GLU A 92 13.08 1.99 0.61
C GLU A 92 12.08 0.88 0.91
N VAL A 93 12.27 -0.28 0.34
CA VAL A 93 11.34 -1.41 0.60
C VAL A 93 11.67 -2.06 1.94
N GLU A 94 12.91 -1.99 2.34
CA GLU A 94 13.31 -2.61 3.64
C GLU A 94 13.01 -1.66 4.80
N GLU A 95 13.19 -0.39 4.61
CA GLU A 95 12.92 0.58 5.72
C GLU A 95 11.65 1.39 5.45
N LYS A 96 11.42 1.80 4.23
CA LYS A 96 10.20 2.60 3.93
C LYS A 96 9.00 1.70 3.68
N ASP A 97 9.22 0.43 3.45
CA ASP A 97 8.06 -0.48 3.17
C ASP A 97 7.30 -0.03 1.94
N VAL A 98 7.95 0.71 1.07
CA VAL A 98 7.26 1.19 -0.16
C VAL A 98 7.44 0.21 -1.30
N ARG A 99 6.51 0.19 -2.23
CA ARG A 99 6.63 -0.76 -3.37
C ARG A 99 5.75 -0.27 -4.53
N LEU A 100 5.56 -1.07 -5.54
CA LEU A 100 4.72 -0.64 -6.69
C LEU A 100 3.44 -1.48 -6.74
N THR A 101 2.31 -0.88 -6.45
CA THR A 101 1.03 -1.64 -6.47
C THR A 101 0.51 -1.77 -7.91
N CYS A 102 0.89 -0.87 -8.78
CA CYS A 102 0.41 -0.95 -10.18
C CYS A 102 1.05 -2.15 -10.90
N ILE A 103 2.23 -2.52 -10.51
CA ILE A 103 2.90 -3.68 -11.16
C ILE A 103 3.51 -4.62 -10.12
N GLY A 104 2.93 -4.68 -8.95
CA GLY A 104 3.49 -5.58 -7.90
C GLY A 104 2.41 -6.57 -7.45
N SER A 105 2.81 -7.73 -7.00
CA SER A 105 1.81 -8.75 -6.55
C SER A 105 2.23 -9.32 -5.19
N PRO A 106 1.25 -9.64 -4.39
CA PRO A 106 1.51 -10.21 -3.05
C PRO A 106 2.00 -11.66 -3.16
N ALA A 107 2.94 -12.03 -2.34
CA ALA A 107 3.46 -13.43 -2.40
C ALA A 107 3.16 -14.17 -1.10
N ALA A 108 2.81 -13.45 -0.06
CA ALA A 108 2.50 -14.12 1.24
C ALA A 108 0.99 -14.26 1.42
N ASP A 109 0.56 -15.29 2.08
CA ASP A 109 -0.91 -15.49 2.30
C ASP A 109 -1.53 -14.22 2.89
N GLU A 110 -0.79 -13.50 3.69
CA GLU A 110 -1.32 -12.25 4.29
C GLU A 110 -0.26 -11.16 4.27
N VAL A 111 -0.54 -10.07 3.59
CA VAL A 111 0.46 -8.96 3.53
C VAL A 111 -0.20 -7.62 3.86
N LYS A 112 0.13 -7.06 5.00
CA LYS A 112 -0.48 -5.75 5.38
C LYS A 112 0.26 -4.61 4.68
N ILE A 113 -0.46 -3.61 4.25
CA ILE A 113 0.21 -2.46 3.56
C ILE A 113 -0.70 -1.23 3.58
N VAL A 114 -0.13 -0.06 3.41
CA VAL A 114 -0.94 1.19 3.41
C VAL A 114 -1.09 1.69 1.96
N TYR A 115 -2.27 2.10 1.57
CA TYR A 115 -2.46 2.59 0.18
C TYR A 115 -2.46 4.13 0.13
N ASN A 116 -2.11 4.69 -0.99
CA ASN A 116 -2.07 6.19 -1.12
C ASN A 116 -0.85 6.74 -0.37
N ALA A 117 0.33 6.28 -0.72
CA ALA A 117 1.55 6.78 -0.02
C ALA A 117 1.90 8.19 -0.50
N HIS A 119 0.58 10.65 -0.27
CA HIS A 119 0.22 11.63 0.78
C HIS A 119 1.45 12.00 1.62
N LEU A 120 2.35 11.08 1.80
CA LEU A 120 3.57 11.37 2.59
C LEU A 120 4.17 12.72 2.18
N ASP A 121 4.27 13.64 3.09
CA ASP A 121 4.84 14.98 2.74
C ASP A 121 6.34 14.85 2.50
N TYR A 122 7.03 14.08 3.28
CA TYR A 122 8.50 13.92 3.09
C TYR A 122 8.79 13.46 1.66
N LEU A 123 7.80 12.90 1.00
CA LEU A 123 8.02 12.42 -0.40
C LEU A 123 7.42 13.41 -1.39
N GLN A 124 6.31 14.01 -1.06
CA GLN A 124 5.68 14.99 -1.99
C GLN A 124 6.66 16.11 -2.34
N ASN A 125 7.70 16.27 -1.56
CA ASN A 125 8.69 17.35 -1.84
C ASN A 125 9.43 17.05 -3.14
N ARG A 126 9.54 15.79 -3.50
CA ARG A 126 10.25 15.44 -4.76
C ARG A 126 9.23 15.13 -5.85
N VAL A 127 7.98 15.39 -5.60
CA VAL A 127 6.94 15.11 -6.62
C VAL A 127 7.38 15.64 -7.99
N ILE A 128 8.07 16.74 -8.01
CA ILE A 128 8.52 17.31 -9.31
C ILE A 128 9.48 16.34 -10.01
N PRO A 1 -4.55 -15.74 -0.78
CA PRO A 1 -4.04 -14.44 -1.28
C PRO A 1 -4.81 -13.29 -0.62
N THR A 2 -4.62 -13.07 0.64
CA THR A 2 -5.33 -11.96 1.33
C THR A 2 -4.35 -10.88 1.78
N VAL A 3 -4.68 -9.63 1.56
CA VAL A 3 -3.77 -8.54 1.98
C VAL A 3 -4.58 -7.41 2.63
N GLU A 4 -4.31 -7.10 3.86
CA GLU A 4 -5.08 -6.02 4.54
C GLU A 4 -4.56 -4.63 4.13
N TYR A 5 -5.34 -3.90 3.38
CA TYR A 5 -4.88 -2.54 2.96
C TYR A 5 -5.32 -1.48 3.98
N LEU A 6 -4.46 -0.56 4.30
CA LEU A 6 -4.82 0.50 5.28
C LEU A 6 -4.56 1.88 4.68
N ASN A 7 -5.52 2.77 4.78
CA ASN A 7 -5.33 4.14 4.20
C ASN A 7 -4.23 4.89 4.96
N TYR A 8 -3.21 5.33 4.27
CA TYR A 8 -2.11 6.08 4.95
C TYR A 8 -2.69 7.33 5.61
N GLU A 9 -3.69 7.92 5.02
CA GLU A 9 -4.30 9.15 5.62
C GLU A 9 -4.92 8.81 6.97
N THR A 10 -5.48 7.63 7.11
CA THR A 10 -6.09 7.25 8.42
C THR A 10 -5.01 7.21 9.50
N LEU A 11 -3.86 6.68 9.19
CA LEU A 11 -2.77 6.63 10.20
C LEU A 11 -2.36 8.04 10.61
N ASP A 12 -2.29 8.94 9.65
CA ASP A 12 -1.91 10.34 9.97
C ASP A 12 -3.11 11.10 10.53
N ASP A 13 -4.27 10.89 9.96
CA ASP A 13 -5.48 11.61 10.47
C ASP A 13 -5.79 11.18 11.90
N GLN A 14 -5.64 9.92 12.20
CA GLN A 14 -5.92 9.45 13.59
C GLN A 14 -4.72 9.72 14.49
N GLY A 15 -3.57 9.96 13.92
CA GLY A 15 -2.36 10.24 14.75
C GLY A 15 -1.89 8.93 15.41
N TRP A 16 -2.13 7.82 14.78
CA TRP A 16 -1.70 6.52 15.37
C TRP A 16 -0.23 6.26 15.04
N ASP A 17 0.32 5.17 15.52
CA ASP A 17 1.75 4.86 15.23
C ASP A 17 1.88 4.15 13.89
N MET A 18 3.04 3.66 13.57
CA MET A 18 3.22 2.94 12.28
C MET A 18 2.55 1.57 12.34
N ASP A 19 2.90 0.78 13.33
CA ASP A 19 2.28 -0.57 13.45
C ASP A 19 2.32 -1.02 14.92
N ASP A 20 2.46 -0.09 15.82
CA ASP A 20 2.50 -0.45 17.27
C ASP A 20 1.10 -0.75 17.78
N ASP A 21 0.15 0.11 17.52
CA ASP A 21 -1.24 -0.12 18.00
C ASP A 21 -1.98 -1.11 17.09
N ASP A 22 -1.27 -1.81 16.25
CA ASP A 22 -1.95 -2.78 15.34
C ASP A 22 -3.10 -2.10 14.61
N LEU A 23 -2.83 -0.99 13.98
CA LEU A 23 -3.90 -0.25 13.24
C LEU A 23 -4.83 -1.23 12.51
N PHE A 24 -4.27 -2.21 11.85
CA PHE A 24 -5.13 -3.20 11.12
C PHE A 24 -6.17 -3.81 12.06
N GLU A 25 -5.89 -3.80 13.34
CA GLU A 25 -6.86 -4.37 14.32
C GLU A 25 -7.73 -3.27 14.91
N LYS A 26 -7.19 -2.09 15.05
CA LYS A 26 -7.98 -0.97 15.63
C LYS A 26 -8.89 -0.37 14.56
N ALA A 27 -8.46 -0.37 13.33
CA ALA A 27 -9.30 0.20 12.23
C ALA A 27 -10.64 -0.52 12.18
N ALA A 28 -10.68 -1.76 12.61
CA ALA A 28 -11.96 -2.52 12.57
C ALA A 28 -12.91 -2.00 13.66
N ASP A 29 -12.40 -1.21 14.57
CA ASP A 29 -13.28 -0.67 15.65
C ASP A 29 -13.57 0.81 15.40
N ALA A 30 -13.16 1.32 14.29
CA ALA A 30 -13.41 2.77 13.98
C ALA A 30 -14.49 2.90 12.91
N GLY A 31 -14.95 1.80 12.38
CA GLY A 31 -16.00 1.87 11.33
C GLY A 31 -15.47 2.66 10.13
N LEU A 32 -14.21 2.55 9.85
CA LEU A 32 -13.63 3.30 8.69
C LEU A 32 -14.24 2.81 7.38
N ASP A 33 -14.03 3.54 6.31
CA ASP A 33 -14.60 3.10 5.01
C ASP A 33 -13.84 1.89 4.47
N GLY A 34 -14.38 1.21 3.49
CA GLY A 34 -13.69 0.02 2.93
C GLY A 34 -12.62 0.47 1.94
N GLU A 35 -12.75 1.66 1.42
CA GLU A 35 -11.74 2.17 0.44
C GLU A 35 -10.47 2.61 1.18
N ASP A 36 -10.45 2.49 2.48
CA ASP A 36 -9.25 2.90 3.26
C ASP A 36 -8.71 1.72 4.07
N TYR A 37 -9.57 1.04 4.78
CA TYR A 37 -9.11 -0.12 5.59
C TYR A 37 -9.97 -1.35 5.28
N GLY A 38 -9.36 -2.49 5.15
CA GLY A 38 -10.14 -3.72 4.85
C GLY A 38 -9.20 -4.82 4.35
N THR A 39 -9.73 -5.99 4.11
CA THR A 39 -8.86 -7.11 3.61
C THR A 39 -8.88 -7.16 2.09
N MET A 40 -7.74 -7.32 1.48
CA MET A 40 -7.69 -7.38 -0.02
C MET A 40 -7.49 -8.82 -0.48
N GLU A 41 -7.98 -9.16 -1.64
CA GLU A 41 -7.79 -10.56 -2.14
C GLU A 41 -7.37 -10.55 -3.62
N VAL A 42 -6.17 -10.98 -3.89
CA VAL A 42 -5.70 -11.01 -5.31
C VAL A 42 -4.62 -12.09 -5.49
N ALA A 43 -4.70 -12.84 -6.54
CA ALA A 43 -3.69 -13.91 -6.78
C ALA A 43 -2.37 -13.31 -7.25
N GLU A 44 -1.29 -14.04 -7.12
CA GLU A 44 0.03 -13.51 -7.58
C GLU A 44 0.00 -13.24 -9.09
N GLY A 45 0.24 -12.03 -9.48
CA GLY A 45 0.22 -11.71 -10.94
C GLY A 45 -0.78 -10.59 -11.20
N GLU A 46 -1.60 -10.27 -10.24
CA GLU A 46 -2.61 -9.19 -10.43
C GLU A 46 -2.18 -7.94 -9.64
N TYR A 47 -1.68 -6.95 -10.31
CA TYR A 47 -1.25 -5.71 -9.61
C TYR A 47 -2.29 -5.31 -8.55
N ILE A 48 -1.87 -5.17 -7.32
CA ILE A 48 -2.84 -4.79 -6.25
C ILE A 48 -3.72 -3.62 -6.72
N LEU A 49 -3.11 -2.58 -7.23
CA LEU A 49 -3.90 -1.42 -7.71
C LEU A 49 -5.06 -1.90 -8.59
N GLU A 50 -4.83 -2.90 -9.39
CA GLU A 50 -5.93 -3.43 -10.26
C GLU A 50 -6.85 -4.36 -9.46
N ALA A 51 -6.28 -5.35 -8.82
CA ALA A 51 -7.13 -6.30 -8.02
C ALA A 51 -8.00 -5.54 -7.03
N ALA A 52 -7.47 -4.54 -6.40
CA ALA A 52 -8.26 -3.76 -5.41
C ALA A 52 -9.17 -2.74 -6.12
N GLU A 53 -8.72 -2.23 -7.24
CA GLU A 53 -9.56 -1.24 -7.98
C GLU A 53 -10.86 -1.91 -8.44
N ALA A 54 -10.80 -3.14 -8.82
CA ALA A 54 -12.03 -3.84 -9.27
C ALA A 54 -13.03 -3.95 -8.11
N GLN A 55 -12.56 -3.75 -6.92
CA GLN A 55 -13.47 -3.84 -5.73
C GLN A 55 -13.97 -2.44 -5.35
N GLY A 56 -13.30 -1.42 -5.81
CA GLY A 56 -13.73 -0.04 -5.47
C GLY A 56 -12.56 0.72 -4.84
N TYR A 57 -11.51 0.03 -4.49
CA TYR A 57 -10.34 0.70 -3.88
C TYR A 57 -9.69 1.65 -4.88
N ASP A 58 -9.14 2.74 -4.42
CA ASP A 58 -8.49 3.71 -5.36
C ASP A 58 -6.99 3.84 -5.02
N TRP A 59 -6.15 3.86 -6.02
CA TRP A 59 -4.69 3.98 -5.77
C TRP A 59 -4.09 5.04 -6.68
N PRO A 60 -3.15 5.78 -6.14
CA PRO A 60 -2.47 6.84 -6.92
C PRO A 60 -1.52 6.22 -7.94
N PHE A 61 -1.53 6.71 -9.15
CA PHE A 61 -0.62 6.16 -10.20
C PHE A 61 -0.42 7.18 -11.32
N SER A 62 0.68 7.10 -12.01
CA SER A 62 0.93 8.08 -13.11
C SER A 62 1.65 7.39 -14.28
N CYS A 63 2.80 6.84 -14.03
CA CYS A 63 3.56 6.17 -15.11
C CYS A 63 2.98 4.77 -15.42
N ARG A 64 2.39 4.12 -14.45
CA ARG A 64 1.78 2.77 -14.69
C ARG A 64 2.76 1.82 -15.41
N ALA A 65 4.03 1.97 -15.19
CA ALA A 65 5.02 1.07 -15.86
C ALA A 65 6.12 0.65 -14.89
N GLY A 66 6.04 1.06 -13.65
CA GLY A 66 7.09 0.66 -12.66
C GLY A 66 8.33 1.55 -12.81
N ALA A 67 8.15 2.82 -13.07
CA ALA A 67 9.34 3.72 -13.22
C ALA A 67 9.18 4.99 -12.36
N CYS A 68 8.29 4.99 -11.42
CA CYS A 68 8.11 6.20 -10.55
C CYS A 68 7.59 5.80 -9.16
N ALA A 69 7.43 6.74 -8.28
CA ALA A 69 6.94 6.40 -6.90
C ALA A 69 5.58 7.05 -6.62
N ASN A 70 4.97 7.61 -7.61
CA ASN A 70 3.64 8.26 -7.40
C ASN A 70 2.64 7.25 -6.81
N CYS A 71 2.80 5.99 -7.12
CA CYS A 71 1.86 4.96 -6.59
C CYS A 71 2.50 4.23 -5.41
N ALA A 72 3.58 4.77 -4.88
CA ALA A 72 4.27 4.12 -3.74
C ALA A 72 3.28 3.70 -2.65
N SER A 73 3.62 2.69 -1.89
CA SER A 73 2.73 2.21 -0.79
C SER A 73 3.54 2.05 0.49
N ILE A 74 3.04 1.31 1.43
CA ILE A 74 3.78 1.13 2.70
C ILE A 74 3.52 -0.27 3.28
N VAL A 75 4.04 -1.29 2.65
CA VAL A 75 3.83 -2.68 3.15
C VAL A 75 4.06 -2.73 4.66
N LYS A 76 3.06 -3.13 5.42
CA LYS A 76 3.23 -3.19 6.90
C LYS A 76 3.77 -4.56 7.32
N GLU A 77 3.77 -5.51 6.43
CA GLU A 77 4.29 -6.87 6.78
C GLU A 77 4.05 -7.84 5.62
N GLY A 78 4.81 -8.90 5.57
CA GLY A 78 4.63 -9.89 4.47
C GLY A 78 5.68 -9.62 3.38
N GLU A 79 5.36 -9.98 2.16
CA GLU A 79 6.33 -9.74 1.05
C GLU A 79 5.59 -9.64 -0.29
N ILE A 80 5.89 -8.64 -1.07
CA ILE A 80 5.20 -8.49 -2.38
C ILE A 80 6.17 -8.82 -3.52
N ASP A 81 5.66 -9.32 -4.61
CA ASP A 81 6.55 -9.67 -5.76
C ASP A 81 6.65 -8.50 -6.74
N MET A 82 7.80 -7.86 -6.80
CA MET A 82 7.96 -6.71 -7.73
C MET A 82 8.07 -7.22 -9.17
N ASP A 83 7.94 -6.34 -10.13
CA ASP A 83 8.04 -6.77 -11.56
C ASP A 83 9.47 -6.60 -12.07
N MET A 84 9.70 -6.89 -13.32
CA MET A 84 11.08 -6.74 -13.88
C MET A 84 11.50 -5.27 -13.85
N GLN A 85 11.86 -4.76 -12.71
CA GLN A 85 12.29 -3.33 -12.63
C GLN A 85 12.55 -2.94 -11.16
N GLN A 86 13.34 -1.92 -10.96
CA GLN A 86 13.63 -1.48 -9.56
C GLN A 86 13.91 0.02 -9.54
N ILE A 87 12.88 0.82 -9.45
CA ILE A 87 13.08 2.31 -9.42
C ILE A 87 13.34 2.78 -7.99
N LEU A 88 12.88 2.04 -7.01
CA LEU A 88 13.10 2.45 -5.60
C LEU A 88 14.42 1.87 -5.07
N SER A 89 14.73 2.12 -3.83
CA SER A 89 16.00 1.58 -3.25
C SER A 89 15.68 0.54 -2.19
N ASP A 90 16.61 -0.34 -1.91
CA ASP A 90 16.37 -1.38 -0.87
C ASP A 90 16.01 -0.73 0.46
N GLU A 91 16.79 0.22 0.89
CA GLU A 91 16.50 0.90 2.18
C GLU A 91 15.07 1.45 2.16
N GLU A 92 14.51 1.62 1.00
CA GLU A 92 13.12 2.15 0.91
C GLU A 92 12.12 1.01 1.16
N VAL A 93 12.39 -0.15 0.66
CA VAL A 93 11.46 -1.30 0.88
C VAL A 93 11.63 -1.86 2.29
N GLU A 94 12.70 -1.51 2.94
CA GLU A 94 12.94 -2.02 4.33
C GLU A 94 12.76 -0.90 5.35
N GLU A 95 13.08 0.31 4.98
CA GLU A 95 12.93 1.45 5.94
C GLU A 95 11.63 2.20 5.68
N LYS A 96 11.21 2.28 4.44
CA LYS A 96 9.94 3.00 4.13
C LYS A 96 8.83 2.01 3.78
N ASP A 97 9.16 0.76 3.61
CA ASP A 97 8.11 -0.24 3.27
C ASP A 97 7.36 0.17 2.00
N VAL A 98 7.99 0.91 1.13
CA VAL A 98 7.30 1.35 -0.11
C VAL A 98 7.56 0.38 -1.25
N ARG A 99 6.72 0.40 -2.25
CA ARG A 99 6.89 -0.53 -3.41
C ARG A 99 6.11 -0.02 -4.62
N LEU A 100 5.83 -0.87 -5.57
CA LEU A 100 5.06 -0.45 -6.76
C LEU A 100 3.67 -1.07 -6.75
N THR A 101 2.65 -0.28 -6.58
CA THR A 101 1.26 -0.83 -6.55
C THR A 101 0.73 -1.04 -7.97
N CYS A 102 1.23 -0.30 -8.91
CA CYS A 102 0.76 -0.45 -10.32
C CYS A 102 1.38 -1.70 -10.95
N ILE A 103 2.57 -2.04 -10.57
CA ILE A 103 3.23 -3.24 -11.16
C ILE A 103 3.76 -4.15 -10.04
N GLY A 104 3.08 -4.19 -8.92
CA GLY A 104 3.56 -5.05 -7.80
C GLY A 104 2.43 -5.99 -7.37
N SER A 105 2.74 -7.21 -7.06
CA SER A 105 1.69 -8.17 -6.62
C SER A 105 2.12 -8.89 -5.34
N PRO A 106 1.15 -9.16 -4.51
CA PRO A 106 1.42 -9.85 -3.22
C PRO A 106 1.76 -11.32 -3.46
N ALA A 107 2.74 -11.83 -2.78
CA ALA A 107 3.12 -13.26 -2.96
C ALA A 107 2.74 -14.08 -1.73
N ALA A 108 2.93 -13.53 -0.57
CA ALA A 108 2.58 -14.27 0.68
C ALA A 108 1.06 -14.39 0.82
N ASP A 109 0.60 -15.44 1.44
CA ASP A 109 -0.88 -15.62 1.61
C ASP A 109 -1.46 -14.43 2.38
N GLU A 110 -0.79 -14.00 3.42
CA GLU A 110 -1.31 -12.85 4.22
C GLU A 110 -0.27 -11.73 4.26
N VAL A 111 -0.56 -10.61 3.65
CA VAL A 111 0.40 -9.49 3.66
C VAL A 111 -0.30 -8.17 4.02
N LYS A 112 0.39 -7.28 4.67
CA LYS A 112 -0.25 -5.98 5.05
C LYS A 112 0.48 -4.82 4.38
N ILE A 113 -0.25 -3.84 3.92
CA ILE A 113 0.40 -2.67 3.25
C ILE A 113 -0.55 -1.47 3.24
N VAL A 114 -0.01 -0.28 3.32
CA VAL A 114 -0.87 0.93 3.32
C VAL A 114 -1.00 1.47 1.90
N TYR A 115 -2.19 1.80 1.48
CA TYR A 115 -2.39 2.34 0.11
C TYR A 115 -2.33 3.87 0.14
N ASN A 116 -1.91 4.48 -0.94
CA ASN A 116 -1.82 5.98 -0.99
C ASN A 116 -0.65 6.47 -0.15
N ALA A 117 0.54 5.96 -0.41
CA ALA A 117 1.72 6.40 0.39
C ALA A 117 2.20 7.77 -0.10
N HIS A 119 1.04 10.26 -0.11
CA HIS A 119 0.62 11.30 0.88
C HIS A 119 1.77 11.60 1.84
N LEU A 120 2.64 10.64 2.04
CA LEU A 120 3.78 10.86 2.97
C LEU A 120 4.46 12.21 2.66
N ASP A 121 4.89 12.91 3.68
CA ASP A 121 5.55 14.23 3.44
C ASP A 121 6.90 14.02 2.74
N TYR A 122 7.41 12.82 2.77
CA TYR A 122 8.72 12.55 2.10
C TYR A 122 8.54 12.53 0.59
N LEU A 123 7.40 12.08 0.13
CA LEU A 123 7.17 12.03 -1.35
C LEU A 123 6.32 13.23 -1.79
N GLN A 124 5.78 13.97 -0.85
CA GLN A 124 4.95 15.14 -1.22
C GLN A 124 5.79 16.16 -1.98
N ASN A 125 7.07 16.20 -1.74
CA ASN A 125 7.94 17.17 -2.46
C ASN A 125 7.78 16.98 -3.97
N ARG A 126 7.32 15.83 -4.38
CA ARG A 126 7.14 15.58 -5.84
C ARG A 126 5.78 16.09 -6.31
N VAL A 127 5.06 16.72 -5.42
CA VAL A 127 3.72 17.26 -5.81
C VAL A 127 3.82 18.09 -7.09
N ILE A 128 3.00 17.79 -8.06
CA ILE A 128 3.05 18.56 -9.34
C ILE A 128 1.73 19.32 -9.56
N PRO A 1 -3.24 -14.61 -2.65
CA PRO A 1 -3.00 -14.35 -1.20
C PRO A 1 -3.86 -13.19 -0.71
N THR A 2 -3.80 -12.89 0.56
CA THR A 2 -4.62 -11.78 1.11
C THR A 2 -3.72 -10.60 1.51
N VAL A 3 -4.09 -9.41 1.14
CA VAL A 3 -3.25 -8.23 1.49
C VAL A 3 -4.12 -7.15 2.15
N GLU A 4 -3.89 -6.86 3.40
CA GLU A 4 -4.71 -5.82 4.10
C GLU A 4 -4.20 -4.41 3.74
N TYR A 5 -5.03 -3.60 3.14
CA TYR A 5 -4.58 -2.23 2.77
C TYR A 5 -5.04 -1.21 3.83
N LEU A 6 -4.26 -0.20 4.07
CA LEU A 6 -4.63 0.83 5.09
C LEU A 6 -4.32 2.23 4.56
N ASN A 7 -5.15 3.19 4.87
CA ASN A 7 -4.89 4.58 4.38
C ASN A 7 -3.79 5.25 5.20
N TYR A 8 -2.71 5.64 4.56
CA TYR A 8 -1.62 6.31 5.30
C TYR A 8 -2.12 7.60 5.95
N GLU A 9 -3.01 8.28 5.29
CA GLU A 9 -3.56 9.55 5.86
C GLU A 9 -4.32 9.25 7.15
N THR A 10 -4.96 8.11 7.22
CA THR A 10 -5.72 7.75 8.44
C THR A 10 -4.77 7.59 9.63
N LEU A 11 -3.62 7.02 9.39
CA LEU A 11 -2.65 6.83 10.51
C LEU A 11 -2.15 8.18 11.01
N ASP A 12 -1.93 9.11 10.12
CA ASP A 12 -1.43 10.45 10.54
C ASP A 12 -2.59 11.29 11.07
N ASP A 13 -3.68 11.35 10.35
CA ASP A 13 -4.85 12.16 10.82
C ASP A 13 -5.29 11.72 12.21
N GLN A 14 -5.56 10.45 12.39
CA GLN A 14 -6.00 9.97 13.73
C GLN A 14 -4.86 10.13 14.75
N GLY A 15 -3.64 10.19 14.29
CA GLY A 15 -2.49 10.33 15.23
C GLY A 15 -2.21 8.98 15.88
N TRP A 16 -2.27 7.92 15.12
CA TRP A 16 -2.00 6.57 15.69
C TRP A 16 -0.51 6.23 15.55
N ASP A 17 -0.16 5.00 15.83
CA ASP A 17 1.28 4.59 15.72
C ASP A 17 1.51 3.87 14.39
N MET A 18 2.71 3.42 14.14
CA MET A 18 2.98 2.69 12.86
C MET A 18 2.40 1.29 12.92
N ASP A 19 2.76 0.52 13.91
CA ASP A 19 2.22 -0.86 14.02
C ASP A 19 1.90 -1.19 15.48
N ASP A 20 2.00 -0.23 16.35
CA ASP A 20 1.69 -0.50 17.79
C ASP A 20 0.18 -0.69 17.97
N ASP A 21 -0.61 0.20 17.45
CA ASP A 21 -2.09 0.05 17.59
C ASP A 21 -2.63 -0.95 16.58
N ASP A 22 -1.77 -1.50 15.76
CA ASP A 22 -2.23 -2.49 14.74
C ASP A 22 -3.43 -1.93 13.98
N LEU A 23 -3.31 -0.75 13.45
CA LEU A 23 -4.46 -0.15 12.70
C LEU A 23 -5.15 -1.20 11.84
N PHE A 24 -4.41 -2.11 11.27
CA PHE A 24 -5.03 -3.17 10.43
C PHE A 24 -6.05 -3.97 11.25
N GLU A 25 -6.02 -3.84 12.54
CA GLU A 25 -6.98 -4.59 13.39
C GLU A 25 -7.97 -3.63 14.04
N LYS A 26 -7.49 -2.54 14.58
CA LYS A 26 -8.41 -1.56 15.24
C LYS A 26 -9.30 -0.87 14.20
N ALA A 27 -8.87 -0.85 12.97
CA ALA A 27 -9.69 -0.19 11.91
C ALA A 27 -11.02 -0.93 11.73
N ALA A 28 -11.04 -2.20 12.02
CA ALA A 28 -12.31 -2.97 11.85
C ALA A 28 -13.23 -2.75 13.06
N ASP A 29 -12.72 -2.15 14.10
CA ASP A 29 -13.57 -1.91 15.30
C ASP A 29 -13.72 -0.41 15.54
N ALA A 30 -13.28 0.40 14.62
CA ALA A 30 -13.39 1.88 14.81
C ALA A 30 -14.42 2.45 13.83
N GLY A 31 -14.42 1.96 12.62
CA GLY A 31 -15.40 2.47 11.60
C GLY A 31 -14.68 3.39 10.62
N LEU A 32 -13.71 2.87 9.92
CA LEU A 32 -12.96 3.72 8.94
C LEU A 32 -13.47 3.45 7.52
N ASP A 33 -13.34 4.40 6.64
CA ASP A 33 -13.81 4.20 5.24
C ASP A 33 -13.18 2.94 4.64
N GLY A 34 -13.95 2.14 3.95
CA GLY A 34 -13.39 0.91 3.34
C GLY A 34 -12.28 1.28 2.36
N GLU A 35 -12.40 2.40 1.72
CA GLU A 35 -11.34 2.82 0.74
C GLU A 35 -10.03 3.08 1.48
N ASP A 36 -10.06 3.10 2.79
CA ASP A 36 -8.82 3.35 3.57
C ASP A 36 -8.30 2.04 4.16
N TYR A 37 -9.13 1.34 4.89
CA TYR A 37 -8.69 0.06 5.51
C TYR A 37 -9.60 -1.08 5.06
N GLY A 38 -9.06 -2.25 4.86
CA GLY A 38 -9.90 -3.41 4.43
C GLY A 38 -9.00 -4.52 3.91
N THR A 39 -9.56 -5.67 3.65
CA THR A 39 -8.73 -6.80 3.13
C THR A 39 -8.65 -6.75 1.60
N MET A 40 -7.47 -6.72 1.05
CA MET A 40 -7.35 -6.66 -0.43
C MET A 40 -7.10 -8.06 -1.00
N GLU A 41 -8.14 -8.82 -1.19
CA GLU A 41 -7.96 -10.20 -1.76
C GLU A 41 -7.30 -10.12 -3.13
N VAL A 42 -6.03 -10.42 -3.20
CA VAL A 42 -5.33 -10.35 -4.52
C VAL A 42 -4.83 -11.74 -4.93
N ALA A 43 -5.12 -12.16 -6.13
CA ALA A 43 -4.68 -13.50 -6.59
C ALA A 43 -3.17 -13.47 -6.90
N GLU A 44 -2.50 -14.57 -6.70
CA GLU A 44 -1.04 -14.60 -6.98
C GLU A 44 -0.77 -14.33 -8.45
N GLY A 45 -0.07 -13.26 -8.76
CA GLY A 45 0.23 -12.94 -10.18
C GLY A 45 -0.71 -11.83 -10.67
N GLU A 46 -1.59 -11.37 -9.82
CA GLU A 46 -2.53 -10.28 -10.23
C GLU A 46 -2.06 -8.94 -9.69
N TYR A 47 -2.05 -7.92 -10.51
CA TYR A 47 -1.60 -6.58 -10.02
C TYR A 47 -2.46 -6.12 -8.83
N ILE A 48 -1.83 -5.84 -7.73
CA ILE A 48 -2.61 -5.39 -6.53
C ILE A 48 -3.70 -4.38 -6.93
N LEU A 49 -3.32 -3.24 -7.42
CA LEU A 49 -4.33 -2.22 -7.82
C LEU A 49 -5.49 -2.88 -8.57
N GLU A 50 -5.19 -3.74 -9.50
CA GLU A 50 -6.29 -4.42 -10.26
C GLU A 50 -7.17 -5.24 -9.31
N ALA A 51 -6.56 -5.88 -8.35
CA ALA A 51 -7.36 -6.70 -7.40
C ALA A 51 -8.43 -5.84 -6.73
N ALA A 52 -8.02 -4.82 -6.06
CA ALA A 52 -9.00 -3.92 -5.38
C ALA A 52 -9.75 -3.07 -6.40
N GLU A 53 -9.26 -3.00 -7.61
CA GLU A 53 -9.94 -2.18 -8.65
C GLU A 53 -11.28 -2.83 -9.03
N ALA A 54 -11.32 -4.13 -9.07
CA ALA A 54 -12.59 -4.83 -9.44
C ALA A 54 -13.57 -4.76 -8.28
N GLN A 55 -13.16 -4.24 -7.16
CA GLN A 55 -14.08 -4.16 -5.98
C GLN A 55 -14.61 -2.73 -5.83
N GLY A 56 -13.84 -1.76 -6.21
CA GLY A 56 -14.31 -0.35 -6.08
C GLY A 56 -13.32 0.48 -5.26
N TYR A 57 -12.13 -0.04 -5.05
CA TYR A 57 -11.12 0.72 -4.26
C TYR A 57 -10.35 1.68 -5.18
N ASP A 58 -9.95 2.81 -4.67
CA ASP A 58 -9.20 3.79 -5.51
C ASP A 58 -7.76 3.95 -5.00
N TRP A 59 -6.81 4.01 -5.90
CA TRP A 59 -5.39 4.17 -5.48
C TRP A 59 -4.71 5.23 -6.33
N PRO A 60 -3.68 5.81 -5.78
CA PRO A 60 -2.91 6.86 -6.51
C PRO A 60 -2.07 6.19 -7.61
N PHE A 61 -2.11 6.73 -8.80
CA PHE A 61 -1.32 6.14 -9.92
C PHE A 61 -1.10 7.18 -11.01
N SER A 62 0.00 7.11 -11.70
CA SER A 62 0.26 8.11 -12.77
C SER A 62 1.00 7.46 -13.95
N CYS A 63 2.15 6.90 -13.70
CA CYS A 63 2.93 6.28 -14.81
C CYS A 63 2.43 4.84 -15.10
N ARG A 64 1.96 4.15 -14.09
CA ARG A 64 1.42 2.76 -14.31
C ARG A 64 2.43 1.86 -15.03
N ALA A 65 3.70 2.08 -14.84
CA ALA A 65 4.73 1.25 -15.51
C ALA A 65 5.88 0.91 -14.53
N GLY A 66 5.76 1.33 -13.31
CA GLY A 66 6.84 1.04 -12.32
C GLY A 66 8.03 1.98 -12.56
N ALA A 67 7.78 3.21 -12.89
CA ALA A 67 8.89 4.17 -13.14
C ALA A 67 8.75 5.43 -12.27
N CYS A 68 7.80 5.46 -11.38
CA CYS A 68 7.63 6.67 -10.52
C CYS A 68 7.24 6.26 -9.09
N ALA A 69 7.00 7.20 -8.22
CA ALA A 69 6.62 6.85 -6.82
C ALA A 69 5.29 7.51 -6.43
N ASN A 70 4.60 8.09 -7.37
CA ASN A 70 3.29 8.74 -7.02
C ASN A 70 2.33 7.71 -6.41
N CYS A 71 2.54 6.45 -6.69
CA CYS A 71 1.65 5.40 -6.13
C CYS A 71 2.35 4.72 -4.93
N ALA A 72 3.41 5.30 -4.45
CA ALA A 72 4.15 4.70 -3.31
C ALA A 72 3.20 4.19 -2.23
N SER A 73 3.63 3.18 -1.52
CA SER A 73 2.78 2.60 -0.42
C SER A 73 3.65 2.30 0.79
N ILE A 74 3.15 1.54 1.72
CA ILE A 74 3.98 1.21 2.93
C ILE A 74 3.62 -0.18 3.44
N VAL A 75 4.12 -1.21 2.79
CA VAL A 75 3.83 -2.60 3.26
C VAL A 75 4.16 -2.74 4.74
N LYS A 76 3.19 -2.98 5.57
CA LYS A 76 3.47 -3.12 7.03
C LYS A 76 3.92 -4.56 7.35
N GLU A 77 3.71 -5.47 6.45
CA GLU A 77 4.14 -6.88 6.71
C GLU A 77 3.80 -7.76 5.50
N GLY A 78 4.55 -8.81 5.29
CA GLY A 78 4.26 -9.72 4.14
C GLY A 78 5.45 -9.66 3.17
N GLU A 79 5.18 -9.75 1.89
CA GLU A 79 6.28 -9.70 0.89
C GLU A 79 5.70 -9.54 -0.52
N ILE A 80 5.74 -8.36 -1.06
CA ILE A 80 5.19 -8.14 -2.43
C ILE A 80 6.27 -8.45 -3.48
N ASP A 81 5.89 -9.02 -4.58
CA ASP A 81 6.88 -9.35 -5.64
C ASP A 81 6.98 -8.19 -6.64
N MET A 82 8.14 -7.99 -7.22
CA MET A 82 8.29 -6.88 -8.21
C MET A 82 9.05 -7.35 -9.44
N ASP A 83 9.16 -6.51 -10.44
CA ASP A 83 9.88 -6.92 -11.69
C ASP A 83 11.25 -6.25 -11.73
N MET A 84 12.13 -6.73 -12.56
CA MET A 84 13.49 -6.12 -12.66
C MET A 84 13.40 -4.73 -13.29
N GLN A 85 12.72 -3.82 -12.65
CA GLN A 85 12.60 -2.45 -13.23
C GLN A 85 11.96 -1.51 -12.20
N GLN A 86 12.58 -1.35 -11.06
CA GLN A 86 12.01 -0.44 -10.03
C GLN A 86 12.83 0.85 -9.93
N ILE A 87 12.21 1.94 -9.56
CA ILE A 87 12.96 3.21 -9.45
C ILE A 87 13.56 3.34 -8.04
N LEU A 88 13.00 2.65 -7.08
CA LEU A 88 13.54 2.74 -5.70
C LEU A 88 14.54 1.61 -5.46
N SER A 89 14.98 1.44 -4.24
CA SER A 89 15.97 0.35 -3.95
C SER A 89 15.42 -0.57 -2.85
N ASP A 90 16.07 -1.69 -2.64
CA ASP A 90 15.59 -2.63 -1.58
C ASP A 90 15.50 -1.91 -0.24
N GLU A 91 16.41 -1.03 0.04
CA GLU A 91 16.36 -0.29 1.34
C GLU A 91 15.01 0.38 1.50
N GLU A 92 14.32 0.62 0.42
CA GLU A 92 12.98 1.27 0.50
C GLU A 92 11.93 0.25 0.94
N VAL A 93 12.02 -0.96 0.45
CA VAL A 93 11.02 -2.00 0.84
C VAL A 93 11.35 -2.54 2.23
N GLU A 94 12.50 -2.22 2.76
CA GLU A 94 12.87 -2.73 4.11
C GLU A 94 12.90 -1.57 5.12
N GLU A 95 13.37 -0.42 4.71
CA GLU A 95 13.42 0.73 5.66
C GLU A 95 12.22 1.65 5.44
N LYS A 96 11.52 1.49 4.35
CA LYS A 96 10.33 2.36 4.09
C LYS A 96 9.12 1.51 3.73
N ASP A 97 9.29 0.22 3.58
CA ASP A 97 8.13 -0.65 3.23
C ASP A 97 7.39 -0.06 2.03
N VAL A 98 8.06 0.68 1.20
CA VAL A 98 7.39 1.28 0.02
C VAL A 98 7.43 0.34 -1.17
N ARG A 99 6.30 0.07 -1.76
CA ARG A 99 6.26 -0.85 -2.94
C ARG A 99 5.36 -0.24 -4.03
N LEU A 100 5.41 -0.77 -5.21
CA LEU A 100 4.57 -0.20 -6.31
C LEU A 100 3.29 -1.02 -6.47
N THR A 101 2.16 -0.42 -6.22
CA THR A 101 0.86 -1.16 -6.35
C THR A 101 0.42 -1.19 -7.82
N CYS A 102 0.95 -0.33 -8.63
CA CYS A 102 0.56 -0.32 -10.08
C CYS A 102 1.23 -1.49 -10.81
N ILE A 103 2.40 -1.86 -10.39
CA ILE A 103 3.11 -2.98 -11.07
C ILE A 103 3.70 -3.95 -10.04
N GLY A 104 3.06 -4.09 -8.91
CA GLY A 104 3.59 -5.00 -7.86
C GLY A 104 2.55 -6.07 -7.53
N SER A 105 2.97 -7.28 -7.32
CA SER A 105 2.01 -8.36 -6.98
C SER A 105 2.36 -8.97 -5.62
N PRO A 106 1.37 -9.52 -4.97
CA PRO A 106 1.57 -10.12 -3.64
C PRO A 106 2.35 -11.44 -3.76
N ALA A 107 3.27 -11.68 -2.86
CA ALA A 107 4.06 -12.94 -2.91
C ALA A 107 3.93 -13.69 -1.59
N ALA A 108 2.98 -13.33 -0.78
CA ALA A 108 2.80 -14.02 0.53
C ALA A 108 1.31 -14.09 0.89
N ASP A 109 0.88 -15.16 1.50
CA ASP A 109 -0.55 -15.28 1.88
C ASP A 109 -1.03 -13.99 2.55
N GLU A 110 -0.64 -13.77 3.77
CA GLU A 110 -1.07 -12.53 4.49
C GLU A 110 -0.08 -11.40 4.21
N VAL A 111 -0.56 -10.22 3.93
CA VAL A 111 0.36 -9.08 3.65
C VAL A 111 -0.27 -7.77 4.12
N LYS A 112 0.44 -7.02 4.94
CA LYS A 112 -0.12 -5.73 5.43
C LYS A 112 0.54 -4.57 4.69
N ILE A 113 -0.23 -3.59 4.28
CA ILE A 113 0.35 -2.43 3.55
C ILE A 113 -0.59 -1.23 3.61
N VAL A 114 -0.07 -0.04 3.62
CA VAL A 114 -0.94 1.16 3.66
C VAL A 114 -0.98 1.81 2.26
N TYR A 115 -2.15 2.12 1.78
CA TYR A 115 -2.25 2.74 0.43
C TYR A 115 -2.31 4.26 0.53
N ASN A 116 -2.01 4.95 -0.53
CA ASN A 116 -2.03 6.45 -0.53
C ASN A 116 -0.81 6.99 0.22
N ALA A 117 0.37 6.58 -0.16
CA ALA A 117 1.60 7.08 0.54
C ALA A 117 1.95 8.49 0.03
N HIS A 119 0.63 10.93 0.37
CA HIS A 119 0.28 11.91 1.43
C HIS A 119 1.55 12.32 2.20
N LEU A 120 2.45 11.39 2.40
CA LEU A 120 3.70 11.72 3.13
C LEU A 120 4.30 13.02 2.60
N ASP A 121 4.52 13.98 3.46
CA ASP A 121 5.10 15.28 3.00
C ASP A 121 6.51 15.06 2.46
N TYR A 122 7.24 14.13 3.01
CA TYR A 122 8.63 13.87 2.54
C TYR A 122 8.60 13.34 1.10
N LEU A 123 7.44 13.00 0.61
CA LEU A 123 7.36 12.46 -0.78
C LEU A 123 6.37 13.28 -1.61
N GLN A 124 5.45 13.95 -0.97
CA GLN A 124 4.45 14.76 -1.73
C GLN A 124 5.16 15.88 -2.51
N ASN A 125 6.33 16.26 -2.08
CA ASN A 125 7.07 17.34 -2.79
C ASN A 125 7.48 16.88 -4.19
N ARG A 126 7.50 15.59 -4.41
CA ARG A 126 7.90 15.08 -5.76
C ARG A 126 6.88 15.50 -6.82
N VAL A 127 5.72 15.95 -6.40
CA VAL A 127 4.69 16.37 -7.38
C VAL A 127 5.28 17.41 -8.35
N ILE A 128 4.98 17.28 -9.61
CA ILE A 128 5.52 18.26 -10.59
C ILE A 128 4.99 19.67 -10.29
N PRO A 1 -3.47 -14.64 -3.18
CA PRO A 1 -3.32 -14.68 -1.69
C PRO A 1 -4.17 -13.58 -1.04
N THR A 2 -4.17 -13.51 0.26
CA THR A 2 -4.97 -12.47 0.96
C THR A 2 -4.10 -11.24 1.25
N VAL A 3 -4.71 -10.08 1.32
CA VAL A 3 -3.92 -8.85 1.60
C VAL A 3 -4.72 -7.89 2.47
N GLU A 4 -4.10 -6.85 2.96
CA GLU A 4 -4.84 -5.87 3.81
C GLU A 4 -4.42 -4.44 3.46
N TYR A 5 -5.33 -3.63 3.03
CA TYR A 5 -4.98 -2.22 2.67
C TYR A 5 -5.43 -1.25 3.76
N LEU A 6 -4.58 -0.34 4.15
CA LEU A 6 -4.96 0.64 5.21
C LEU A 6 -4.63 2.06 4.74
N ASN A 7 -5.62 2.91 4.65
CA ASN A 7 -5.38 4.31 4.18
C ASN A 7 -4.28 4.98 5.01
N TYR A 8 -3.26 5.47 4.38
CA TYR A 8 -2.16 6.16 5.13
C TYR A 8 -2.71 7.43 5.79
N GLU A 9 -3.57 8.13 5.11
CA GLU A 9 -4.14 9.38 5.69
C GLU A 9 -4.86 9.05 7.01
N THR A 10 -5.37 7.86 7.14
CA THR A 10 -6.07 7.48 8.40
C THR A 10 -5.06 7.41 9.55
N LEU A 11 -3.85 7.04 9.26
CA LEU A 11 -2.81 6.95 10.33
C LEU A 11 -2.32 8.35 10.70
N ASP A 12 -2.04 9.17 9.72
CA ASP A 12 -1.56 10.55 10.02
C ASP A 12 -2.71 11.37 10.61
N ASP A 13 -3.85 11.34 9.98
CA ASP A 13 -5.01 12.12 10.52
C ASP A 13 -5.34 11.65 11.94
N GLN A 14 -5.59 10.38 12.10
CA GLN A 14 -5.91 9.85 13.46
C GLN A 14 -4.70 10.04 14.39
N GLY A 15 -3.54 10.25 13.83
CA GLY A 15 -2.34 10.44 14.68
C GLY A 15 -1.90 9.10 15.26
N TRP A 16 -2.28 8.02 14.63
CA TRP A 16 -1.88 6.68 15.16
C TRP A 16 -0.47 6.31 14.67
N ASP A 17 -0.05 5.10 14.90
CA ASP A 17 1.31 4.68 14.45
C ASP A 17 1.20 3.54 13.44
N MET A 18 2.31 3.10 12.90
CA MET A 18 2.26 1.98 11.91
C MET A 18 2.07 0.64 12.62
N ASP A 19 2.90 0.33 13.57
CA ASP A 19 2.76 -0.97 14.29
C ASP A 19 2.49 -0.73 15.78
N ASP A 20 2.56 0.49 16.21
CA ASP A 20 2.30 0.78 17.67
C ASP A 20 0.82 0.57 17.99
N ASP A 21 -0.03 1.41 17.48
CA ASP A 21 -1.49 1.25 17.77
C ASP A 21 -2.11 0.17 16.88
N ASP A 22 -1.30 -0.57 16.17
CA ASP A 22 -1.84 -1.64 15.29
C ASP A 22 -2.99 -1.08 14.43
N LEU A 23 -2.73 0.01 13.75
CA LEU A 23 -3.80 0.61 12.89
C LEU A 23 -4.56 -0.49 12.14
N PHE A 24 -3.88 -1.24 11.32
CA PHE A 24 -4.55 -2.33 10.56
C PHE A 24 -5.49 -3.09 11.50
N GLU A 25 -5.18 -3.10 12.76
CA GLU A 25 -6.05 -3.84 13.73
C GLU A 25 -7.00 -2.87 14.45
N LYS A 26 -6.50 -1.73 14.86
CA LYS A 26 -7.37 -0.75 15.57
C LYS A 26 -8.31 -0.07 14.58
N ALA A 27 -8.12 -0.29 13.31
CA ALA A 27 -9.02 0.35 12.30
C ALA A 27 -10.34 -0.43 12.19
N ALA A 28 -10.33 -1.68 12.58
CA ALA A 28 -11.58 -2.48 12.49
C ALA A 28 -12.50 -2.18 13.67
N ASP A 29 -11.96 -1.65 14.74
CA ASP A 29 -12.79 -1.34 15.92
C ASP A 29 -13.25 0.12 15.88
N ALA A 30 -12.70 0.90 14.99
CA ALA A 30 -13.11 2.33 14.90
C ALA A 30 -14.24 2.49 13.88
N GLY A 31 -14.30 1.63 12.91
CA GLY A 31 -15.37 1.73 11.88
C GLY A 31 -14.96 2.74 10.81
N LEU A 32 -13.84 2.51 10.17
CA LEU A 32 -13.39 3.45 9.11
C LEU A 32 -14.00 3.07 7.77
N ASP A 33 -13.69 3.80 6.72
CA ASP A 33 -14.27 3.47 5.39
C ASP A 33 -13.73 2.12 4.90
N GLY A 34 -14.42 1.49 4.01
CA GLY A 34 -13.94 0.17 3.49
C GLY A 34 -12.88 0.39 2.42
N GLU A 35 -12.94 1.51 1.75
CA GLU A 35 -11.92 1.78 0.69
C GLU A 35 -10.60 2.22 1.35
N ASP A 36 -10.68 2.76 2.54
CA ASP A 36 -9.44 3.20 3.23
C ASP A 36 -8.81 2.01 3.97
N TYR A 37 -9.60 1.28 4.70
CA TYR A 37 -9.05 0.10 5.43
C TYR A 37 -9.90 -1.14 5.17
N GLY A 38 -9.29 -2.28 5.09
CA GLY A 38 -10.07 -3.53 4.83
C GLY A 38 -9.14 -4.62 4.34
N THR A 39 -9.63 -5.82 4.19
CA THR A 39 -8.76 -6.94 3.72
C THR A 39 -8.87 -7.09 2.20
N MET A 40 -7.77 -7.06 1.51
CA MET A 40 -7.82 -7.21 0.03
C MET A 40 -7.66 -8.67 -0.37
N GLU A 41 -8.35 -9.11 -1.38
CA GLU A 41 -8.23 -10.52 -1.82
C GLU A 41 -7.93 -10.60 -3.32
N VAL A 42 -6.77 -11.08 -3.68
CA VAL A 42 -6.42 -11.18 -5.12
C VAL A 42 -5.54 -12.41 -5.37
N ALA A 43 -5.63 -12.97 -6.55
CA ALA A 43 -4.80 -14.18 -6.86
C ALA A 43 -3.36 -13.78 -7.16
N GLU A 44 -2.44 -14.70 -7.00
CA GLU A 44 -1.02 -14.38 -7.27
C GLU A 44 -0.81 -14.15 -8.78
N GLY A 45 -0.35 -12.99 -9.15
CA GLY A 45 -0.13 -12.71 -10.59
C GLY A 45 -1.01 -11.53 -11.01
N GLU A 46 -1.95 -11.15 -10.18
CA GLU A 46 -2.84 -10.01 -10.52
C GLU A 46 -2.33 -8.73 -9.87
N TYR A 47 -2.08 -7.72 -10.64
CA TYR A 47 -1.57 -6.44 -10.07
C TYR A 47 -2.41 -6.03 -8.85
N ILE A 48 -1.77 -5.82 -7.73
CA ILE A 48 -2.53 -5.42 -6.50
C ILE A 48 -3.46 -4.25 -6.83
N LEU A 49 -2.91 -3.15 -7.25
CA LEU A 49 -3.77 -1.97 -7.58
C LEU A 49 -4.95 -2.39 -8.47
N GLU A 50 -4.72 -3.31 -9.37
CA GLU A 50 -5.82 -3.78 -10.26
C GLU A 50 -6.82 -4.61 -9.47
N ALA A 51 -6.35 -5.58 -8.73
CA ALA A 51 -7.27 -6.44 -7.93
C ALA A 51 -8.07 -5.59 -6.94
N ALA A 52 -7.39 -4.82 -6.14
CA ALA A 52 -8.10 -3.96 -5.15
C ALA A 52 -8.97 -2.93 -5.88
N GLU A 53 -8.53 -2.47 -7.02
CA GLU A 53 -9.33 -1.48 -7.78
C GLU A 53 -10.65 -2.11 -8.23
N ALA A 54 -10.68 -3.40 -8.38
CA ALA A 54 -11.93 -4.08 -8.79
C ALA A 54 -12.91 -4.11 -7.63
N GLN A 55 -12.42 -4.03 -6.42
CA GLN A 55 -13.33 -4.05 -5.24
C GLN A 55 -13.84 -2.63 -4.92
N GLY A 56 -13.25 -1.64 -5.53
CA GLY A 56 -13.68 -0.25 -5.25
C GLY A 56 -12.54 0.53 -4.60
N TYR A 57 -11.41 -0.10 -4.42
CA TYR A 57 -10.25 0.60 -3.79
C TYR A 57 -9.57 1.51 -4.81
N ASP A 58 -9.31 2.74 -4.45
CA ASP A 58 -8.64 3.68 -5.39
C ASP A 58 -7.16 3.83 -5.04
N TRP A 59 -6.30 3.87 -6.03
CA TRP A 59 -4.85 4.02 -5.74
C TRP A 59 -4.25 5.11 -6.64
N PRO A 60 -3.30 5.82 -6.09
CA PRO A 60 -2.62 6.90 -6.84
C PRO A 60 -1.68 6.30 -7.89
N PHE A 61 -1.65 6.86 -9.06
CA PHE A 61 -0.76 6.32 -10.13
C PHE A 61 -0.51 7.38 -11.19
N SER A 62 0.62 7.33 -11.85
CA SER A 62 0.92 8.35 -12.89
C SER A 62 1.69 7.73 -14.05
N CYS A 63 2.83 7.15 -13.78
CA CYS A 63 3.64 6.55 -14.88
C CYS A 63 3.06 5.18 -15.32
N ARG A 64 2.51 4.42 -14.41
CA ARG A 64 1.90 3.10 -14.79
C ARG A 64 2.93 2.17 -15.44
N ALA A 65 4.16 2.27 -15.06
CA ALA A 65 5.22 1.38 -15.64
C ALA A 65 6.19 0.92 -14.54
N GLY A 66 5.95 1.30 -13.32
CA GLY A 66 6.86 0.88 -12.22
C GLY A 66 8.14 1.70 -12.28
N ALA A 67 8.05 2.97 -12.60
CA ALA A 67 9.28 3.80 -12.68
C ALA A 67 9.11 5.12 -11.90
N CYS A 68 8.22 5.16 -10.95
CA CYS A 68 8.04 6.42 -10.15
C CYS A 68 7.55 6.08 -8.74
N ALA A 69 7.18 7.09 -7.97
CA ALA A 69 6.72 6.81 -6.57
C ALA A 69 5.33 7.41 -6.32
N ASN A 70 4.69 7.92 -7.34
CA ASN A 70 3.33 8.51 -7.15
C ASN A 70 2.38 7.47 -6.56
N CYS A 71 2.52 6.23 -6.96
CA CYS A 71 1.63 5.17 -6.42
C CYS A 71 2.28 4.47 -5.22
N ALA A 72 3.32 5.05 -4.70
CA ALA A 72 4.03 4.42 -3.54
C ALA A 72 3.03 3.97 -2.46
N SER A 73 3.44 3.03 -1.65
CA SER A 73 2.56 2.52 -0.56
C SER A 73 3.39 2.22 0.69
N ILE A 74 2.88 1.44 1.59
CA ILE A 74 3.65 1.10 2.83
C ILE A 74 3.33 -0.32 3.28
N VAL A 75 3.90 -1.30 2.63
CA VAL A 75 3.65 -2.71 3.02
C VAL A 75 3.84 -2.89 4.53
N LYS A 76 2.80 -3.25 5.24
CA LYS A 76 2.93 -3.43 6.72
C LYS A 76 3.47 -4.83 7.03
N GLU A 77 3.45 -5.72 6.08
CA GLU A 77 3.96 -7.09 6.34
C GLU A 77 3.80 -7.96 5.10
N GLY A 78 4.32 -9.15 5.11
CA GLY A 78 4.20 -10.04 3.93
C GLY A 78 5.20 -9.61 2.86
N GLU A 79 5.00 -9.99 1.63
CA GLU A 79 5.95 -9.60 0.56
C GLU A 79 5.22 -9.50 -0.78
N ILE A 80 5.66 -8.62 -1.65
CA ILE A 80 5.00 -8.47 -2.97
C ILE A 80 5.97 -8.84 -4.10
N ASP A 81 5.49 -9.45 -5.14
CA ASP A 81 6.39 -9.84 -6.26
C ASP A 81 6.48 -8.73 -7.29
N MET A 82 7.66 -8.42 -7.76
CA MET A 82 7.81 -7.34 -8.78
C MET A 82 8.72 -7.81 -9.92
N ASP A 83 9.09 -6.93 -10.80
CA ASP A 83 9.97 -7.34 -11.93
C ASP A 83 11.32 -6.59 -11.85
N MET A 84 12.19 -6.82 -12.80
CA MET A 84 13.51 -6.14 -12.78
C MET A 84 13.33 -4.62 -12.94
N GLN A 85 13.91 -3.86 -12.06
CA GLN A 85 13.77 -2.37 -12.16
C GLN A 85 14.83 -1.69 -11.30
N GLN A 86 14.65 -0.43 -11.01
CA GLN A 86 15.65 0.30 -10.17
C GLN A 86 15.13 1.68 -9.78
N ILE A 87 13.83 1.82 -9.65
CA ILE A 87 13.26 3.14 -9.26
C ILE A 87 13.21 3.29 -7.74
N LEU A 88 12.85 2.26 -7.04
CA LEU A 88 12.78 2.34 -5.56
C LEU A 88 14.08 1.81 -4.93
N SER A 89 14.28 2.07 -3.66
CA SER A 89 15.52 1.57 -3.00
C SER A 89 15.19 0.41 -2.07
N ASP A 90 16.10 -0.51 -1.91
CA ASP A 90 15.83 -1.68 -1.02
C ASP A 90 15.54 -1.21 0.41
N GLU A 91 16.37 -0.36 0.94
CA GLU A 91 16.14 0.14 2.32
C GLU A 91 14.74 0.75 2.43
N GLU A 92 14.14 1.10 1.32
CA GLU A 92 12.78 1.69 1.35
C GLU A 92 11.73 0.59 1.55
N VAL A 93 11.91 -0.54 0.92
CA VAL A 93 10.92 -1.64 1.07
C VAL A 93 11.04 -2.26 2.47
N GLU A 94 12.19 -2.15 3.09
CA GLU A 94 12.36 -2.72 4.45
C GLU A 94 12.03 -1.69 5.52
N GLU A 95 12.62 -0.53 5.44
CA GLU A 95 12.35 0.53 6.46
C GLU A 95 11.14 1.37 6.06
N LYS A 96 11.06 1.75 4.81
CA LYS A 96 9.91 2.58 4.35
C LYS A 96 8.74 1.70 3.93
N ASP A 97 8.93 0.41 3.91
CA ASP A 97 7.82 -0.51 3.52
C ASP A 97 7.15 0.00 2.24
N VAL A 98 7.85 0.77 1.45
CA VAL A 98 7.23 1.30 0.21
C VAL A 98 7.22 0.24 -0.89
N ARG A 99 6.38 0.41 -1.87
CA ARG A 99 6.31 -0.59 -2.99
C ARG A 99 5.39 -0.06 -4.09
N LEU A 100 5.55 -0.55 -5.29
CA LEU A 100 4.70 -0.08 -6.42
C LEU A 100 3.53 -1.05 -6.63
N THR A 101 2.34 -0.64 -6.28
CA THR A 101 1.16 -1.55 -6.46
C THR A 101 0.68 -1.51 -7.91
N CYS A 102 1.05 -0.50 -8.65
CA CYS A 102 0.61 -0.43 -10.08
C CYS A 102 1.32 -1.49 -10.91
N ILE A 103 2.51 -1.86 -10.54
CA ILE A 103 3.25 -2.90 -11.30
C ILE A 103 3.79 -3.98 -10.37
N GLY A 104 3.19 -4.15 -9.23
CA GLY A 104 3.67 -5.19 -8.27
C GLY A 104 2.53 -6.15 -7.92
N SER A 105 2.83 -7.41 -7.81
CA SER A 105 1.77 -8.40 -7.47
C SER A 105 2.03 -8.97 -6.08
N PRO A 106 0.99 -9.47 -5.46
CA PRO A 106 1.10 -10.06 -4.10
C PRO A 106 1.83 -11.41 -4.16
N ALA A 107 2.64 -11.70 -3.19
CA ALA A 107 3.37 -12.99 -3.19
C ALA A 107 2.95 -13.84 -1.99
N ALA A 108 3.41 -13.50 -0.82
CA ALA A 108 3.05 -14.28 0.40
C ALA A 108 1.52 -14.45 0.48
N ASP A 109 1.06 -15.26 1.38
CA ASP A 109 -0.41 -15.47 1.52
C ASP A 109 -1.07 -14.25 2.16
N GLU A 110 -0.77 -13.98 3.40
CA GLU A 110 -1.38 -12.79 4.08
C GLU A 110 -0.38 -11.62 4.06
N VAL A 111 -0.64 -10.61 3.28
CA VAL A 111 0.28 -9.45 3.22
C VAL A 111 -0.47 -8.15 3.56
N LYS A 112 0.17 -7.26 4.25
CA LYS A 112 -0.51 -5.98 4.61
C LYS A 112 0.24 -4.78 4.01
N ILE A 113 -0.47 -3.78 3.60
CA ILE A 113 0.21 -2.59 3.00
C ILE A 113 -0.72 -1.38 3.05
N VAL A 114 -0.19 -0.21 3.32
CA VAL A 114 -1.04 1.00 3.38
C VAL A 114 -1.19 1.59 1.96
N TYR A 115 -2.38 1.98 1.58
CA TYR A 115 -2.58 2.54 0.22
C TYR A 115 -2.54 4.07 0.28
N ASN A 116 -2.10 4.71 -0.78
CA ASN A 116 -2.02 6.20 -0.79
C ASN A 116 -0.85 6.67 0.08
N ALA A 117 0.32 6.16 -0.15
CA ALA A 117 1.50 6.59 0.66
C ALA A 117 1.96 7.98 0.23
N HIS A 119 0.81 10.50 0.45
CA HIS A 119 0.49 11.48 1.52
C HIS A 119 1.71 11.70 2.40
N LEU A 120 2.57 10.73 2.51
CA LEU A 120 3.80 10.89 3.35
C LEU A 120 4.50 12.21 3.00
N ASP A 121 4.82 13.00 3.98
CA ASP A 121 5.51 14.30 3.71
C ASP A 121 6.76 14.06 2.85
N TYR A 122 7.29 12.88 2.87
CA TYR A 122 8.52 12.59 2.06
C TYR A 122 8.17 12.56 0.57
N LEU A 123 6.91 12.47 0.24
CA LEU A 123 6.52 12.42 -1.20
C LEU A 123 5.66 13.65 -1.55
N GLN A 124 5.03 14.25 -0.57
CA GLN A 124 4.18 15.44 -0.86
C GLN A 124 5.01 16.50 -1.58
N ASN A 125 6.30 16.51 -1.38
CA ASN A 125 7.16 17.52 -2.05
C ASN A 125 7.12 17.33 -3.56
N ARG A 126 6.70 16.17 -4.02
CA ARG A 126 6.64 15.91 -5.49
C ARG A 126 5.37 16.53 -6.07
N VAL A 127 4.49 16.99 -5.24
CA VAL A 127 3.23 17.62 -5.75
C VAL A 127 3.52 19.01 -6.31
N ILE A 128 2.69 19.48 -7.21
CA ILE A 128 2.92 20.84 -7.78
C ILE A 128 1.77 21.77 -7.41
N PRO A 1 -3.70 -15.74 -0.82
CA PRO A 1 -3.72 -14.56 -1.73
C PRO A 1 -4.59 -13.44 -1.14
N THR A 2 -4.26 -12.99 0.04
CA THR A 2 -5.06 -11.90 0.67
C THR A 2 -4.14 -10.75 1.11
N VAL A 3 -4.55 -9.53 0.87
CA VAL A 3 -3.72 -8.37 1.28
C VAL A 3 -4.57 -7.32 1.99
N GLU A 4 -4.20 -6.94 3.19
CA GLU A 4 -5.00 -5.93 3.93
C GLU A 4 -4.61 -4.51 3.50
N TYR A 5 -5.58 -3.71 3.13
CA TYR A 5 -5.26 -2.32 2.70
C TYR A 5 -5.62 -1.32 3.81
N LEU A 6 -4.72 -0.42 4.12
CA LEU A 6 -4.99 0.57 5.20
C LEU A 6 -4.69 1.99 4.68
N ASN A 7 -5.69 2.83 4.62
CA ASN A 7 -5.46 4.22 4.10
C ASN A 7 -4.36 4.91 4.90
N TYR A 8 -3.35 5.39 4.23
CA TYR A 8 -2.25 6.09 4.95
C TYR A 8 -2.80 7.32 5.68
N GLU A 9 -3.77 7.97 5.10
CA GLU A 9 -4.36 9.17 5.76
C GLU A 9 -5.02 8.76 7.08
N THR A 10 -5.59 7.60 7.14
CA THR A 10 -6.23 7.14 8.41
C THR A 10 -5.20 7.15 9.53
N LEU A 11 -4.00 6.74 9.22
CA LEU A 11 -2.93 6.73 10.27
C LEU A 11 -2.63 8.16 10.72
N ASP A 12 -2.55 9.07 9.79
CA ASP A 12 -2.27 10.49 10.15
C ASP A 12 -3.53 11.17 10.68
N ASP A 13 -4.60 11.14 9.93
CA ASP A 13 -5.86 11.79 10.39
C ASP A 13 -6.11 11.46 11.86
N GLN A 14 -6.29 10.21 12.18
CA GLN A 14 -6.53 9.83 13.59
C GLN A 14 -5.30 10.13 14.44
N GLY A 15 -4.15 10.22 13.82
CA GLY A 15 -2.91 10.50 14.60
C GLY A 15 -2.44 9.23 15.30
N TRP A 16 -2.46 8.12 14.62
CA TRP A 16 -2.01 6.85 15.26
C TRP A 16 -0.58 6.52 14.87
N ASP A 17 -0.16 5.31 15.08
CA ASP A 17 1.23 4.91 14.72
C ASP A 17 1.23 4.00 13.51
N MET A 18 2.37 3.77 12.91
CA MET A 18 2.42 2.87 11.72
C MET A 18 2.28 1.41 12.15
N ASP A 19 3.15 0.96 13.02
CA ASP A 19 3.06 -0.45 13.49
C ASP A 19 3.00 -0.49 15.02
N ASP A 20 3.04 0.65 15.66
CA ASP A 20 2.99 0.67 17.14
C ASP A 20 1.56 0.41 17.63
N ASP A 21 0.64 1.24 17.25
CA ASP A 21 -0.78 1.04 17.67
C ASP A 21 -1.45 -0.03 16.81
N ASP A 22 -0.70 -0.64 15.92
CA ASP A 22 -1.29 -1.69 15.06
C ASP A 22 -2.57 -1.18 14.40
N LEU A 23 -2.51 -0.03 13.78
CA LEU A 23 -3.71 0.54 13.10
C LEU A 23 -4.43 -0.56 12.32
N PHE A 24 -3.72 -1.26 11.46
CA PHE A 24 -4.36 -2.36 10.68
C PHE A 24 -5.25 -3.18 11.60
N GLU A 25 -4.89 -3.26 12.85
CA GLU A 25 -5.70 -4.04 13.82
C GLU A 25 -6.72 -3.13 14.52
N LYS A 26 -6.28 -1.99 14.97
CA LYS A 26 -7.22 -1.05 15.65
C LYS A 26 -8.18 -0.44 14.63
N ALA A 27 -7.89 -0.60 13.37
CA ALA A 27 -8.78 -0.03 12.31
C ALA A 27 -10.05 -0.88 12.20
N ALA A 28 -10.02 -2.07 12.75
CA ALA A 28 -11.22 -2.94 12.68
C ALA A 28 -12.22 -2.56 13.77
N ASP A 29 -11.74 -1.95 14.82
CA ASP A 29 -12.66 -1.54 15.92
C ASP A 29 -13.29 -0.19 15.61
N ALA A 30 -12.62 0.62 14.84
CA ALA A 30 -13.19 1.95 14.48
C ALA A 30 -14.19 1.82 13.34
N GLY A 31 -13.91 0.96 12.40
CA GLY A 31 -14.85 0.77 11.26
C GLY A 31 -14.71 1.94 10.28
N LEU A 32 -13.50 2.25 9.89
CA LEU A 32 -13.30 3.38 8.94
C LEU A 32 -13.85 3.01 7.56
N ASP A 33 -13.99 3.96 6.67
CA ASP A 33 -14.53 3.65 5.32
C ASP A 33 -13.85 2.40 4.75
N GLY A 34 -14.62 1.43 4.35
CA GLY A 34 -14.01 0.18 3.79
C GLY A 34 -13.04 0.55 2.66
N GLU A 35 -13.21 1.72 2.10
CA GLU A 35 -12.30 2.14 0.99
C GLU A 35 -10.93 2.55 1.54
N ASP A 36 -10.83 2.70 2.84
CA ASP A 36 -9.53 3.10 3.45
C ASP A 36 -8.90 1.91 4.17
N TYR A 37 -9.65 1.20 4.95
CA TYR A 37 -9.09 0.03 5.68
C TYR A 37 -9.93 -1.22 5.42
N GLY A 38 -9.32 -2.37 5.39
CA GLY A 38 -10.10 -3.61 5.16
C GLY A 38 -9.18 -4.68 4.54
N THR A 39 -9.67 -5.87 4.36
CA THR A 39 -8.82 -6.94 3.78
C THR A 39 -9.05 -7.03 2.26
N MET A 40 -7.99 -6.98 1.50
CA MET A 40 -8.14 -7.06 0.02
C MET A 40 -8.03 -8.52 -0.44
N GLU A 41 -8.43 -8.81 -1.64
CA GLU A 41 -8.33 -10.21 -2.13
C GLU A 41 -7.82 -10.24 -3.58
N VAL A 42 -6.67 -10.81 -3.78
CA VAL A 42 -6.12 -10.88 -5.17
C VAL A 42 -5.11 -12.03 -5.27
N ALA A 43 -5.08 -12.71 -6.39
CA ALA A 43 -4.12 -13.84 -6.55
C ALA A 43 -2.71 -13.30 -6.80
N GLU A 44 -1.70 -14.06 -6.48
CA GLU A 44 -0.31 -13.60 -6.70
C GLU A 44 -0.04 -13.44 -8.20
N GLY A 45 0.24 -12.25 -8.63
CA GLY A 45 0.50 -12.02 -10.09
C GLY A 45 -0.42 -10.92 -10.60
N GLU A 46 -1.41 -10.56 -9.82
CA GLU A 46 -2.35 -9.49 -10.25
C GLU A 46 -2.01 -8.18 -9.54
N TYR A 47 -1.63 -7.17 -10.28
CA TYR A 47 -1.29 -5.86 -9.64
C TYR A 47 -2.31 -5.51 -8.56
N ILE A 48 -1.86 -5.23 -7.37
CA ILE A 48 -2.80 -4.87 -6.27
C ILE A 48 -3.72 -3.73 -6.71
N LEU A 49 -3.18 -2.74 -7.36
CA LEU A 49 -4.01 -1.58 -7.81
C LEU A 49 -5.20 -2.08 -8.64
N GLU A 50 -4.97 -3.05 -9.49
CA GLU A 50 -6.09 -3.58 -10.33
C GLU A 50 -7.01 -4.49 -9.50
N ALA A 51 -6.45 -5.38 -8.75
CA ALA A 51 -7.31 -6.30 -7.93
C ALA A 51 -8.11 -5.52 -6.90
N ALA A 52 -7.47 -4.60 -6.22
CA ALA A 52 -8.21 -3.80 -5.20
C ALA A 52 -9.14 -2.80 -5.87
N GLU A 53 -8.80 -2.34 -7.04
CA GLU A 53 -9.68 -1.37 -7.76
C GLU A 53 -11.01 -2.04 -8.12
N ALA A 54 -10.97 -3.31 -8.42
CA ALA A 54 -12.23 -4.02 -8.78
C ALA A 54 -13.05 -4.30 -7.50
N GLN A 55 -12.46 -4.10 -6.36
CA GLN A 55 -13.19 -4.35 -5.08
C GLN A 55 -13.77 -3.04 -4.55
N GLY A 56 -13.37 -1.92 -5.10
CA GLY A 56 -13.90 -0.61 -4.61
C GLY A 56 -12.76 0.19 -3.99
N TYR A 57 -11.55 -0.02 -4.44
CA TYR A 57 -10.41 0.73 -3.86
C TYR A 57 -9.79 1.64 -4.94
N ASP A 58 -9.27 2.77 -4.54
CA ASP A 58 -8.65 3.69 -5.53
C ASP A 58 -7.18 3.91 -5.19
N TRP A 59 -6.30 3.86 -6.17
CA TRP A 59 -4.86 4.04 -5.88
C TRP A 59 -4.25 5.10 -6.80
N PRO A 60 -3.30 5.81 -6.28
CA PRO A 60 -2.62 6.87 -7.07
C PRO A 60 -1.68 6.24 -8.10
N PHE A 61 -1.72 6.71 -9.31
CA PHE A 61 -0.84 6.13 -10.36
C PHE A 61 -0.67 7.13 -11.51
N SER A 62 0.44 7.06 -12.19
CA SER A 62 0.68 8.00 -13.32
C SER A 62 1.42 7.30 -14.46
N CYS A 63 2.58 6.77 -14.18
CA CYS A 63 3.37 6.09 -15.25
C CYS A 63 2.81 4.68 -15.53
N ARG A 64 2.37 3.97 -14.52
CA ARG A 64 1.78 2.61 -14.75
C ARG A 64 2.77 1.66 -15.44
N ALA A 65 4.04 1.84 -15.21
CA ALA A 65 5.06 0.96 -15.85
C ALA A 65 6.16 0.60 -14.83
N GLY A 66 6.03 1.04 -13.61
CA GLY A 66 7.07 0.72 -12.59
C GLY A 66 8.28 1.65 -12.77
N ALA A 67 8.06 2.89 -13.08
CA ALA A 67 9.20 3.83 -13.27
C ALA A 67 9.03 5.11 -12.43
N CYS A 68 8.07 5.14 -11.55
CA CYS A 68 7.89 6.37 -10.71
C CYS A 68 7.39 5.99 -9.32
N ALA A 69 7.09 6.96 -8.48
CA ALA A 69 6.63 6.63 -7.10
C ALA A 69 5.26 7.26 -6.80
N ASN A 70 4.62 7.80 -7.79
CA ASN A 70 3.28 8.43 -7.55
C ASN A 70 2.32 7.40 -6.94
N CYS A 71 2.50 6.14 -7.25
CA CYS A 71 1.59 5.10 -6.68
C CYS A 71 2.24 4.43 -5.46
N ALA A 72 3.34 4.96 -5.01
CA ALA A 72 4.04 4.37 -3.84
C ALA A 72 3.04 3.89 -2.77
N SER A 73 3.46 2.95 -1.96
CA SER A 73 2.57 2.43 -0.89
C SER A 73 3.39 2.12 0.37
N ILE A 74 2.83 1.42 1.31
CA ILE A 74 3.59 1.08 2.54
C ILE A 74 3.14 -0.28 3.07
N VAL A 75 3.77 -1.33 2.63
CA VAL A 75 3.37 -2.70 3.10
C VAL A 75 3.48 -2.78 4.63
N LYS A 76 2.43 -3.21 5.28
CA LYS A 76 2.50 -3.32 6.77
C LYS A 76 2.69 -4.78 7.17
N GLU A 77 2.82 -5.65 6.22
CA GLU A 77 3.01 -7.10 6.54
C GLU A 77 2.95 -7.94 5.26
N GLY A 78 3.75 -8.96 5.17
CA GLY A 78 3.74 -9.82 3.94
C GLY A 78 4.91 -9.42 3.03
N GLU A 79 4.92 -9.92 1.83
CA GLU A 79 6.04 -9.57 0.90
C GLU A 79 5.52 -9.52 -0.55
N ILE A 80 5.48 -8.35 -1.13
CA ILE A 80 4.99 -8.24 -2.53
C ILE A 80 6.13 -8.51 -3.52
N ASP A 81 5.81 -9.07 -4.66
CA ASP A 81 6.87 -9.36 -5.67
C ASP A 81 7.03 -8.18 -6.62
N MET A 82 8.23 -7.92 -7.06
CA MET A 82 8.46 -6.78 -7.99
C MET A 82 9.60 -7.10 -8.95
N ASP A 83 9.34 -7.12 -10.23
CA ASP A 83 10.41 -7.43 -11.21
C ASP A 83 11.60 -6.49 -11.01
N MET A 84 12.78 -6.93 -11.39
CA MET A 84 13.99 -6.06 -11.21
C MET A 84 13.71 -4.64 -11.72
N GLN A 85 14.12 -3.65 -10.98
CA GLN A 85 13.89 -2.24 -11.42
C GLN A 85 14.89 -1.31 -10.73
N GLN A 86 15.03 -0.10 -11.20
CA GLN A 86 15.99 0.84 -10.57
C GLN A 86 15.29 2.13 -10.14
N ILE A 87 13.99 2.08 -9.99
CA ILE A 87 13.25 3.30 -9.57
C ILE A 87 13.24 3.41 -8.04
N LEU A 88 13.24 2.30 -7.36
CA LEU A 88 13.24 2.34 -5.87
C LEU A 88 14.40 1.49 -5.34
N SER A 89 14.44 1.25 -4.05
CA SER A 89 15.55 0.44 -3.48
C SER A 89 14.97 -0.67 -2.59
N ASP A 90 15.59 -1.83 -2.61
CA ASP A 90 15.09 -2.95 -1.76
C ASP A 90 15.00 -2.50 -0.30
N GLU A 91 15.98 -1.78 0.16
CA GLU A 91 15.96 -1.31 1.58
C GLU A 91 14.69 -0.49 1.81
N GLU A 92 14.22 0.20 0.82
CA GLU A 92 12.97 1.00 0.98
C GLU A 92 11.79 0.07 1.22
N VAL A 93 11.85 -1.12 0.70
CA VAL A 93 10.73 -2.08 0.90
C VAL A 93 10.80 -2.70 2.30
N GLU A 94 11.98 -2.89 2.81
CA GLU A 94 12.13 -3.48 4.16
C GLU A 94 12.17 -2.37 5.22
N GLU A 95 12.75 -1.25 4.89
CA GLU A 95 12.81 -0.13 5.87
C GLU A 95 11.70 0.89 5.61
N LYS A 96 11.17 0.92 4.42
CA LYS A 96 10.08 1.89 4.12
C LYS A 96 8.80 1.16 3.73
N ASP A 97 8.91 -0.12 3.43
CA ASP A 97 7.70 -0.91 3.05
C ASP A 97 7.03 -0.29 1.81
N VAL A 98 7.76 0.42 1.01
CA VAL A 98 7.15 1.02 -0.21
C VAL A 98 7.34 0.11 -1.42
N ARG A 99 6.39 0.07 -2.31
CA ARG A 99 6.53 -0.79 -3.52
C ARG A 99 5.74 -0.20 -4.69
N LEU A 100 5.48 -0.97 -5.70
CA LEU A 100 4.72 -0.44 -6.88
C LEU A 100 3.32 -1.08 -6.93
N THR A 101 2.30 -0.28 -6.74
CA THR A 101 0.91 -0.84 -6.77
C THR A 101 0.43 -0.98 -8.22
N CYS A 102 1.01 -0.23 -9.12
CA CYS A 102 0.57 -0.32 -10.55
C CYS A 102 1.16 -1.56 -11.21
N ILE A 103 2.36 -1.93 -10.84
CA ILE A 103 3.00 -3.13 -11.45
C ILE A 103 3.60 -4.02 -10.36
N GLY A 104 3.02 -4.01 -9.19
CA GLY A 104 3.55 -4.87 -8.09
C GLY A 104 2.47 -5.86 -7.66
N SER A 105 2.86 -7.06 -7.32
CA SER A 105 1.85 -8.08 -6.90
C SER A 105 2.31 -8.76 -5.61
N PRO A 106 1.35 -9.23 -4.86
CA PRO A 106 1.64 -9.93 -3.58
C PRO A 106 2.22 -11.32 -3.84
N ALA A 107 3.23 -11.70 -3.11
CA ALA A 107 3.84 -13.05 -3.31
C ALA A 107 3.53 -13.95 -2.11
N ALA A 108 3.10 -13.37 -1.03
CA ALA A 108 2.78 -14.20 0.17
C ALA A 108 1.26 -14.30 0.36
N ASP A 109 0.82 -15.09 1.31
CA ASP A 109 -0.64 -15.22 1.53
C ASP A 109 -1.20 -13.92 2.14
N GLU A 110 -0.94 -13.68 3.39
CA GLU A 110 -1.45 -12.43 4.03
C GLU A 110 -0.45 -11.29 3.84
N VAL A 111 -0.86 -10.21 3.23
CA VAL A 111 0.09 -9.08 3.01
C VAL A 111 -0.61 -7.75 3.29
N LYS A 112 -0.35 -7.16 4.44
CA LYS A 112 -0.99 -5.86 4.76
C LYS A 112 -0.20 -4.72 4.11
N ILE A 113 -0.86 -3.67 3.72
CA ILE A 113 -0.13 -2.53 3.07
C ILE A 113 -0.97 -1.26 3.13
N VAL A 114 -0.33 -0.12 3.23
CA VAL A 114 -1.09 1.16 3.27
C VAL A 114 -1.27 1.69 1.84
N TYR A 115 -2.47 1.99 1.46
CA TYR A 115 -2.71 2.50 0.08
C TYR A 115 -2.66 4.04 0.06
N ASN A 116 -2.17 4.60 -1.02
CA ASN A 116 -2.07 6.09 -1.13
C ASN A 116 -0.92 6.61 -0.26
N ALA A 117 0.28 6.17 -0.53
CA ALA A 117 1.44 6.64 0.28
C ALA A 117 1.90 8.02 -0.21
N HIS A 119 0.63 10.52 -0.17
CA HIS A 119 0.21 11.55 0.83
C HIS A 119 1.37 11.88 1.76
N LEU A 120 2.24 10.94 1.98
CA LEU A 120 3.41 11.18 2.87
C LEU A 120 3.99 12.58 2.63
N ASP A 121 4.15 13.36 3.67
CA ASP A 121 4.71 14.73 3.50
C ASP A 121 6.16 14.63 3.01
N TYR A 122 6.79 13.50 3.24
CA TYR A 122 8.20 13.33 2.79
C TYR A 122 8.25 13.10 1.27
N LEU A 123 7.18 12.59 0.71
CA LEU A 123 7.17 12.35 -0.77
C LEU A 123 6.21 13.32 -1.45
N GLN A 124 5.24 13.81 -0.73
CA GLN A 124 4.27 14.77 -1.33
C GLN A 124 5.01 15.91 -2.03
N ASN A 125 5.56 16.81 -1.27
CA ASN A 125 6.31 17.95 -1.87
C ASN A 125 7.25 17.45 -2.97
N ARG A 126 7.67 16.21 -2.88
CA ARG A 126 8.60 15.67 -3.92
C ARG A 126 7.92 15.72 -5.29
N VAL A 127 6.62 15.83 -5.32
CA VAL A 127 5.91 15.89 -6.64
C VAL A 127 6.05 17.29 -7.24
N ILE A 128 6.44 18.24 -6.44
CA ILE A 128 6.60 19.64 -6.96
C ILE A 128 7.92 20.24 -6.48
N PRO A 1 -3.91 -15.69 -0.90
CA PRO A 1 -3.62 -14.35 -1.48
C PRO A 1 -4.49 -13.29 -0.82
N THR A 2 -4.43 -13.19 0.48
CA THR A 2 -5.24 -12.17 1.20
C THR A 2 -4.34 -11.06 1.73
N VAL A 3 -4.56 -9.84 1.33
CA VAL A 3 -3.72 -8.72 1.83
C VAL A 3 -4.59 -7.64 2.49
N GLU A 4 -4.28 -7.28 3.70
CA GLU A 4 -5.09 -6.24 4.39
C GLU A 4 -4.62 -4.84 4.00
N TYR A 5 -5.50 -4.02 3.52
CA TYR A 5 -5.10 -2.63 3.12
C TYR A 5 -5.48 -1.62 4.22
N LEU A 6 -4.75 -0.54 4.31
CA LEU A 6 -5.06 0.48 5.35
C LEU A 6 -4.73 1.89 4.84
N ASN A 7 -5.67 2.78 4.89
CA ASN A 7 -5.41 4.17 4.39
C ASN A 7 -4.32 4.85 5.21
N TYR A 8 -3.26 5.28 4.57
CA TYR A 8 -2.16 5.96 5.31
C TYR A 8 -2.68 7.25 5.94
N GLU A 9 -3.57 7.94 5.27
CA GLU A 9 -4.11 9.20 5.86
C GLU A 9 -4.79 8.90 7.20
N THR A 10 -5.38 7.75 7.33
CA THR A 10 -6.04 7.40 8.62
C THR A 10 -5.00 7.33 9.74
N LEU A 11 -3.83 6.80 9.45
CA LEU A 11 -2.78 6.71 10.50
C LEU A 11 -2.37 8.12 10.94
N ASP A 12 -2.19 9.01 10.00
CA ASP A 12 -1.80 10.41 10.35
C ASP A 12 -3.01 11.17 10.88
N ASP A 13 -4.06 11.24 10.12
CA ASP A 13 -5.28 11.98 10.59
C ASP A 13 -5.59 11.59 12.03
N GLN A 14 -5.61 10.32 12.33
CA GLN A 14 -5.90 9.88 13.72
C GLN A 14 -4.68 10.13 14.61
N GLY A 15 -3.52 10.21 14.03
CA GLY A 15 -2.29 10.47 14.83
C GLY A 15 -1.89 9.19 15.57
N TRP A 16 -2.07 8.05 14.95
CA TRP A 16 -1.69 6.77 15.62
C TRP A 16 -0.21 6.48 15.38
N ASP A 17 0.28 5.37 15.87
CA ASP A 17 1.71 5.03 15.67
C ASP A 17 1.91 4.34 14.31
N MET A 18 3.12 3.99 13.99
CA MET A 18 3.38 3.31 12.68
C MET A 18 2.91 1.85 12.73
N ASP A 19 3.38 1.10 13.70
CA ASP A 19 2.96 -0.32 13.80
C ASP A 19 2.67 -0.69 15.26
N ASP A 20 2.71 0.27 16.14
CA ASP A 20 2.44 -0.04 17.58
C ASP A 20 0.92 -0.15 17.83
N ASP A 21 0.16 0.79 17.32
CA ASP A 21 -1.31 0.73 17.54
C ASP A 21 -1.96 -0.26 16.56
N ASP A 22 -1.16 -0.96 15.81
CA ASP A 22 -1.73 -1.94 14.84
C ASP A 22 -2.96 -1.36 14.14
N LEU A 23 -2.81 -0.22 13.53
CA LEU A 23 -3.97 0.42 12.83
C LEU A 23 -4.80 -0.64 12.11
N PHE A 24 -4.20 -1.44 11.28
CA PHE A 24 -4.96 -2.50 10.55
C PHE A 24 -5.93 -3.19 11.52
N GLU A 25 -5.59 -3.20 12.77
CA GLU A 25 -6.48 -3.86 13.77
C GLU A 25 -7.41 -2.83 14.44
N LYS A 26 -6.88 -1.71 14.83
CA LYS A 26 -7.73 -0.67 15.49
C LYS A 26 -8.66 -0.01 14.46
N ALA A 27 -8.32 -0.09 13.21
CA ALA A 27 -9.19 0.53 12.17
C ALA A 27 -10.51 -0.22 12.04
N ALA A 28 -10.61 -1.37 12.66
CA ALA A 28 -11.87 -2.16 12.58
C ALA A 28 -12.85 -1.69 13.66
N ASP A 29 -12.37 -0.99 14.66
CA ASP A 29 -13.27 -0.50 15.74
C ASP A 29 -13.86 0.86 15.37
N ALA A 30 -13.27 1.53 14.41
CA ALA A 30 -13.80 2.86 14.01
C ALA A 30 -14.79 2.72 12.85
N GLY A 31 -14.74 1.62 12.14
CA GLY A 31 -15.68 1.43 11.00
C GLY A 31 -15.23 2.30 9.83
N LEU A 32 -13.95 2.44 9.63
CA LEU A 32 -13.46 3.28 8.50
C LEU A 32 -14.09 2.83 7.19
N ASP A 33 -13.82 3.51 6.12
CA ASP A 33 -14.40 3.12 4.80
C ASP A 33 -13.62 1.94 4.21
N GLY A 34 -14.27 1.15 3.38
CA GLY A 34 -13.56 0.00 2.77
C GLY A 34 -12.46 0.50 1.84
N GLU A 35 -12.58 1.72 1.37
CA GLU A 35 -11.53 2.28 0.47
C GLU A 35 -10.31 2.69 1.28
N ASP A 36 -10.33 2.46 2.56
CA ASP A 36 -9.17 2.84 3.42
C ASP A 36 -8.63 1.63 4.17
N TYR A 37 -9.49 0.92 4.86
CA TYR A 37 -9.03 -0.28 5.61
C TYR A 37 -9.96 -1.46 5.34
N GLY A 38 -9.43 -2.66 5.35
CA GLY A 38 -10.28 -3.85 5.09
C GLY A 38 -9.43 -5.00 4.55
N THR A 39 -10.04 -6.06 4.14
CA THR A 39 -9.24 -7.20 3.60
C THR A 39 -9.14 -7.09 2.08
N MET A 40 -7.95 -7.14 1.54
CA MET A 40 -7.78 -7.03 0.06
C MET A 40 -7.42 -8.39 -0.53
N GLU A 41 -8.14 -8.82 -1.54
CA GLU A 41 -7.82 -10.13 -2.17
C GLU A 41 -7.17 -9.91 -3.54
N VAL A 42 -5.96 -10.36 -3.72
CA VAL A 42 -5.27 -10.16 -5.02
C VAL A 42 -4.87 -11.50 -5.63
N ALA A 43 -5.29 -11.76 -6.85
CA ALA A 43 -4.93 -13.05 -7.50
C ALA A 43 -3.42 -13.11 -7.70
N GLU A 44 -2.80 -14.21 -7.37
CA GLU A 44 -1.33 -14.34 -7.55
C GLU A 44 -0.94 -14.04 -9.00
N GLY A 45 -0.25 -12.95 -9.22
CA GLY A 45 0.15 -12.61 -10.61
C GLY A 45 -0.62 -11.37 -11.07
N GLU A 46 -1.38 -10.77 -10.18
CA GLU A 46 -2.15 -9.55 -10.58
C GLU A 46 -1.59 -8.31 -9.87
N TYR A 47 -1.78 -7.15 -10.45
CA TYR A 47 -1.26 -5.90 -9.81
C TYR A 47 -2.19 -5.48 -8.66
N ILE A 48 -1.62 -5.12 -7.54
CA ILE A 48 -2.46 -4.69 -6.39
C ILE A 48 -3.50 -3.65 -6.85
N LEU A 49 -3.06 -2.55 -7.36
CA LEU A 49 -4.03 -1.50 -7.81
C LEU A 49 -5.18 -2.14 -8.60
N GLU A 50 -4.88 -3.09 -9.44
CA GLU A 50 -5.95 -3.74 -10.25
C GLU A 50 -6.72 -4.75 -9.38
N ALA A 51 -6.03 -5.58 -8.65
CA ALA A 51 -6.72 -6.58 -7.80
C ALA A 51 -7.69 -5.88 -6.85
N ALA A 52 -7.27 -4.80 -6.26
CA ALA A 52 -8.18 -4.07 -5.32
C ALA A 52 -9.17 -3.21 -6.09
N GLU A 53 -8.83 -2.83 -7.30
CA GLU A 53 -9.77 -2.01 -8.11
C GLU A 53 -11.05 -2.81 -8.40
N ALA A 54 -10.92 -4.10 -8.53
CA ALA A 54 -12.11 -4.94 -8.82
C ALA A 54 -13.09 -4.89 -7.66
N GLN A 55 -12.64 -4.47 -6.50
CA GLN A 55 -13.55 -4.39 -5.33
C GLN A 55 -14.05 -2.96 -5.14
N GLY A 56 -13.34 -1.99 -5.66
CA GLY A 56 -13.77 -0.57 -5.52
C GLY A 56 -12.64 0.25 -4.88
N TYR A 57 -11.59 -0.41 -4.45
CA TYR A 57 -10.46 0.34 -3.84
C TYR A 57 -9.82 1.28 -4.85
N ASP A 58 -9.65 2.53 -4.49
CA ASP A 58 -9.04 3.51 -5.44
C ASP A 58 -7.58 3.76 -5.07
N TRP A 59 -6.71 3.88 -6.04
CA TRP A 59 -5.28 4.12 -5.74
C TRP A 59 -4.73 5.27 -6.59
N PRO A 60 -3.87 6.05 -6.00
CA PRO A 60 -3.25 7.18 -6.72
C PRO A 60 -2.23 6.67 -7.73
N PHE A 61 -2.21 7.23 -8.91
CA PHE A 61 -1.24 6.76 -9.94
C PHE A 61 -1.04 7.84 -11.00
N SER A 62 0.10 7.85 -11.63
CA SER A 62 0.37 8.87 -12.68
C SER A 62 1.17 8.26 -13.83
N CYS A 63 2.32 7.73 -13.53
CA CYS A 63 3.16 7.13 -14.59
C CYS A 63 2.62 5.75 -15.02
N ARG A 64 2.19 4.94 -14.08
CA ARG A 64 1.61 3.61 -14.43
C ARG A 64 2.63 2.70 -15.13
N ALA A 65 3.90 2.88 -14.85
CA ALA A 65 4.94 2.02 -15.47
C ALA A 65 6.00 1.63 -14.44
N GLY A 66 5.84 2.03 -13.21
CA GLY A 66 6.85 1.67 -12.16
C GLY A 66 8.02 2.65 -12.22
N ALA A 67 7.76 3.91 -12.46
CA ALA A 67 8.88 4.89 -12.52
C ALA A 67 8.63 6.11 -11.60
N CYS A 68 7.59 6.09 -10.81
CA CYS A 68 7.35 7.25 -9.91
C CYS A 68 6.85 6.77 -8.53
N ALA A 69 6.56 7.67 -7.63
CA ALA A 69 6.11 7.24 -6.27
C ALA A 69 4.68 7.74 -5.98
N ASN A 70 4.02 8.28 -6.95
CA ASN A 70 2.64 8.78 -6.72
C ASN A 70 1.74 7.66 -6.17
N CYS A 71 1.97 6.45 -6.60
CA CYS A 71 1.13 5.32 -6.10
C CYS A 71 1.87 4.55 -4.99
N ALA A 72 3.02 5.03 -4.61
CA ALA A 72 3.81 4.33 -3.55
C ALA A 72 2.92 3.92 -2.37
N SER A 73 3.31 2.90 -1.66
CA SER A 73 2.52 2.42 -0.50
C SER A 73 3.44 2.18 0.70
N ILE A 74 2.98 1.45 1.68
CA ILE A 74 3.84 1.17 2.87
C ILE A 74 3.50 -0.21 3.44
N VAL A 75 3.93 -1.25 2.78
CA VAL A 75 3.63 -2.62 3.27
C VAL A 75 3.80 -2.69 4.79
N LYS A 76 2.77 -3.06 5.50
CA LYS A 76 2.87 -3.15 6.99
C LYS A 76 3.37 -4.54 7.39
N GLU A 77 3.29 -5.49 6.49
CA GLU A 77 3.76 -6.86 6.83
C GLU A 77 3.52 -7.80 5.65
N GLY A 78 4.51 -8.57 5.29
CA GLY A 78 4.34 -9.51 4.14
C GLY A 78 5.41 -9.22 3.08
N GLU A 79 5.41 -9.96 2.01
CA GLU A 79 6.44 -9.71 0.95
C GLU A 79 5.75 -9.44 -0.39
N ILE A 80 6.25 -8.49 -1.14
CA ILE A 80 5.63 -8.17 -2.45
C ILE A 80 6.62 -8.44 -3.58
N ASP A 81 6.19 -9.14 -4.60
CA ASP A 81 7.11 -9.44 -5.74
C ASP A 81 7.18 -8.25 -6.69
N MET A 82 8.37 -7.81 -7.02
CA MET A 82 8.50 -6.65 -7.94
C MET A 82 9.22 -7.08 -9.22
N ASP A 83 9.00 -6.39 -10.31
CA ASP A 83 9.67 -6.76 -11.59
C ASP A 83 10.88 -5.85 -11.83
N MET A 84 11.47 -5.94 -12.99
CA MET A 84 12.66 -5.08 -13.29
C MET A 84 12.31 -3.61 -13.04
N GLN A 85 13.11 -2.93 -12.27
CA GLN A 85 12.84 -1.48 -11.99
C GLN A 85 14.03 -0.83 -11.31
N GLN A 86 14.15 0.47 -11.41
CA GLN A 86 15.30 1.16 -10.77
C GLN A 86 14.80 2.32 -9.89
N ILE A 87 13.52 2.56 -9.89
CA ILE A 87 12.97 3.68 -9.06
C ILE A 87 12.91 3.27 -7.59
N LEU A 88 12.87 1.99 -7.31
CA LEU A 88 12.80 1.55 -5.89
C LEU A 88 13.95 0.58 -5.56
N SER A 89 14.11 0.24 -4.32
CA SER A 89 15.20 -0.70 -3.93
C SER A 89 14.74 -1.58 -2.76
N ASP A 90 15.30 -2.75 -2.63
CA ASP A 90 14.89 -3.64 -1.51
C ASP A 90 14.94 -2.89 -0.19
N GLU A 91 15.94 -2.08 0.01
CA GLU A 91 16.04 -1.32 1.29
C GLU A 91 14.80 -0.44 1.48
N GLU A 92 14.16 -0.07 0.40
CA GLU A 92 12.94 0.78 0.53
C GLU A 92 11.75 -0.06 0.99
N VAL A 93 11.69 -1.31 0.59
CA VAL A 93 10.55 -2.17 1.02
C VAL A 93 10.79 -2.66 2.45
N GLU A 94 12.00 -2.61 2.92
CA GLU A 94 12.29 -3.07 4.31
C GLU A 94 12.42 -1.86 5.25
N GLU A 95 13.12 -0.84 4.82
CA GLU A 95 13.27 0.36 5.68
C GLU A 95 12.11 1.33 5.47
N LYS A 96 11.60 1.40 4.27
CA LYS A 96 10.45 2.32 3.99
C LYS A 96 9.18 1.52 3.69
N ASP A 97 9.30 0.23 3.56
CA ASP A 97 8.09 -0.60 3.27
C ASP A 97 7.33 -0.01 2.08
N VAL A 98 7.98 0.77 1.27
CA VAL A 98 7.27 1.38 0.12
C VAL A 98 7.43 0.54 -1.15
N ARG A 99 6.54 0.69 -2.08
CA ARG A 99 6.62 -0.09 -3.35
C ARG A 99 5.68 0.52 -4.39
N LEU A 100 5.64 -0.02 -5.56
CA LEU A 100 4.74 0.54 -6.61
C LEU A 100 3.44 -0.27 -6.69
N THR A 101 2.35 0.28 -6.22
CA THR A 101 1.07 -0.46 -6.28
C THR A 101 0.69 -0.74 -7.73
N CYS A 102 1.07 0.12 -8.63
CA CYS A 102 0.74 -0.09 -10.07
C CYS A 102 1.68 -1.14 -10.67
N ILE A 103 2.78 -1.40 -10.01
CA ILE A 103 3.75 -2.42 -10.53
C ILE A 103 4.19 -3.34 -9.40
N GLY A 104 3.35 -3.57 -8.44
CA GLY A 104 3.74 -4.45 -7.31
C GLY A 104 2.81 -5.66 -7.25
N SER A 105 3.34 -6.81 -6.92
CA SER A 105 2.48 -8.04 -6.85
C SER A 105 2.69 -8.74 -5.51
N PRO A 106 1.61 -9.03 -4.85
CA PRO A 106 1.67 -9.73 -3.54
C PRO A 106 2.09 -11.19 -3.74
N ALA A 107 3.17 -11.60 -3.14
CA ALA A 107 3.63 -13.01 -3.30
C ALA A 107 3.30 -13.82 -2.04
N ALA A 108 3.33 -13.19 -0.90
CA ALA A 108 3.03 -13.92 0.36
C ALA A 108 1.52 -14.07 0.54
N ASP A 109 1.09 -15.13 1.19
CA ASP A 109 -0.37 -15.32 1.41
C ASP A 109 -0.95 -14.13 2.16
N GLU A 110 -0.74 -14.05 3.44
CA GLU A 110 -1.27 -12.90 4.23
C GLU A 110 -0.30 -11.72 4.16
N VAL A 111 -0.78 -10.56 3.81
CA VAL A 111 0.13 -9.39 3.72
C VAL A 111 -0.60 -8.10 4.10
N LYS A 112 0.10 -7.15 4.65
CA LYS A 112 -0.56 -5.87 5.03
C LYS A 112 0.19 -4.69 4.39
N ILE A 113 -0.53 -3.68 3.96
CA ILE A 113 0.13 -2.51 3.32
C ILE A 113 -0.77 -1.28 3.37
N VAL A 114 -0.21 -0.13 3.54
CA VAL A 114 -1.04 1.11 3.58
C VAL A 114 -1.10 1.73 2.19
N TYR A 115 -2.28 1.96 1.69
CA TYR A 115 -2.39 2.56 0.33
C TYR A 115 -2.43 4.09 0.44
N ASN A 116 -2.10 4.78 -0.63
CA ASN A 116 -2.10 6.28 -0.58
C ASN A 116 -0.91 6.78 0.25
N ALA A 117 0.28 6.34 -0.07
CA ALA A 117 1.47 6.80 0.70
C ALA A 117 1.89 8.20 0.28
N HIS A 119 0.74 10.68 0.52
CA HIS A 119 0.41 11.64 1.61
C HIS A 119 1.58 11.78 2.59
N LEU A 120 2.49 10.84 2.56
CA LEU A 120 3.66 10.92 3.48
C LEU A 120 4.36 12.27 3.33
N ASP A 121 4.58 12.96 4.43
CA ASP A 121 5.24 14.29 4.35
C ASP A 121 6.48 14.21 3.44
N TYR A 122 7.34 13.26 3.68
CA TYR A 122 8.56 13.13 2.82
C TYR A 122 8.16 12.91 1.36
N LEU A 123 6.99 12.39 1.12
CA LEU A 123 6.54 12.14 -0.28
C LEU A 123 5.64 13.29 -0.74
N GLN A 124 4.96 13.92 0.17
CA GLN A 124 4.05 15.05 -0.23
C GLN A 124 4.89 16.22 -0.76
N ASN A 125 6.08 16.37 -0.27
CA ASN A 125 6.94 17.49 -0.75
C ASN A 125 7.37 17.26 -2.20
N ARG A 126 7.32 16.04 -2.67
CA ARG A 126 7.73 15.76 -4.07
C ARG A 126 6.53 15.89 -5.01
N VAL A 127 5.34 15.97 -4.48
CA VAL A 127 4.15 16.10 -5.36
C VAL A 127 3.99 17.55 -5.83
N ILE A 128 4.31 18.49 -4.98
CA ILE A 128 4.19 19.93 -5.37
C ILE A 128 5.36 20.73 -4.80
N PRO A 1 -3.61 -15.79 -1.08
CA PRO A 1 -3.07 -14.42 -1.30
C PRO A 1 -4.02 -13.37 -0.72
N THR A 2 -3.92 -13.11 0.56
CA THR A 2 -4.81 -12.10 1.19
C THR A 2 -4.02 -10.86 1.57
N VAL A 3 -4.28 -9.75 0.92
CA VAL A 3 -3.54 -8.49 1.25
C VAL A 3 -4.46 -7.50 1.97
N GLU A 4 -4.08 -7.06 3.14
CA GLU A 4 -4.93 -6.10 3.89
C GLU A 4 -4.51 -4.66 3.56
N TYR A 5 -5.41 -3.86 3.07
CA TYR A 5 -5.05 -2.45 2.74
C TYR A 5 -5.49 -1.49 3.86
N LEU A 6 -4.69 -0.50 4.13
CA LEU A 6 -5.04 0.49 5.20
C LEU A 6 -4.75 1.92 4.70
N ASN A 7 -5.77 2.71 4.50
CA ASN A 7 -5.54 4.09 4.00
C ASN A 7 -4.50 4.83 4.84
N TYR A 8 -3.49 5.34 4.22
CA TYR A 8 -2.44 6.09 4.99
C TYR A 8 -3.07 7.28 5.69
N GLU A 9 -4.23 7.70 5.24
CA GLU A 9 -4.91 8.86 5.88
C GLU A 9 -5.24 8.53 7.34
N THR A 10 -5.71 7.34 7.59
CA THR A 10 -6.04 6.96 8.99
C THR A 10 -4.78 7.00 9.85
N LEU A 11 -3.67 6.59 9.30
CA LEU A 11 -2.40 6.61 10.08
C LEU A 11 -2.00 8.05 10.37
N ASP A 12 -2.03 8.89 9.36
CA ASP A 12 -1.66 10.33 9.57
C ASP A 12 -2.78 11.06 10.32
N ASP A 13 -4.02 10.76 10.00
CA ASP A 13 -5.14 11.44 10.71
C ASP A 13 -5.07 11.13 12.20
N GLN A 14 -4.93 9.89 12.56
CA GLN A 14 -4.85 9.54 14.01
C GLN A 14 -3.47 9.88 14.56
N GLY A 15 -2.47 9.92 13.71
CA GLY A 15 -1.10 10.27 14.18
C GLY A 15 -0.57 9.13 15.05
N TRP A 16 -0.66 7.91 14.59
CA TRP A 16 -0.15 6.78 15.41
C TRP A 16 1.06 6.14 14.74
N ASP A 17 1.47 4.99 15.20
CA ASP A 17 2.66 4.31 14.60
C ASP A 17 2.22 3.44 13.42
N MET A 18 3.15 2.96 12.65
CA MET A 18 2.81 2.10 11.49
C MET A 18 2.49 0.67 11.96
N ASP A 19 3.17 0.20 12.97
CA ASP A 19 2.91 -1.17 13.46
C ASP A 19 2.62 -1.17 14.97
N ASP A 20 3.13 -0.19 15.67
CA ASP A 20 2.88 -0.12 17.13
C ASP A 20 1.37 -0.15 17.42
N ASP A 21 0.68 0.90 17.09
CA ASP A 21 -0.79 0.92 17.34
C ASP A 21 -1.50 -0.02 16.35
N ASP A 22 -0.77 -0.59 15.43
CA ASP A 22 -1.39 -1.52 14.45
C ASP A 22 -2.73 -0.97 13.97
N LEU A 23 -2.75 0.24 13.47
CA LEU A 23 -4.02 0.83 12.98
C LEU A 23 -4.81 -0.21 12.17
N PHE A 24 -4.14 -1.02 11.41
CA PHE A 24 -4.85 -2.06 10.61
C PHE A 24 -5.90 -2.73 11.50
N GLU A 25 -5.65 -2.76 12.77
CA GLU A 25 -6.63 -3.40 13.71
C GLU A 25 -7.47 -2.32 14.40
N LYS A 26 -6.86 -1.26 14.84
CA LYS A 26 -7.62 -0.17 15.51
C LYS A 26 -8.64 0.43 14.53
N ALA A 27 -8.33 0.40 13.27
CA ALA A 27 -9.27 0.96 12.26
C ALA A 27 -10.58 0.17 12.26
N ALA A 28 -10.53 -1.09 12.57
CA ALA A 28 -11.77 -1.91 12.59
C ALA A 28 -12.65 -1.52 13.79
N ASP A 29 -12.06 -0.95 14.80
CA ASP A 29 -12.86 -0.55 16.00
C ASP A 29 -13.48 0.83 15.77
N ALA A 30 -13.00 1.56 14.80
CA ALA A 30 -13.57 2.91 14.54
C ALA A 30 -14.61 2.83 13.42
N GLY A 31 -14.59 1.79 12.63
CA GLY A 31 -15.58 1.66 11.53
C GLY A 31 -15.20 2.62 10.39
N LEU A 32 -13.94 2.81 10.17
CA LEU A 32 -13.50 3.73 9.07
C LEU A 32 -14.19 3.35 7.76
N ASP A 33 -13.88 4.04 6.70
CA ASP A 33 -14.51 3.71 5.39
C ASP A 33 -14.03 2.34 4.89
N GLY A 34 -14.76 1.73 4.00
CA GLY A 34 -14.35 0.40 3.48
C GLY A 34 -13.23 0.57 2.45
N GLU A 35 -13.28 1.62 1.67
CA GLU A 35 -12.21 1.85 0.66
C GLU A 35 -10.91 2.28 1.33
N ASP A 36 -10.96 2.55 2.61
CA ASP A 36 -9.73 2.97 3.33
C ASP A 36 -9.10 1.77 4.06
N TYR A 37 -9.90 1.01 4.75
CA TYR A 37 -9.35 -0.18 5.49
C TYR A 37 -10.20 -1.42 5.20
N GLY A 38 -9.58 -2.53 4.99
CA GLY A 38 -10.35 -3.79 4.72
C GLY A 38 -9.42 -4.85 4.13
N THR A 39 -9.96 -5.97 3.77
CA THR A 39 -9.10 -7.05 3.18
C THR A 39 -9.02 -6.88 1.66
N MET A 40 -7.89 -7.20 1.08
CA MET A 40 -7.74 -7.05 -0.39
C MET A 40 -7.40 -8.41 -1.03
N GLU A 41 -8.39 -9.20 -1.33
CA GLU A 41 -8.11 -10.52 -1.96
C GLU A 41 -7.44 -10.33 -3.32
N VAL A 42 -6.21 -10.73 -3.45
CA VAL A 42 -5.50 -10.57 -4.77
C VAL A 42 -5.09 -11.93 -5.32
N ALA A 43 -5.12 -12.09 -6.62
CA ALA A 43 -4.73 -13.39 -7.22
C ALA A 43 -3.20 -13.49 -7.31
N GLU A 44 -2.66 -14.66 -7.15
CA GLU A 44 -1.18 -14.81 -7.22
C GLU A 44 -0.65 -14.22 -8.53
N GLY A 45 0.21 -13.25 -8.45
CA GLY A 45 0.77 -12.62 -9.68
C GLY A 45 -0.21 -11.58 -10.21
N GLU A 46 -1.19 -11.22 -9.43
CA GLU A 46 -2.18 -10.20 -9.90
C GLU A 46 -1.80 -8.81 -9.37
N TYR A 47 -1.66 -7.86 -10.24
CA TYR A 47 -1.28 -6.48 -9.80
C TYR A 47 -2.20 -6.02 -8.66
N ILE A 48 -1.63 -5.61 -7.56
CA ILE A 48 -2.46 -5.14 -6.41
C ILE A 48 -3.49 -4.12 -6.89
N LEU A 49 -3.07 -3.09 -7.58
CA LEU A 49 -4.02 -2.07 -8.07
C LEU A 49 -5.20 -2.73 -8.78
N GLU A 50 -4.94 -3.71 -9.59
CA GLU A 50 -6.06 -4.40 -10.31
C GLU A 50 -6.86 -5.27 -9.35
N ALA A 51 -6.19 -5.97 -8.47
CA ALA A 51 -6.93 -6.84 -7.51
C ALA A 51 -7.94 -6.00 -6.71
N ALA A 52 -7.50 -4.90 -6.18
CA ALA A 52 -8.43 -4.03 -5.39
C ALA A 52 -9.29 -3.19 -6.34
N GLU A 53 -8.74 -2.80 -7.46
CA GLU A 53 -9.52 -1.97 -8.42
C GLU A 53 -10.84 -2.66 -8.74
N ALA A 54 -10.86 -3.97 -8.72
CA ALA A 54 -12.12 -4.71 -9.02
C ALA A 54 -13.07 -4.60 -7.83
N GLN A 55 -12.60 -4.09 -6.72
CA GLN A 55 -13.48 -3.96 -5.53
C GLN A 55 -13.91 -2.50 -5.33
N GLY A 56 -13.28 -1.60 -6.03
CA GLY A 56 -13.63 -0.16 -5.88
C GLY A 56 -12.52 0.58 -5.13
N TYR A 57 -11.34 -0.01 -5.08
CA TYR A 57 -10.22 0.65 -4.37
C TYR A 57 -9.44 1.54 -5.34
N ASP A 58 -9.28 2.80 -5.02
CA ASP A 58 -8.53 3.72 -5.93
C ASP A 58 -7.08 3.86 -5.45
N TRP A 59 -6.15 3.88 -6.35
CA TRP A 59 -4.72 4.01 -5.94
C TRP A 59 -4.04 5.13 -6.76
N PRO A 60 -3.08 5.76 -6.15
CA PRO A 60 -2.34 6.84 -6.83
C PRO A 60 -1.42 6.25 -7.90
N PHE A 61 -1.41 6.80 -9.08
CA PHE A 61 -0.54 6.26 -10.15
C PHE A 61 -0.31 7.31 -11.23
N SER A 62 0.80 7.25 -11.90
CA SER A 62 1.10 8.24 -12.97
C SER A 62 1.84 7.59 -14.12
N CYS A 63 2.98 7.00 -13.85
CA CYS A 63 3.77 6.35 -14.92
C CYS A 63 3.18 4.98 -15.30
N ARG A 64 2.74 4.20 -14.35
CA ARG A 64 2.13 2.87 -14.65
C ARG A 64 3.12 1.92 -15.34
N ALA A 65 4.39 2.06 -15.05
CA ALA A 65 5.41 1.17 -15.67
C ALA A 65 6.47 0.77 -14.63
N GLY A 66 6.30 1.20 -13.40
CA GLY A 66 7.30 0.85 -12.35
C GLY A 66 8.53 1.76 -12.46
N ALA A 67 8.33 3.01 -12.76
CA ALA A 67 9.49 3.94 -12.90
C ALA A 67 9.31 5.19 -12.02
N CYS A 68 8.29 5.24 -11.20
CA CYS A 68 8.10 6.43 -10.33
C CYS A 68 7.61 6.00 -8.94
N ALA A 69 7.30 6.94 -8.09
CA ALA A 69 6.83 6.57 -6.72
C ALA A 69 5.48 7.21 -6.40
N ASN A 70 4.82 7.77 -7.37
CA ASN A 70 3.49 8.41 -7.11
C ASN A 70 2.53 7.38 -6.51
N CYS A 71 2.63 6.16 -6.93
CA CYS A 71 1.73 5.10 -6.38
C CYS A 71 2.37 4.48 -5.13
N ALA A 72 3.38 5.10 -4.61
CA ALA A 72 4.08 4.57 -3.40
C ALA A 72 3.08 4.06 -2.35
N SER A 73 3.54 3.19 -1.48
CA SER A 73 2.65 2.64 -0.41
C SER A 73 3.50 2.22 0.79
N ILE A 74 2.94 1.49 1.71
CA ILE A 74 3.74 1.06 2.90
C ILE A 74 3.28 -0.33 3.36
N VAL A 75 3.89 -1.36 2.86
CA VAL A 75 3.49 -2.74 3.26
C VAL A 75 3.63 -2.92 4.78
N LYS A 76 2.58 -3.34 5.43
CA LYS A 76 2.67 -3.54 6.91
C LYS A 76 2.90 -5.02 7.23
N GLU A 77 3.00 -5.85 6.23
CA GLU A 77 3.24 -7.30 6.47
C GLU A 77 3.11 -8.10 5.17
N GLY A 78 3.80 -9.21 5.08
CA GLY A 78 3.72 -10.03 3.84
C GLY A 78 4.83 -9.59 2.87
N GLU A 79 5.02 -10.32 1.81
CA GLU A 79 6.07 -9.95 0.83
C GLU A 79 5.46 -9.73 -0.56
N ILE A 80 5.78 -8.63 -1.18
CA ILE A 80 5.21 -8.35 -2.53
C ILE A 80 6.27 -8.57 -3.61
N ASP A 81 5.93 -9.29 -4.65
CA ASP A 81 6.93 -9.53 -5.73
C ASP A 81 6.99 -8.33 -6.67
N MET A 82 8.17 -7.89 -7.01
CA MET A 82 8.30 -6.72 -7.92
C MET A 82 9.17 -7.07 -9.13
N ASP A 83 9.00 -6.36 -10.22
CA ASP A 83 9.81 -6.65 -11.43
C ASP A 83 11.03 -5.72 -11.48
N MET A 84 11.72 -5.71 -12.59
CA MET A 84 12.92 -4.82 -12.70
C MET A 84 12.52 -3.36 -12.47
N GLN A 85 13.33 -2.62 -11.76
CA GLN A 85 12.99 -1.19 -11.50
C GLN A 85 14.11 -0.52 -10.71
N GLN A 86 14.45 0.69 -11.05
CA GLN A 86 15.52 1.40 -10.30
C GLN A 86 14.98 2.69 -9.69
N ILE A 87 13.69 2.74 -9.47
CA ILE A 87 13.08 3.97 -8.88
C ILE A 87 13.08 3.88 -7.35
N LEU A 88 12.92 2.71 -6.81
CA LEU A 88 12.92 2.56 -5.33
C LEU A 88 14.18 1.84 -4.86
N SER A 89 14.42 1.83 -3.57
CA SER A 89 15.63 1.15 -3.04
C SER A 89 15.22 -0.02 -2.15
N ASP A 90 15.98 -1.08 -2.16
CA ASP A 90 15.63 -2.27 -1.32
C ASP A 90 15.46 -1.84 0.15
N GLU A 91 16.26 -0.92 0.59
CA GLU A 91 16.15 -0.46 2.01
C GLU A 91 14.75 0.13 2.27
N GLU A 92 14.22 0.82 1.30
CA GLU A 92 12.86 1.42 1.49
C GLU A 92 11.80 0.32 1.46
N VAL A 93 12.08 -0.77 0.80
CA VAL A 93 11.08 -1.88 0.73
C VAL A 93 11.06 -2.63 2.07
N GLU A 94 12.20 -2.77 2.69
CA GLU A 94 12.26 -3.50 3.99
C GLU A 94 12.23 -2.51 5.16
N GLU A 95 12.74 -1.33 4.96
CA GLU A 95 12.74 -0.32 6.06
C GLU A 95 11.53 0.61 5.95
N LYS A 96 11.18 1.00 4.75
CA LYS A 96 10.01 1.91 4.58
C LYS A 96 8.78 1.12 4.12
N ASP A 97 8.94 -0.14 3.85
CA ASP A 97 7.77 -0.95 3.40
C ASP A 97 7.13 -0.32 2.17
N VAL A 98 7.88 0.43 1.42
CA VAL A 98 7.30 1.08 0.21
C VAL A 98 7.39 0.16 -1.00
N ARG A 99 6.42 0.21 -1.86
CA ARG A 99 6.43 -0.64 -3.07
C ARG A 99 5.47 -0.07 -4.13
N LEU A 100 5.50 -0.59 -5.31
CA LEU A 100 4.58 -0.05 -6.38
C LEU A 100 3.42 -1.02 -6.63
N THR A 101 2.22 -0.60 -6.34
CA THR A 101 1.04 -1.48 -6.57
C THR A 101 0.68 -1.48 -8.05
N CYS A 102 1.18 -0.53 -8.80
CA CYS A 102 0.88 -0.49 -10.25
C CYS A 102 1.62 -1.60 -10.99
N ILE A 103 2.77 -1.98 -10.50
CA ILE A 103 3.54 -3.06 -11.16
C ILE A 103 4.05 -4.06 -10.13
N GLY A 104 3.44 -4.10 -8.98
CA GLY A 104 3.91 -5.06 -7.92
C GLY A 104 2.77 -6.02 -7.56
N SER A 105 3.09 -7.24 -7.26
CA SER A 105 2.02 -8.22 -6.90
C SER A 105 2.40 -8.95 -5.61
N PRO A 106 1.40 -9.28 -4.84
CA PRO A 106 1.61 -10.00 -3.56
C PRO A 106 2.00 -11.46 -3.83
N ALA A 107 2.95 -11.97 -3.10
CA ALA A 107 3.37 -13.39 -3.32
C ALA A 107 3.07 -14.21 -2.06
N ALA A 108 3.09 -13.60 -0.91
CA ALA A 108 2.80 -14.36 0.34
C ALA A 108 1.29 -14.43 0.58
N ASP A 109 0.88 -15.14 1.59
CA ASP A 109 -0.58 -15.24 1.89
C ASP A 109 -1.09 -13.93 2.48
N GLU A 110 -0.79 -13.68 3.73
CA GLU A 110 -1.26 -12.42 4.36
C GLU A 110 -0.30 -11.28 4.02
N VAL A 111 -0.78 -10.25 3.38
CA VAL A 111 0.12 -9.11 3.01
C VAL A 111 -0.57 -7.78 3.31
N LYS A 112 -0.29 -7.21 4.45
CA LYS A 112 -0.93 -5.90 4.79
C LYS A 112 -0.08 -4.75 4.24
N ILE A 113 -0.71 -3.70 3.78
CA ILE A 113 0.04 -2.54 3.23
C ILE A 113 -0.83 -1.28 3.23
N VAL A 114 -0.25 -0.14 3.45
CA VAL A 114 -1.05 1.12 3.45
C VAL A 114 -1.23 1.59 2.01
N TYR A 115 -2.45 1.89 1.62
CA TYR A 115 -2.68 2.34 0.22
C TYR A 115 -2.71 3.88 0.16
N ASN A 116 -2.21 4.44 -0.91
CA ASN A 116 -2.20 5.94 -1.05
C ASN A 116 -1.14 6.55 -0.14
N ALA A 117 0.10 6.17 -0.30
CA ALA A 117 1.18 6.74 0.55
C ALA A 117 1.50 8.17 0.11
N HIS A 119 0.09 10.55 0.33
CA HIS A 119 -0.37 11.48 1.40
C HIS A 119 0.79 11.82 2.32
N LEU A 120 1.77 10.94 2.41
CA LEU A 120 2.94 11.22 3.29
C LEU A 120 3.39 12.68 3.13
N ASP A 121 4.10 13.20 4.09
CA ASP A 121 4.57 14.61 4.00
C ASP A 121 5.73 14.73 3.02
N TYR A 122 6.36 13.62 2.70
CA TYR A 122 7.51 13.67 1.75
C TYR A 122 7.00 13.80 0.31
N LEU A 123 5.77 13.45 0.07
CA LEU A 123 5.22 13.56 -1.31
C LEU A 123 4.26 14.74 -1.40
N GLN A 124 3.57 15.05 -0.34
CA GLN A 124 2.62 16.20 -0.37
C GLN A 124 3.39 17.49 -0.65
N ASN A 125 4.63 17.55 -0.24
CA ASN A 125 5.44 18.78 -0.48
C ASN A 125 5.30 19.22 -1.94
N ARG A 126 5.24 18.29 -2.85
CA ARG A 126 5.12 18.65 -4.29
C ARG A 126 3.64 18.73 -4.69
N VAL A 127 2.79 19.07 -3.76
CA VAL A 127 1.33 19.17 -4.09
C VAL A 127 1.06 20.41 -4.95
N ILE A 128 1.60 20.45 -6.13
CA ILE A 128 1.37 21.64 -7.02
C ILE A 128 -0.03 21.58 -7.63
N PRO A 1 -3.83 -15.62 -0.82
CA PRO A 1 -3.57 -14.30 -1.43
C PRO A 1 -4.36 -13.21 -0.70
N THR A 2 -4.16 -13.07 0.59
CA THR A 2 -4.90 -12.03 1.36
C THR A 2 -3.94 -10.96 1.87
N VAL A 3 -4.37 -9.73 1.87
CA VAL A 3 -3.48 -8.62 2.36
C VAL A 3 -4.33 -7.46 2.88
N GLU A 4 -4.20 -7.12 4.14
CA GLU A 4 -5.01 -6.01 4.70
C GLU A 4 -4.43 -4.65 4.32
N TYR A 5 -5.13 -3.91 3.50
CA TYR A 5 -4.63 -2.55 3.11
C TYR A 5 -5.10 -1.50 4.12
N LEU A 6 -4.33 -0.45 4.30
CA LEU A 6 -4.72 0.61 5.28
C LEU A 6 -4.49 2.00 4.68
N ASN A 7 -5.34 2.94 5.00
CA ASN A 7 -5.17 4.32 4.46
C ASN A 7 -3.99 5.02 5.14
N TYR A 8 -3.04 5.49 4.37
CA TYR A 8 -1.87 6.20 4.97
C TYR A 8 -2.35 7.40 5.78
N GLU A 9 -3.41 8.03 5.36
CA GLU A 9 -3.92 9.23 6.09
C GLU A 9 -4.43 8.81 7.47
N THR A 10 -5.04 7.66 7.57
CA THR A 10 -5.55 7.20 8.89
C THR A 10 -4.38 6.96 9.84
N LEU A 11 -3.23 6.70 9.30
CA LEU A 11 -2.03 6.47 10.17
C LEU A 11 -1.53 7.79 10.75
N ASP A 12 -1.43 8.80 9.93
CA ASP A 12 -0.96 10.13 10.44
C ASP A 12 -2.07 10.80 11.25
N ASP A 13 -3.25 10.86 10.71
CA ASP A 13 -4.38 11.50 11.45
C ASP A 13 -4.51 10.89 12.85
N GLN A 14 -4.53 9.59 12.93
CA GLN A 14 -4.64 8.94 14.27
C GLN A 14 -3.28 8.93 14.98
N GLY A 15 -2.24 9.24 14.25
CA GLY A 15 -0.88 9.25 14.88
C GLY A 15 -0.56 7.87 15.45
N TRP A 16 -1.02 6.83 14.79
CA TRP A 16 -0.74 5.45 15.29
C TRP A 16 0.57 4.93 14.69
N ASP A 17 1.07 3.84 15.20
CA ASP A 17 2.34 3.27 14.66
C ASP A 17 2.04 2.32 13.51
N MET A 18 2.98 1.49 13.15
CA MET A 18 2.74 0.53 12.03
C MET A 18 1.79 -0.58 12.49
N ASP A 19 2.06 -1.19 13.60
CA ASP A 19 1.16 -2.28 14.10
C ASP A 19 1.38 -2.51 15.59
N ASP A 20 1.91 -1.53 16.29
CA ASP A 20 2.14 -1.69 17.75
C ASP A 20 0.82 -1.58 18.50
N ASP A 21 0.07 -0.54 18.25
CA ASP A 21 -1.23 -0.37 18.97
C ASP A 21 -2.30 -1.25 18.31
N ASP A 22 -3.20 -0.67 17.56
CA ASP A 22 -4.26 -1.47 16.91
C ASP A 22 -4.53 -0.92 15.51
N LEU A 23 -3.49 -0.69 14.77
CA LEU A 23 -3.66 -0.14 13.39
C LEU A 23 -4.74 -0.91 12.63
N PHE A 24 -4.38 -2.01 12.03
CA PHE A 24 -5.38 -2.81 11.26
C PHE A 24 -6.47 -3.34 12.18
N GLU A 25 -6.31 -3.19 13.47
CA GLU A 25 -7.34 -3.69 14.42
C GLU A 25 -8.39 -2.60 14.68
N LYS A 26 -7.97 -1.46 15.15
CA LYS A 26 -8.94 -0.36 15.42
C LYS A 26 -9.54 0.16 14.12
N ALA A 27 -8.79 0.11 13.05
CA ALA A 27 -9.32 0.60 11.75
C ALA A 27 -10.64 -0.12 11.43
N ALA A 28 -10.77 -1.34 11.87
CA ALA A 28 -12.02 -2.10 11.60
C ALA A 28 -13.10 -1.70 12.60
N ASP A 29 -12.73 -0.98 13.63
CA ASP A 29 -13.73 -0.56 14.65
C ASP A 29 -13.78 0.97 14.74
N ALA A 30 -13.05 1.64 13.89
CA ALA A 30 -13.06 3.14 13.92
C ALA A 30 -14.09 3.67 12.92
N GLY A 31 -14.39 2.92 11.90
CA GLY A 31 -15.38 3.40 10.89
C GLY A 31 -14.64 4.11 9.76
N LEU A 32 -13.77 3.43 9.08
CA LEU A 32 -13.01 4.07 7.96
C LEU A 32 -13.61 3.64 6.61
N ASP A 33 -13.32 4.37 5.57
CA ASP A 33 -13.86 4.00 4.23
C ASP A 33 -13.35 2.62 3.81
N GLY A 34 -14.04 1.97 2.91
CA GLY A 34 -13.58 0.62 2.46
C GLY A 34 -12.24 0.75 1.75
N GLU A 35 -12.08 1.77 0.95
CA GLU A 35 -10.79 1.97 0.23
C GLU A 35 -9.70 2.39 1.22
N ASP A 36 -10.06 2.60 2.46
CA ASP A 36 -9.05 3.02 3.47
C ASP A 36 -8.52 1.81 4.25
N TYR A 37 -9.39 0.90 4.60
CA TYR A 37 -8.93 -0.29 5.36
C TYR A 37 -9.77 -1.52 5.00
N GLY A 38 -9.15 -2.67 4.92
CA GLY A 38 -9.91 -3.91 4.57
C GLY A 38 -8.94 -4.98 4.07
N THR A 39 -9.37 -6.22 4.08
CA THR A 39 -8.48 -7.31 3.60
C THR A 39 -8.51 -7.39 2.07
N MET A 40 -7.39 -7.25 1.42
CA MET A 40 -7.38 -7.32 -0.06
C MET A 40 -7.10 -8.76 -0.51
N GLU A 41 -7.72 -9.18 -1.58
CA GLU A 41 -7.49 -10.57 -2.05
C GLU A 41 -6.85 -10.56 -3.44
N VAL A 42 -5.54 -10.62 -3.50
CA VAL A 42 -4.86 -10.61 -4.82
C VAL A 42 -4.18 -11.96 -5.07
N ALA A 43 -4.62 -12.69 -6.04
CA ALA A 43 -3.98 -14.02 -6.32
C ALA A 43 -2.62 -13.82 -7.00
N GLU A 44 -1.76 -14.79 -6.91
CA GLU A 44 -0.42 -14.64 -7.55
C GLU A 44 -0.58 -14.43 -9.06
N GLY A 45 -0.20 -13.29 -9.55
CA GLY A 45 -0.33 -13.02 -11.01
C GLY A 45 -1.40 -11.95 -11.23
N GLU A 46 -1.84 -11.32 -10.18
CA GLU A 46 -2.89 -10.25 -10.33
C GLU A 46 -2.38 -8.92 -9.77
N TYR A 47 -2.39 -7.88 -10.57
CA TYR A 47 -1.92 -6.56 -10.07
C TYR A 47 -2.73 -6.14 -8.84
N ILE A 48 -2.06 -5.88 -7.75
CA ILE A 48 -2.79 -5.47 -6.52
C ILE A 48 -3.79 -4.35 -6.83
N LEU A 49 -3.32 -3.20 -7.25
CA LEU A 49 -4.25 -2.08 -7.56
C LEU A 49 -5.46 -2.57 -8.35
N GLU A 50 -5.26 -3.50 -9.26
CA GLU A 50 -6.42 -4.01 -10.05
C GLU A 50 -7.33 -4.88 -9.18
N ALA A 51 -6.77 -5.81 -8.47
CA ALA A 51 -7.61 -6.68 -7.59
C ALA A 51 -8.57 -5.83 -6.77
N ALA A 52 -8.09 -4.76 -6.22
CA ALA A 52 -8.96 -3.87 -5.41
C ALA A 52 -9.81 -2.99 -6.33
N GLU A 53 -9.28 -2.63 -7.46
CA GLU A 53 -10.06 -1.77 -8.41
C GLU A 53 -11.36 -2.46 -8.78
N ALA A 54 -11.36 -3.77 -8.81
CA ALA A 54 -12.60 -4.52 -9.17
C ALA A 54 -13.58 -4.48 -7.99
N GLN A 55 -13.11 -4.13 -6.83
CA GLN A 55 -14.01 -4.07 -5.64
C GLN A 55 -14.54 -2.65 -5.45
N GLY A 56 -13.90 -1.68 -6.04
CA GLY A 56 -14.37 -0.28 -5.90
C GLY A 56 -13.32 0.54 -5.14
N TYR A 57 -12.12 0.04 -5.05
CA TYR A 57 -11.05 0.78 -4.32
C TYR A 57 -10.30 1.71 -5.28
N ASP A 58 -9.84 2.83 -4.80
CA ASP A 58 -9.10 3.78 -5.69
C ASP A 58 -7.65 3.93 -5.19
N TRP A 59 -6.71 3.94 -6.10
CA TRP A 59 -5.28 4.08 -5.69
C TRP A 59 -4.60 5.16 -6.52
N PRO A 60 -3.58 5.75 -5.96
CA PRO A 60 -2.83 6.81 -6.67
C PRO A 60 -1.98 6.20 -7.79
N PHE A 61 -2.03 6.78 -8.95
CA PHE A 61 -1.23 6.24 -10.09
C PHE A 61 -1.04 7.33 -11.15
N SER A 62 0.04 7.27 -11.87
CA SER A 62 0.28 8.30 -12.93
C SER A 62 0.98 7.66 -14.13
N CYS A 63 2.13 7.07 -13.93
CA CYS A 63 2.86 6.44 -15.05
C CYS A 63 2.24 5.05 -15.40
N ARG A 64 1.87 4.29 -14.40
CA ARG A 64 1.24 2.95 -14.66
C ARG A 64 2.17 2.02 -15.46
N ALA A 65 3.46 2.16 -15.28
CA ALA A 65 4.42 1.28 -16.01
C ALA A 65 5.56 0.86 -15.06
N GLY A 66 5.50 1.25 -13.81
CA GLY A 66 6.58 0.88 -12.86
C GLY A 66 7.78 1.82 -13.01
N ALA A 67 7.54 3.09 -13.22
CA ALA A 67 8.68 4.04 -13.39
C ALA A 67 8.52 5.28 -12.50
N CYS A 68 7.61 5.26 -11.56
CA CYS A 68 7.46 6.44 -10.67
C CYS A 68 7.01 6.01 -9.26
N ALA A 69 6.81 6.94 -8.36
CA ALA A 69 6.38 6.56 -6.98
C ALA A 69 5.04 7.20 -6.60
N ASN A 70 4.34 7.76 -7.56
CA ASN A 70 3.03 8.38 -7.25
C ASN A 70 2.09 7.35 -6.60
N CYS A 71 2.14 6.13 -7.07
CA CYS A 71 1.27 5.07 -6.48
C CYS A 71 1.98 4.41 -5.30
N ALA A 72 3.05 4.99 -4.85
CA ALA A 72 3.81 4.41 -3.70
C ALA A 72 2.87 3.97 -2.57
N SER A 73 3.31 3.04 -1.76
CA SER A 73 2.47 2.56 -0.63
C SER A 73 3.33 2.43 0.63
N ILE A 74 2.90 1.65 1.58
CA ILE A 74 3.69 1.47 2.82
C ILE A 74 3.45 0.07 3.40
N VAL A 75 4.06 -0.93 2.81
CA VAL A 75 3.86 -2.33 3.31
C VAL A 75 4.14 -2.42 4.81
N LYS A 76 3.15 -2.78 5.59
CA LYS A 76 3.37 -2.88 7.06
C LYS A 76 3.82 -4.28 7.44
N GLU A 77 3.70 -5.22 6.54
CA GLU A 77 4.13 -6.62 6.85
C GLU A 77 3.89 -7.54 5.66
N GLY A 78 4.45 -8.72 5.69
CA GLY A 78 4.25 -9.66 4.55
C GLY A 78 5.28 -9.38 3.46
N GLU A 79 4.95 -9.64 2.23
CA GLU A 79 5.90 -9.39 1.12
C GLU A 79 5.15 -9.21 -0.21
N ILE A 80 5.69 -8.43 -1.11
CA ILE A 80 5.01 -8.22 -2.41
C ILE A 80 5.94 -8.56 -3.56
N ASP A 81 5.42 -9.12 -4.63
CA ASP A 81 6.28 -9.47 -5.79
C ASP A 81 6.46 -8.25 -6.70
N MET A 82 7.68 -7.96 -7.05
CA MET A 82 7.92 -6.78 -7.94
C MET A 82 8.64 -7.21 -9.22
N ASP A 83 9.07 -6.28 -10.02
CA ASP A 83 9.79 -6.64 -11.27
C ASP A 83 11.20 -6.04 -11.28
N MET A 84 11.95 -6.28 -12.31
CA MET A 84 13.33 -5.73 -12.37
C MET A 84 13.29 -4.26 -12.82
N GLN A 85 13.87 -3.38 -12.05
CA GLN A 85 13.86 -1.94 -12.43
C GLN A 85 14.78 -1.15 -11.50
N GLN A 86 14.69 0.16 -11.54
CA GLN A 86 15.57 0.99 -10.65
C GLN A 86 14.76 2.13 -10.04
N ILE A 87 13.47 2.09 -10.15
CA ILE A 87 12.63 3.18 -9.57
C ILE A 87 12.60 3.08 -8.04
N LEU A 88 12.81 1.92 -7.51
CA LEU A 88 12.81 1.76 -6.02
C LEU A 88 13.81 0.69 -5.59
N SER A 89 14.49 0.91 -4.50
CA SER A 89 15.49 -0.08 -4.03
C SER A 89 14.97 -0.83 -2.80
N ASP A 90 15.70 -1.80 -2.32
CA ASP A 90 15.24 -2.56 -1.13
C ASP A 90 15.18 -1.65 0.10
N GLU A 91 16.14 -0.77 0.24
CA GLU A 91 16.14 0.15 1.41
C GLU A 91 14.84 0.94 1.47
N GLU A 92 14.19 1.10 0.35
CA GLU A 92 12.91 1.87 0.34
C GLU A 92 11.76 0.98 0.83
N VAL A 93 11.78 -0.28 0.49
CA VAL A 93 10.69 -1.20 0.94
C VAL A 93 10.90 -1.63 2.39
N GLU A 94 12.09 -1.44 2.92
CA GLU A 94 12.34 -1.85 4.33
C GLU A 94 12.25 -0.64 5.27
N GLU A 95 12.92 0.43 4.95
CA GLU A 95 12.87 1.63 5.83
C GLU A 95 11.65 2.48 5.48
N LYS A 96 11.23 2.45 4.23
CA LYS A 96 10.06 3.26 3.83
C LYS A 96 8.84 2.35 3.59
N ASP A 97 9.08 1.07 3.47
CA ASP A 97 7.95 0.12 3.23
C ASP A 97 7.18 0.54 1.98
N VAL A 98 7.79 1.29 1.11
CA VAL A 98 7.07 1.73 -0.12
C VAL A 98 7.15 0.67 -1.21
N ARG A 99 6.27 0.74 -2.17
CA ARG A 99 6.27 -0.25 -3.27
C ARG A 99 5.35 0.23 -4.39
N LEU A 100 5.37 -0.44 -5.51
CA LEU A 100 4.49 0.00 -6.64
C LEU A 100 3.26 -0.91 -6.73
N THR A 101 2.12 -0.40 -6.36
CA THR A 101 0.88 -1.22 -6.42
C THR A 101 0.37 -1.33 -7.85
N CYS A 102 0.76 -0.42 -8.70
CA CYS A 102 0.29 -0.47 -10.12
C CYS A 102 1.02 -1.59 -10.86
N ILE A 103 2.26 -1.84 -10.52
CA ILE A 103 3.02 -2.92 -11.21
C ILE A 103 3.61 -3.89 -10.18
N GLY A 104 2.95 -4.06 -9.06
CA GLY A 104 3.47 -4.99 -8.01
C GLY A 104 2.42 -6.04 -7.69
N SER A 105 2.83 -7.22 -7.33
CA SER A 105 1.84 -8.29 -6.99
C SER A 105 2.12 -8.84 -5.59
N PRO A 106 1.23 -9.67 -5.13
CA PRO A 106 1.36 -10.28 -3.78
C PRO A 106 2.45 -11.36 -3.79
N ALA A 107 3.17 -11.50 -2.72
CA ALA A 107 4.24 -12.54 -2.66
C ALA A 107 4.06 -13.44 -1.45
N ALA A 108 3.17 -13.11 -0.57
CA ALA A 108 2.95 -13.94 0.65
C ALA A 108 1.46 -14.23 0.85
N ASP A 109 1.13 -15.22 1.63
CA ASP A 109 -0.30 -15.54 1.87
C ASP A 109 -1.00 -14.38 2.57
N GLU A 110 -0.34 -13.79 3.54
CA GLU A 110 -0.96 -12.63 4.27
C GLU A 110 0.03 -11.47 4.33
N VAL A 111 -0.35 -10.32 3.86
CA VAL A 111 0.59 -9.16 3.89
C VAL A 111 -0.13 -7.90 4.37
N LYS A 112 0.61 -6.98 4.93
CA LYS A 112 -0.02 -5.71 5.42
C LYS A 112 0.61 -4.52 4.68
N ILE A 113 -0.20 -3.59 4.25
CA ILE A 113 0.37 -2.42 3.52
C ILE A 113 -0.62 -1.25 3.54
N VAL A 114 -0.11 -0.05 3.49
CA VAL A 114 -1.00 1.15 3.50
C VAL A 114 -1.12 1.71 2.08
N TYR A 115 -2.32 2.00 1.64
CA TYR A 115 -2.49 2.55 0.27
C TYR A 115 -2.54 4.09 0.30
N ASN A 116 -2.31 4.72 -0.81
CA ASN A 116 -2.34 6.22 -0.87
C ASN A 116 -1.09 6.81 -0.21
N ALA A 117 0.07 6.41 -0.65
CA ALA A 117 1.32 6.96 -0.04
C ALA A 117 1.60 8.36 -0.59
N HIS A 119 0.28 10.78 -0.35
CA HIS A 119 -0.02 11.78 0.71
C HIS A 119 1.28 12.19 1.43
N LEU A 120 2.22 11.30 1.51
CA LEU A 120 3.51 11.62 2.18
C LEU A 120 3.97 13.04 1.80
N ASP A 121 4.02 13.94 2.75
CA ASP A 121 4.46 15.32 2.43
C ASP A 121 5.75 15.29 1.62
N TYR A 122 6.53 14.25 1.76
CA TYR A 122 7.80 14.16 0.99
C TYR A 122 7.51 14.14 -0.51
N LEU A 123 6.32 13.78 -0.89
CA LEU A 123 5.97 13.73 -2.34
C LEU A 123 4.99 14.86 -2.69
N GLN A 124 4.10 15.18 -1.79
CA GLN A 124 3.11 16.27 -2.08
C GLN A 124 3.85 17.59 -2.31
N ASN A 125 5.02 17.74 -1.75
CA ASN A 125 5.78 19.00 -1.93
C ASN A 125 5.75 19.43 -3.40
N ARG A 126 5.76 18.50 -4.30
CA ARG A 126 5.73 18.86 -5.75
C ARG A 126 4.48 19.68 -6.07
N VAL A 127 3.33 19.19 -5.69
CA VAL A 127 2.07 19.94 -5.97
C VAL A 127 1.91 21.10 -4.98
N ILE A 128 1.73 22.29 -5.48
CA ILE A 128 1.56 23.46 -4.57
C ILE A 128 0.36 24.31 -5.00
N PRO A 1 -4.20 -15.27 -0.43
CA PRO A 1 -3.92 -13.93 -1.01
C PRO A 1 -4.69 -12.86 -0.23
N THR A 2 -4.48 -12.79 1.06
CA THR A 2 -5.19 -11.76 1.87
C THR A 2 -4.27 -10.57 2.16
N VAL A 3 -4.69 -9.38 1.82
CA VAL A 3 -3.84 -8.18 2.07
C VAL A 3 -4.72 -7.05 2.60
N GLU A 4 -4.59 -6.70 3.85
CA GLU A 4 -5.42 -5.60 4.42
C GLU A 4 -4.83 -4.25 4.03
N TYR A 5 -5.59 -3.41 3.39
CA TYR A 5 -5.08 -2.07 2.99
C TYR A 5 -5.49 -1.01 4.00
N LEU A 6 -4.59 -0.13 4.36
CA LEU A 6 -4.93 0.94 5.34
C LEU A 6 -4.59 2.31 4.77
N ASN A 7 -5.49 3.24 4.86
CA ASN A 7 -5.23 4.61 4.31
C ASN A 7 -4.01 5.23 4.99
N TYR A 8 -3.03 5.64 4.22
CA TYR A 8 -1.82 6.27 4.82
C TYR A 8 -2.23 7.50 5.64
N GLU A 9 -3.24 8.19 5.20
CA GLU A 9 -3.70 9.41 5.94
C GLU A 9 -4.29 9.00 7.28
N THR A 10 -4.94 7.86 7.33
CA THR A 10 -5.53 7.40 8.62
C THR A 10 -4.42 7.18 9.65
N LEU A 11 -3.27 6.76 9.21
CA LEU A 11 -2.15 6.52 10.15
C LEU A 11 -1.71 7.85 10.77
N ASP A 12 -1.62 8.88 9.97
CA ASP A 12 -1.20 10.21 10.51
C ASP A 12 -2.38 10.88 11.23
N ASP A 13 -3.53 10.90 10.60
CA ASP A 13 -4.71 11.54 11.25
C ASP A 13 -4.93 10.94 12.63
N GLN A 14 -5.09 9.64 12.70
CA GLN A 14 -5.31 8.99 14.02
C GLN A 14 -4.10 9.21 14.93
N GLY A 15 -2.93 9.21 14.37
CA GLY A 15 -1.70 9.41 15.19
C GLY A 15 -1.16 8.06 15.64
N TRP A 16 -1.32 7.05 14.84
CA TRP A 16 -0.81 5.69 15.23
C TRP A 16 0.56 5.46 14.61
N ASP A 17 1.06 4.25 14.70
CA ASP A 17 2.41 3.97 14.11
C ASP A 17 2.28 2.94 12.98
N MET A 18 3.38 2.40 12.53
CA MET A 18 3.33 1.41 11.43
C MET A 18 2.80 0.06 11.94
N ASP A 19 3.28 -0.37 13.07
CA ASP A 19 2.80 -1.69 13.62
C ASP A 19 2.90 -1.69 15.14
N ASP A 20 2.96 -0.54 15.75
CA ASP A 20 3.06 -0.47 17.23
C ASP A 20 1.75 -0.95 17.88
N ASP A 21 0.67 -0.28 17.61
CA ASP A 21 -0.63 -0.69 18.20
C ASP A 21 -1.23 -1.87 17.42
N ASP A 22 -2.23 -1.63 16.63
CA ASP A 22 -2.86 -2.72 15.85
C ASP A 22 -3.84 -2.11 14.87
N LEU A 23 -3.44 -1.02 14.28
CA LEU A 23 -4.32 -0.30 13.30
C LEU A 23 -5.14 -1.30 12.48
N PHE A 24 -4.50 -2.18 11.76
CA PHE A 24 -5.27 -3.16 10.94
C PHE A 24 -6.29 -3.90 11.81
N GLU A 25 -5.99 -4.07 13.06
CA GLU A 25 -6.95 -4.77 13.96
C GLU A 25 -7.89 -3.76 14.61
N LYS A 26 -7.36 -2.72 15.19
CA LYS A 26 -8.23 -1.69 15.82
C LYS A 26 -9.12 -1.03 14.76
N ALA A 27 -8.75 -1.14 13.52
CA ALA A 27 -9.58 -0.53 12.44
C ALA A 27 -10.97 -1.16 12.43
N ALA A 28 -11.07 -2.40 12.80
CA ALA A 28 -12.40 -3.07 12.81
C ALA A 28 -13.27 -2.49 13.93
N ASP A 29 -12.66 -1.83 14.89
CA ASP A 29 -13.45 -1.25 16.00
C ASP A 29 -13.53 0.28 15.84
N ALA A 30 -13.08 0.79 14.72
CA ALA A 30 -13.13 2.26 14.51
C ALA A 30 -14.22 2.60 13.49
N GLY A 31 -14.47 1.73 12.55
CA GLY A 31 -15.52 2.00 11.53
C GLY A 31 -14.99 3.03 10.52
N LEU A 32 -13.91 2.70 9.87
CA LEU A 32 -13.33 3.66 8.86
C LEU A 32 -13.92 3.38 7.47
N ASP A 33 -13.68 4.26 6.54
CA ASP A 33 -14.22 4.06 5.16
C ASP A 33 -13.69 2.74 4.57
N GLY A 34 -14.24 2.32 3.46
CA GLY A 34 -13.77 1.06 2.83
C GLY A 34 -12.60 1.36 1.89
N GLU A 35 -12.56 2.55 1.35
CA GLU A 35 -11.44 2.90 0.43
C GLU A 35 -10.19 3.23 1.25
N ASP A 36 -10.32 3.31 2.54
CA ASP A 36 -9.14 3.62 3.40
C ASP A 36 -8.68 2.37 4.15
N TYR A 37 -9.60 1.66 4.75
CA TYR A 37 -9.23 0.44 5.50
C TYR A 37 -10.12 -0.74 5.08
N GLY A 38 -9.56 -1.91 4.97
CA GLY A 38 -10.37 -3.09 4.57
C GLY A 38 -9.45 -4.20 4.06
N THR A 39 -9.96 -5.40 3.97
CA THR A 39 -9.12 -6.53 3.48
C THR A 39 -9.06 -6.52 1.94
N MET A 40 -7.89 -6.64 1.38
CA MET A 40 -7.78 -6.65 -0.10
C MET A 40 -7.55 -8.07 -0.62
N GLU A 41 -8.28 -8.47 -1.63
CA GLU A 41 -8.11 -9.85 -2.17
C GLU A 41 -7.30 -9.78 -3.48
N VAL A 42 -6.11 -10.34 -3.48
CA VAL A 42 -5.28 -10.31 -4.72
C VAL A 42 -4.85 -11.72 -5.11
N ALA A 43 -5.47 -12.29 -6.10
CA ALA A 43 -5.09 -13.66 -6.54
C ALA A 43 -3.65 -13.66 -7.06
N GLU A 44 -2.82 -14.54 -6.57
CA GLU A 44 -1.41 -14.59 -7.04
C GLU A 44 -1.35 -14.41 -8.56
N GLY A 45 -0.77 -13.33 -9.02
CA GLY A 45 -0.69 -13.09 -10.48
C GLY A 45 -1.62 -11.93 -10.84
N GLU A 46 -2.10 -11.21 -9.86
CA GLU A 46 -3.01 -10.06 -10.15
C GLU A 46 -2.41 -8.76 -9.62
N TYR A 47 -2.01 -7.88 -10.50
CA TYR A 47 -1.42 -6.59 -10.04
C TYR A 47 -2.26 -6.01 -8.91
N ILE A 48 -1.63 -5.71 -7.79
CA ILE A 48 -2.40 -5.14 -6.64
C ILE A 48 -3.42 -4.10 -7.14
N LEU A 49 -2.96 -3.09 -7.82
CA LEU A 49 -3.90 -2.05 -8.33
C LEU A 49 -5.06 -2.72 -9.08
N GLU A 50 -4.80 -3.81 -9.73
CA GLU A 50 -5.88 -4.52 -10.47
C GLU A 50 -6.75 -5.33 -9.50
N ALA A 51 -6.15 -6.13 -8.68
CA ALA A 51 -6.95 -6.95 -7.71
C ALA A 51 -7.95 -6.06 -6.97
N ALA A 52 -7.50 -4.95 -6.47
CA ALA A 52 -8.42 -4.03 -5.74
C ALA A 52 -9.27 -3.24 -6.73
N GLU A 53 -8.71 -2.90 -7.86
CA GLU A 53 -9.49 -2.14 -8.87
C GLU A 53 -10.73 -2.95 -9.28
N ALA A 54 -10.62 -4.24 -9.28
CA ALA A 54 -11.78 -5.09 -9.66
C ALA A 54 -12.74 -5.22 -8.47
N GLN A 55 -12.44 -4.57 -7.38
CA GLN A 55 -13.33 -4.67 -6.19
C GLN A 55 -13.96 -3.29 -5.89
N GLY A 56 -13.22 -2.24 -6.08
CA GLY A 56 -13.76 -0.88 -5.80
C GLY A 56 -12.73 -0.04 -5.04
N TYR A 57 -11.46 -0.24 -5.30
CA TYR A 57 -10.43 0.55 -4.60
C TYR A 57 -9.73 1.48 -5.57
N ASP A 58 -9.40 2.68 -5.15
CA ASP A 58 -8.71 3.63 -6.06
C ASP A 58 -7.28 3.90 -5.57
N TRP A 59 -6.33 3.87 -6.47
CA TRP A 59 -4.91 4.12 -6.06
C TRP A 59 -4.28 5.19 -6.95
N PRO A 60 -3.29 5.85 -6.41
CA PRO A 60 -2.59 6.91 -7.16
C PRO A 60 -1.72 6.29 -8.25
N PHE A 61 -1.73 6.85 -9.43
CA PHE A 61 -0.90 6.27 -10.53
C PHE A 61 -0.65 7.33 -11.62
N SER A 62 0.45 7.24 -12.29
CA SER A 62 0.75 8.24 -13.36
C SER A 62 1.47 7.56 -14.52
N CYS A 63 2.61 6.96 -14.25
CA CYS A 63 3.37 6.29 -15.35
C CYS A 63 2.72 4.94 -15.72
N ARG A 64 2.25 4.20 -14.75
CA ARG A 64 1.57 2.88 -15.04
C ARG A 64 2.52 1.90 -15.75
N ALA A 65 3.79 2.00 -15.52
CA ALA A 65 4.75 1.06 -16.16
C ALA A 65 5.84 0.61 -15.16
N GLY A 66 5.74 1.05 -13.93
CA GLY A 66 6.76 0.64 -12.91
C GLY A 66 8.02 1.52 -13.06
N ALA A 67 7.85 2.79 -13.32
CA ALA A 67 9.05 3.67 -13.49
C ALA A 67 8.92 4.93 -12.61
N CYS A 68 7.97 4.99 -11.72
CA CYS A 68 7.82 6.20 -10.85
C CYS A 68 7.35 5.79 -9.45
N ALA A 69 7.16 6.74 -8.57
CA ALA A 69 6.71 6.40 -7.19
C ALA A 69 5.37 7.06 -6.85
N ASN A 70 4.71 7.62 -7.84
CA ASN A 70 3.40 8.28 -7.57
C ASN A 70 2.43 7.28 -6.94
N CYS A 71 2.44 6.05 -7.40
CA CYS A 71 1.53 5.03 -6.82
C CYS A 71 2.18 4.37 -5.61
N ALA A 72 3.24 4.95 -5.11
CA ALA A 72 3.95 4.37 -3.94
C ALA A 72 2.95 3.92 -2.86
N SER A 73 3.36 2.98 -2.05
CA SER A 73 2.47 2.48 -0.96
C SER A 73 3.28 2.31 0.33
N ILE A 74 2.77 1.57 1.27
CA ILE A 74 3.53 1.36 2.53
C ILE A 74 3.24 -0.03 3.09
N VAL A 75 3.84 -1.04 2.52
CA VAL A 75 3.60 -2.43 3.00
C VAL A 75 3.93 -2.55 4.49
N LYS A 76 2.98 -2.90 5.31
CA LYS A 76 3.26 -3.02 6.77
C LYS A 76 3.67 -4.46 7.11
N GLU A 77 3.50 -5.37 6.19
CA GLU A 77 3.88 -6.78 6.46
C GLU A 77 3.74 -7.62 5.18
N GLY A 78 3.98 -8.90 5.27
CA GLY A 78 3.87 -9.75 4.06
C GLY A 78 4.97 -9.37 3.06
N GLU A 79 5.09 -10.08 1.98
CA GLU A 79 6.14 -9.76 0.99
C GLU A 79 5.52 -9.56 -0.41
N ILE A 80 5.73 -8.43 -1.01
CA ILE A 80 5.16 -8.18 -2.36
C ILE A 80 6.25 -8.37 -3.42
N ASP A 81 5.94 -9.07 -4.49
CA ASP A 81 6.96 -9.28 -5.56
C ASP A 81 6.77 -8.27 -6.69
N MET A 82 7.84 -7.76 -7.21
CA MET A 82 7.73 -6.76 -8.32
C MET A 82 8.54 -7.23 -9.54
N ASP A 83 8.69 -6.37 -10.52
CA ASP A 83 9.47 -6.78 -11.73
C ASP A 83 10.94 -6.40 -11.57
N MET A 84 11.75 -6.71 -12.54
CA MET A 84 13.20 -6.37 -12.45
C MET A 84 13.41 -4.87 -12.69
N GLN A 85 13.10 -4.06 -11.72
CA GLN A 85 13.28 -2.59 -11.90
C GLN A 85 13.45 -1.91 -10.54
N GLN A 86 12.37 -1.75 -9.81
CA GLN A 86 12.46 -1.09 -8.47
C GLN A 86 12.89 0.36 -8.63
N ILE A 87 11.97 1.28 -8.61
CA ILE A 87 12.33 2.72 -8.76
C ILE A 87 12.92 3.24 -7.44
N LEU A 88 12.46 2.76 -6.33
CA LEU A 88 13.00 3.24 -5.02
C LEU A 88 14.21 2.39 -4.62
N SER A 89 14.85 2.73 -3.53
CA SER A 89 16.03 1.94 -3.08
C SER A 89 15.60 0.87 -2.10
N ASP A 90 16.51 0.00 -1.72
CA ASP A 90 16.14 -1.08 -0.75
C ASP A 90 15.74 -0.47 0.59
N GLU A 91 16.55 0.40 1.12
CA GLU A 91 16.22 1.03 2.43
C GLU A 91 14.80 1.60 2.37
N GLU A 92 14.33 1.87 1.17
CA GLU A 92 12.95 2.42 1.02
C GLU A 92 11.93 1.28 1.16
N VAL A 93 12.18 0.18 0.50
CA VAL A 93 11.23 -0.97 0.59
C VAL A 93 11.39 -1.68 1.94
N GLU A 94 12.48 -1.43 2.61
CA GLU A 94 12.69 -2.10 3.94
C GLU A 94 12.26 -1.18 5.08
N GLU A 95 12.69 0.05 5.06
CA GLU A 95 12.30 0.99 6.15
C GLU A 95 11.06 1.79 5.75
N LYS A 96 11.01 2.25 4.53
CA LYS A 96 9.82 3.04 4.09
C LYS A 96 8.67 2.10 3.69
N ASP A 97 8.98 0.87 3.40
CA ASP A 97 7.91 -0.10 3.01
C ASP A 97 7.15 0.42 1.78
N VAL A 98 7.79 1.19 0.95
CA VAL A 98 7.09 1.72 -0.25
C VAL A 98 7.39 0.86 -1.47
N ARG A 99 6.37 0.31 -2.08
CA ARG A 99 6.58 -0.53 -3.29
C ARG A 99 5.67 -0.04 -4.42
N LEU A 100 5.75 -0.66 -5.57
CA LEU A 100 4.88 -0.22 -6.70
C LEU A 100 3.66 -1.14 -6.81
N THR A 101 2.49 -0.62 -6.56
CA THR A 101 1.27 -1.45 -6.64
C THR A 101 0.78 -1.57 -8.09
N CYS A 102 1.09 -0.60 -8.92
CA CYS A 102 0.63 -0.67 -10.34
C CYS A 102 1.37 -1.79 -11.09
N ILE A 103 2.55 -2.12 -10.66
CA ILE A 103 3.31 -3.21 -11.34
C ILE A 103 3.91 -4.17 -10.32
N GLY A 104 3.28 -4.32 -9.19
CA GLY A 104 3.82 -5.25 -8.15
C GLY A 104 2.72 -6.22 -7.70
N SER A 105 3.08 -7.43 -7.38
CA SER A 105 2.06 -8.42 -6.93
C SER A 105 2.47 -9.02 -5.57
N PRO A 106 1.48 -9.36 -4.80
CA PRO A 106 1.74 -9.95 -3.46
C PRO A 106 2.29 -11.37 -3.60
N ALA A 107 3.21 -11.74 -2.76
CA ALA A 107 3.78 -13.11 -2.84
C ALA A 107 3.57 -13.86 -1.52
N ALA A 108 2.85 -13.26 -0.61
CA ALA A 108 2.61 -13.93 0.70
C ALA A 108 1.11 -13.99 0.99
N ASP A 109 0.64 -15.08 1.56
CA ASP A 109 -0.81 -15.20 1.85
C ASP A 109 -1.28 -13.97 2.63
N GLU A 110 -0.96 -13.88 3.90
CA GLU A 110 -1.39 -12.70 4.70
C GLU A 110 -0.39 -11.56 4.55
N VAL A 111 -0.81 -10.43 4.08
CA VAL A 111 0.13 -9.28 3.90
C VAL A 111 -0.53 -7.99 4.38
N LYS A 112 0.27 -7.04 4.80
CA LYS A 112 -0.30 -5.74 5.27
C LYS A 112 0.34 -4.58 4.50
N ILE A 113 -0.44 -3.63 4.08
CA ILE A 113 0.13 -2.47 3.33
C ILE A 113 -0.83 -1.28 3.36
N VAL A 114 -0.32 -0.09 3.21
CA VAL A 114 -1.20 1.11 3.21
C VAL A 114 -1.32 1.65 1.78
N TYR A 115 -2.46 2.18 1.43
CA TYR A 115 -2.64 2.72 0.05
C TYR A 115 -2.58 4.25 0.05
N ASN A 116 -2.17 4.84 -1.04
CA ASN A 116 -2.08 6.33 -1.12
C ASN A 116 -0.84 6.83 -0.38
N ALA A 117 0.33 6.37 -0.77
CA ALA A 117 1.57 6.81 -0.08
C ALA A 117 2.00 8.19 -0.58
N HIS A 119 0.90 10.71 -0.36
CA HIS A 119 0.64 11.71 0.71
C HIS A 119 1.90 11.88 1.57
N LEU A 120 2.78 10.93 1.53
CA LEU A 120 4.02 11.03 2.36
C LEU A 120 4.61 12.44 2.26
N ASP A 121 5.32 12.86 3.27
CA ASP A 121 5.91 14.23 3.24
C ASP A 121 7.02 14.30 2.19
N TYR A 122 7.56 13.17 1.82
CA TYR A 122 8.65 13.16 0.79
C TYR A 122 8.05 13.37 -0.61
N LEU A 123 6.81 13.04 -0.79
CA LEU A 123 6.18 13.22 -2.13
C LEU A 123 5.19 14.39 -2.09
N GLN A 124 4.63 14.67 -0.94
CA GLN A 124 3.66 15.80 -0.84
C GLN A 124 4.38 17.14 -1.08
N ASN A 125 5.68 17.14 -1.02
CA ASN A 125 6.44 18.40 -1.26
C ASN A 125 6.31 18.84 -2.73
N ARG A 126 5.88 17.95 -3.58
CA ARG A 126 5.73 18.30 -5.02
C ARG A 126 4.32 18.83 -5.29
N VAL A 127 3.43 18.69 -4.34
CA VAL A 127 2.04 19.18 -4.54
C VAL A 127 1.98 20.70 -4.35
N ILE A 128 1.45 21.41 -5.31
CA ILE A 128 1.37 22.89 -5.18
C ILE A 128 -0.03 23.30 -4.69
N PRO A 1 -3.22 -14.44 -3.04
CA PRO A 1 -3.22 -14.51 -1.55
C PRO A 1 -4.10 -13.40 -0.97
N THR A 2 -4.27 -13.40 0.33
CA THR A 2 -5.11 -12.34 0.97
C THR A 2 -4.23 -11.17 1.40
N VAL A 3 -4.76 -9.96 1.32
CA VAL A 3 -3.95 -8.77 1.73
C VAL A 3 -4.85 -7.77 2.45
N GLU A 4 -4.30 -6.64 2.84
CA GLU A 4 -5.12 -5.62 3.55
C GLU A 4 -4.69 -4.22 3.14
N TYR A 5 -5.62 -3.36 2.82
CA TYR A 5 -5.25 -1.97 2.43
C TYR A 5 -5.56 -0.99 3.56
N LEU A 6 -4.66 -0.10 3.85
CA LEU A 6 -4.91 0.89 4.94
C LEU A 6 -4.63 2.30 4.42
N ASN A 7 -5.49 3.23 4.71
CA ASN A 7 -5.29 4.63 4.23
C ASN A 7 -4.16 5.31 5.01
N TYR A 8 -3.11 5.70 4.33
CA TYR A 8 -1.98 6.36 5.03
C TYR A 8 -2.48 7.62 5.75
N GLU A 9 -3.45 8.28 5.18
CA GLU A 9 -4.00 9.51 5.82
C GLU A 9 -4.53 9.16 7.22
N THR A 10 -5.20 8.05 7.33
CA THR A 10 -5.74 7.65 8.66
C THR A 10 -4.59 7.51 9.67
N LEU A 11 -3.43 7.13 9.20
CA LEU A 11 -2.27 7.00 10.12
C LEU A 11 -1.90 8.37 10.68
N ASP A 12 -1.82 9.36 9.84
CA ASP A 12 -1.47 10.73 10.32
C ASP A 12 -2.70 11.39 10.94
N ASP A 13 -3.83 11.33 10.28
CA ASP A 13 -5.05 11.95 10.83
C ASP A 13 -5.21 11.60 12.31
N GLN A 14 -5.24 10.34 12.63
CA GLN A 14 -5.38 9.93 14.06
C GLN A 14 -4.04 10.12 14.78
N GLY A 15 -2.97 10.21 14.05
CA GLY A 15 -1.64 10.39 14.68
C GLY A 15 -1.23 9.10 15.40
N TRP A 16 -1.53 7.98 14.83
CA TRP A 16 -1.17 6.68 15.49
C TRP A 16 0.24 6.26 15.06
N ASP A 17 0.65 5.07 15.42
CA ASP A 17 2.01 4.60 15.04
C ASP A 17 1.97 3.94 13.66
N MET A 18 3.10 3.47 13.18
CA MET A 18 3.13 2.83 11.84
C MET A 18 2.60 1.40 11.93
N ASP A 19 3.12 0.61 12.83
CA ASP A 19 2.65 -0.79 12.96
C ASP A 19 2.55 -1.21 14.44
N ASP A 20 2.75 -0.29 15.34
CA ASP A 20 2.67 -0.63 16.79
C ASP A 20 1.21 -0.70 17.24
N ASP A 21 0.41 0.24 16.82
CA ASP A 21 -1.03 0.24 17.23
C ASP A 21 -1.81 -0.77 16.38
N ASP A 22 -1.14 -1.47 15.51
CA ASP A 22 -1.85 -2.47 14.66
C ASP A 22 -3.11 -1.84 14.05
N LEU A 23 -2.97 -0.71 13.43
CA LEU A 23 -4.16 -0.03 12.82
C LEU A 23 -5.00 -1.06 12.05
N PHE A 24 -4.36 -1.99 11.39
CA PHE A 24 -5.12 -3.01 10.62
C PHE A 24 -6.08 -3.76 11.56
N GLU A 25 -5.86 -3.68 12.84
CA GLU A 25 -6.76 -4.38 13.80
C GLU A 25 -7.68 -3.39 14.50
N LYS A 26 -7.13 -2.32 15.02
CA LYS A 26 -7.98 -1.31 15.72
C LYS A 26 -8.87 -0.59 14.70
N ALA A 27 -8.43 -0.50 13.47
CA ALA A 27 -9.25 0.19 12.44
C ALA A 27 -10.61 -0.49 12.31
N ALA A 28 -10.66 -1.78 12.46
CA ALA A 28 -11.97 -2.49 12.34
C ALA A 28 -12.93 -2.01 13.43
N ASP A 29 -12.40 -1.45 14.49
CA ASP A 29 -13.29 -0.95 15.58
C ASP A 29 -13.56 0.55 15.39
N ALA A 30 -12.84 1.19 14.52
CA ALA A 30 -13.06 2.64 14.28
C ALA A 30 -14.19 2.85 13.28
N GLY A 31 -14.38 1.92 12.39
CA GLY A 31 -15.47 2.06 11.38
C GLY A 31 -14.96 2.89 10.19
N LEU A 32 -13.80 2.55 9.67
CA LEU A 32 -13.26 3.31 8.52
C LEU A 32 -13.91 2.82 7.22
N ASP A 33 -13.89 3.63 6.18
CA ASP A 33 -14.51 3.22 4.89
C ASP A 33 -13.63 2.15 4.21
N GLY A 34 -14.23 1.19 3.58
CA GLY A 34 -13.43 0.14 2.89
C GLY A 34 -12.42 0.80 1.95
N GLU A 35 -12.66 2.03 1.56
CA GLU A 35 -11.72 2.72 0.65
C GLU A 35 -10.47 3.17 1.42
N ASP A 36 -10.41 2.88 2.69
CA ASP A 36 -9.22 3.28 3.49
C ASP A 36 -8.66 2.07 4.22
N TYR A 37 -9.49 1.36 4.93
CA TYR A 37 -9.02 0.15 5.66
C TYR A 37 -9.93 -1.04 5.34
N GLY A 38 -9.36 -2.17 5.04
CA GLY A 38 -10.19 -3.36 4.73
C GLY A 38 -9.29 -4.47 4.18
N THR A 39 -9.78 -5.68 4.13
CA THR A 39 -8.95 -6.80 3.61
C THR A 39 -9.02 -6.85 2.08
N MET A 40 -7.91 -7.08 1.44
CA MET A 40 -7.93 -7.14 -0.05
C MET A 40 -7.81 -8.59 -0.53
N GLU A 41 -8.48 -8.93 -1.59
CA GLU A 41 -8.39 -10.32 -2.11
C GLU A 41 -7.67 -10.34 -3.46
N VAL A 42 -6.42 -10.72 -3.46
CA VAL A 42 -5.65 -10.75 -4.74
C VAL A 42 -5.26 -12.19 -5.09
N ALA A 43 -5.57 -12.62 -6.29
CA ALA A 43 -5.21 -14.02 -6.68
C ALA A 43 -3.69 -14.13 -6.86
N GLU A 44 -3.21 -15.29 -7.20
CA GLU A 44 -1.74 -15.47 -7.40
C GLU A 44 -1.29 -14.80 -8.70
N GLY A 45 -0.42 -13.84 -8.62
CA GLY A 45 0.05 -13.15 -9.85
C GLY A 45 -0.94 -12.04 -10.22
N GLU A 46 -1.84 -11.71 -9.33
CA GLU A 46 -2.83 -10.64 -9.65
C GLU A 46 -2.29 -9.28 -9.20
N TYR A 47 -1.94 -8.43 -10.12
CA TYR A 47 -1.41 -7.08 -9.74
C TYR A 47 -2.27 -6.47 -8.64
N ILE A 48 -1.65 -5.95 -7.61
CA ILE A 48 -2.45 -5.33 -6.51
C ILE A 48 -3.44 -4.32 -7.08
N LEU A 49 -2.97 -3.32 -7.77
CA LEU A 49 -3.89 -2.31 -8.36
C LEU A 49 -5.11 -3.01 -8.98
N GLU A 50 -4.89 -4.12 -9.65
CA GLU A 50 -6.02 -4.84 -10.28
C GLU A 50 -6.91 -5.48 -9.20
N ALA A 51 -6.32 -6.10 -8.22
CA ALA A 51 -7.13 -6.75 -7.15
C ALA A 51 -7.95 -5.70 -6.40
N ALA A 52 -7.35 -4.61 -6.04
CA ALA A 52 -8.08 -3.55 -5.30
C ALA A 52 -9.10 -2.88 -6.22
N GLU A 53 -8.65 -2.43 -7.36
CA GLU A 53 -9.59 -1.76 -8.31
C GLU A 53 -10.77 -2.69 -8.60
N ALA A 54 -10.51 -3.96 -8.75
CA ALA A 54 -11.61 -4.93 -9.03
C ALA A 54 -12.37 -5.21 -7.73
N GLN A 55 -11.83 -4.80 -6.61
CA GLN A 55 -12.52 -5.04 -5.31
C GLN A 55 -13.35 -3.81 -4.92
N GLY A 56 -12.89 -2.64 -5.29
CA GLY A 56 -13.66 -1.40 -4.94
C GLY A 56 -12.71 -0.31 -4.46
N TYR A 57 -11.43 -0.57 -4.38
CA TYR A 57 -10.48 0.48 -3.91
C TYR A 57 -9.84 1.17 -5.11
N ASP A 58 -10.15 2.42 -5.32
CA ASP A 58 -9.57 3.16 -6.48
C ASP A 58 -8.33 3.94 -6.06
N TRP A 59 -7.31 3.27 -5.60
CA TRP A 59 -6.07 4.00 -5.18
C TRP A 59 -5.60 4.91 -6.31
N PRO A 60 -4.71 5.81 -5.99
CA PRO A 60 -4.17 6.75 -7.00
C PRO A 60 -3.28 6.03 -8.01
N PHE A 61 -3.22 6.52 -9.22
CA PHE A 61 -2.37 5.88 -10.25
C PHE A 61 -2.10 6.88 -11.38
N SER A 62 -0.95 6.80 -12.00
CA SER A 62 -0.64 7.77 -13.09
C SER A 62 0.18 7.10 -14.20
N CYS A 63 1.33 6.58 -13.89
CA CYS A 63 2.17 5.95 -14.93
C CYS A 63 1.71 4.50 -15.20
N ARG A 64 1.35 3.77 -14.19
CA ARG A 64 0.87 2.36 -14.39
C ARG A 64 1.91 1.50 -15.11
N ALA A 65 3.17 1.77 -14.91
CA ALA A 65 4.24 0.97 -15.57
C ALA A 65 5.39 0.71 -14.59
N GLY A 66 5.26 1.15 -13.37
CA GLY A 66 6.35 0.92 -12.37
C GLY A 66 7.46 1.97 -12.55
N ALA A 67 7.12 3.19 -12.85
CA ALA A 67 8.17 4.23 -13.05
C ALA A 67 7.89 5.49 -12.22
N CYS A 68 6.94 5.45 -11.33
CA CYS A 68 6.65 6.66 -10.49
C CYS A 68 6.23 6.25 -9.08
N ALA A 69 5.83 7.18 -8.25
CA ALA A 69 5.44 6.82 -6.85
C ALA A 69 4.00 7.26 -6.53
N ASN A 70 3.27 7.70 -7.52
CA ASN A 70 1.87 8.15 -7.26
C ASN A 70 1.06 7.02 -6.62
N CYS A 71 1.40 5.79 -6.92
CA CYS A 71 0.65 4.64 -6.33
C CYS A 71 1.44 4.04 -5.17
N ALA A 72 2.65 4.51 -4.95
CA ALA A 72 3.50 3.96 -3.85
C ALA A 72 2.65 3.67 -2.60
N SER A 73 3.07 2.74 -1.81
CA SER A 73 2.31 2.40 -0.56
C SER A 73 3.29 2.09 0.57
N ILE A 74 2.82 1.44 1.60
CA ILE A 74 3.73 1.10 2.74
C ILE A 74 3.38 -0.29 3.27
N VAL A 75 3.69 -1.32 2.53
CA VAL A 75 3.36 -2.71 2.99
C VAL A 75 3.67 -2.84 4.49
N LYS A 76 2.66 -3.09 5.29
CA LYS A 76 2.90 -3.21 6.75
C LYS A 76 3.31 -4.64 7.11
N GLU A 77 3.27 -5.54 6.16
CA GLU A 77 3.66 -6.95 6.46
C GLU A 77 3.38 -7.85 5.24
N GLY A 78 3.87 -9.06 5.27
CA GLY A 78 3.64 -9.98 4.12
C GLY A 78 4.78 -9.83 3.12
N GLU A 79 4.51 -10.04 1.86
CA GLU A 79 5.57 -9.91 0.82
C GLU A 79 4.95 -9.72 -0.56
N ILE A 80 5.51 -8.86 -1.36
CA ILE A 80 4.94 -8.64 -2.73
C ILE A 80 6.03 -8.81 -3.79
N ASP A 81 5.66 -9.21 -4.98
CA ASP A 81 6.67 -9.40 -6.05
C ASP A 81 6.53 -8.30 -7.11
N MET A 82 7.58 -8.01 -7.82
CA MET A 82 7.50 -6.95 -8.86
C MET A 82 8.52 -7.21 -9.97
N ASP A 83 8.72 -6.26 -10.84
CA ASP A 83 9.70 -6.46 -11.95
C ASP A 83 11.00 -5.72 -11.64
N MET A 84 12.02 -5.93 -12.43
CA MET A 84 13.32 -5.24 -12.18
C MET A 84 13.20 -3.75 -12.49
N GLN A 85 13.46 -2.92 -11.52
CA GLN A 85 13.36 -1.45 -11.76
C GLN A 85 14.13 -0.68 -10.68
N GLN A 86 14.33 0.60 -10.88
CA GLN A 86 15.08 1.40 -9.87
C GLN A 86 14.20 2.52 -9.32
N ILE A 87 12.93 2.27 -9.16
CA ILE A 87 12.01 3.33 -8.63
C ILE A 87 12.28 3.57 -7.14
N LEU A 88 12.83 2.60 -6.47
CA LEU A 88 13.12 2.77 -5.02
C LEU A 88 14.38 1.99 -4.62
N SER A 89 14.82 2.11 -3.40
CA SER A 89 16.04 1.36 -2.96
C SER A 89 15.66 0.28 -1.94
N ASP A 90 16.48 -0.73 -1.81
CA ASP A 90 16.18 -1.81 -0.83
C ASP A 90 15.83 -1.21 0.54
N GLU A 91 16.56 -0.22 0.97
CA GLU A 91 16.27 0.42 2.28
C GLU A 91 14.83 0.94 2.29
N GLU A 92 14.30 1.25 1.14
CA GLU A 92 12.89 1.76 1.08
C GLU A 92 11.90 0.63 1.36
N VAL A 93 12.17 -0.54 0.87
CA VAL A 93 11.24 -1.68 1.09
C VAL A 93 11.41 -2.23 2.52
N GLU A 94 12.52 -1.95 3.15
CA GLU A 94 12.75 -2.47 4.52
C GLU A 94 12.56 -1.34 5.55
N GLU A 95 12.82 -0.13 5.17
CA GLU A 95 12.67 1.01 6.13
C GLU A 95 11.35 1.74 5.90
N LYS A 96 10.92 1.84 4.66
CA LYS A 96 9.64 2.56 4.38
C LYS A 96 8.57 1.57 3.91
N ASP A 97 8.94 0.36 3.59
CA ASP A 97 7.94 -0.65 3.12
C ASP A 97 7.19 -0.13 1.90
N VAL A 98 7.85 0.60 1.05
CA VAL A 98 7.14 1.14 -0.16
C VAL A 98 7.30 0.19 -1.35
N ARG A 99 6.42 0.30 -2.30
CA ARG A 99 6.51 -0.58 -3.51
C ARG A 99 5.49 -0.11 -4.55
N LEU A 100 5.56 -0.61 -5.75
CA LEU A 100 4.60 -0.17 -6.80
C LEU A 100 3.42 -1.15 -6.87
N THR A 101 2.24 -0.68 -6.55
CA THR A 101 1.05 -1.58 -6.58
C THR A 101 0.57 -1.77 -8.03
N CYS A 102 0.88 -0.84 -8.90
CA CYS A 102 0.42 -0.99 -10.31
C CYS A 102 1.18 -2.13 -11.00
N ILE A 103 2.43 -2.34 -10.65
CA ILE A 103 3.20 -3.47 -11.28
C ILE A 103 3.69 -4.44 -10.20
N GLY A 104 3.00 -4.52 -9.09
CA GLY A 104 3.46 -5.45 -8.01
C GLY A 104 2.33 -6.39 -7.61
N SER A 105 2.65 -7.63 -7.35
CA SER A 105 1.60 -8.61 -6.95
C SER A 105 2.01 -9.27 -5.62
N PRO A 106 1.03 -9.55 -4.82
CA PRO A 106 1.29 -10.17 -3.49
C PRO A 106 1.67 -11.65 -3.66
N ALA A 107 2.71 -12.08 -3.01
CA ALA A 107 3.13 -13.50 -3.13
C ALA A 107 2.88 -14.23 -1.81
N ALA A 108 2.90 -13.51 -0.72
CA ALA A 108 2.65 -14.16 0.60
C ALA A 108 1.15 -14.41 0.80
N ASP A 109 0.80 -15.45 1.52
CA ASP A 109 -0.65 -15.73 1.74
C ASP A 109 -1.33 -14.52 2.40
N GLU A 110 -0.71 -13.93 3.38
CA GLU A 110 -1.33 -12.75 4.05
C GLU A 110 -0.38 -11.55 3.97
N VAL A 111 -0.88 -10.42 3.56
CA VAL A 111 -0.01 -9.21 3.45
C VAL A 111 -0.77 -7.96 3.88
N LYS A 112 -0.06 -6.99 4.40
CA LYS A 112 -0.72 -5.72 4.83
C LYS A 112 0.01 -4.53 4.19
N ILE A 113 -0.70 -3.50 3.85
CA ILE A 113 -0.04 -2.32 3.22
C ILE A 113 -0.91 -1.07 3.35
N VAL A 114 -0.33 0.08 3.10
CA VAL A 114 -1.11 1.35 3.20
C VAL A 114 -1.06 2.08 1.86
N TYR A 115 -2.20 2.40 1.31
CA TYR A 115 -2.22 3.12 0.00
C TYR A 115 -2.07 4.63 0.23
N ASN A 116 -1.90 5.39 -0.82
CA ASN A 116 -1.76 6.86 -0.66
C ASN A 116 -0.43 7.23 0.00
N ALA A 117 0.63 6.56 -0.36
CA ALA A 117 1.95 6.88 0.25
C ALA A 117 2.41 8.28 -0.19
N HIS A 119 1.27 10.87 0.42
CA HIS A 119 1.10 11.82 1.56
C HIS A 119 2.42 11.98 2.32
N LEU A 120 3.23 10.95 2.35
CA LEU A 120 4.52 11.04 3.08
C LEU A 120 5.33 12.24 2.58
N ASP A 121 5.24 13.35 3.26
CA ASP A 121 6.00 14.56 2.82
C ASP A 121 7.50 14.28 2.89
N TYR A 122 7.91 13.37 3.73
CA TYR A 122 9.36 13.05 3.84
C TYR A 122 9.87 12.41 2.55
N LEU A 123 8.98 11.84 1.77
CA LEU A 123 9.42 11.20 0.49
C LEU A 123 9.15 12.14 -0.69
N GLN A 124 8.20 13.02 -0.56
CA GLN A 124 7.89 13.96 -1.67
C GLN A 124 9.14 14.77 -2.03
N ASN A 125 10.10 14.82 -1.16
CA ASN A 125 11.34 15.61 -1.46
C ASN A 125 12.15 14.91 -2.55
N ARG A 126 11.80 13.70 -2.90
CA ARG A 126 12.55 12.98 -3.95
C ARG A 126 11.89 13.17 -5.32
N VAL A 127 10.77 13.84 -5.35
CA VAL A 127 10.08 14.06 -6.66
C VAL A 127 10.99 14.82 -7.62
N ILE A 128 11.12 14.34 -8.83
CA ILE A 128 11.99 15.03 -9.82
C ILE A 128 11.15 15.59 -10.97
N PRO A 1 -4.24 -15.47 -0.87
CA PRO A 1 -3.56 -14.16 -1.05
C PRO A 1 -4.38 -13.04 -0.40
N THR A 2 -4.28 -12.91 0.90
CA THR A 2 -5.05 -11.83 1.60
C THR A 2 -4.17 -10.61 1.84
N VAL A 3 -4.60 -9.46 1.39
CA VAL A 3 -3.78 -8.23 1.59
C VAL A 3 -4.66 -7.12 2.18
N GLU A 4 -4.47 -6.82 3.45
CA GLU A 4 -5.30 -5.74 4.07
C GLU A 4 -4.75 -4.36 3.72
N TYR A 5 -5.48 -3.60 2.95
CA TYR A 5 -4.99 -2.24 2.57
C TYR A 5 -5.34 -1.22 3.67
N LEU A 6 -4.46 -0.28 3.93
CA LEU A 6 -4.73 0.73 4.98
C LEU A 6 -4.50 2.15 4.43
N ASN A 7 -5.39 3.06 4.71
CA ASN A 7 -5.21 4.44 4.22
C ASN A 7 -4.05 5.13 4.93
N TYR A 8 -3.04 5.53 4.19
CA TYR A 8 -1.89 6.22 4.84
C TYR A 8 -2.38 7.39 5.68
N GLU A 9 -3.48 7.98 5.29
CA GLU A 9 -4.03 9.13 6.07
C GLU A 9 -4.49 8.65 7.45
N THR A 10 -4.93 7.43 7.54
CA THR A 10 -5.40 6.89 8.85
C THR A 10 -4.21 6.79 9.82
N LEU A 11 -3.07 6.36 9.33
CA LEU A 11 -1.89 6.24 10.23
C LEU A 11 -1.47 7.62 10.75
N ASP A 12 -1.49 8.62 9.89
CA ASP A 12 -1.10 9.99 10.33
C ASP A 12 -2.23 10.63 11.13
N ASP A 13 -3.43 10.60 10.62
CA ASP A 13 -4.57 11.21 11.37
C ASP A 13 -4.62 10.67 12.79
N GLN A 14 -4.80 9.39 12.95
CA GLN A 14 -4.85 8.80 14.32
C GLN A 14 -3.52 9.02 15.03
N GLY A 15 -2.44 9.05 14.31
CA GLY A 15 -1.11 9.28 14.94
C GLY A 15 -0.69 8.00 15.68
N TRP A 16 -0.68 6.88 15.00
CA TRP A 16 -0.26 5.62 15.66
C TRP A 16 1.05 5.12 15.08
N ASP A 17 1.43 3.92 15.39
CA ASP A 17 2.71 3.37 14.85
C ASP A 17 2.48 2.63 13.54
N MET A 18 3.50 2.05 12.98
CA MET A 18 3.33 1.31 11.69
C MET A 18 2.67 -0.05 11.94
N ASP A 19 3.20 -0.81 12.84
CA ASP A 19 2.61 -2.16 13.13
C ASP A 19 2.62 -2.44 14.63
N ASP A 20 2.98 -1.47 15.43
CA ASP A 20 3.01 -1.69 16.90
C ASP A 20 1.59 -1.86 17.44
N ASP A 21 0.74 -0.88 17.25
CA ASP A 21 -0.65 -0.99 17.76
C ASP A 21 -1.50 -1.83 16.80
N ASP A 22 -0.89 -2.51 15.87
CA ASP A 22 -1.70 -3.34 14.92
C ASP A 22 -2.84 -2.51 14.34
N LEU A 23 -2.53 -1.36 13.81
CA LEU A 23 -3.58 -0.48 13.22
C LEU A 23 -4.65 -1.30 12.51
N PHE A 24 -4.25 -2.26 11.71
CA PHE A 24 -5.25 -3.08 10.97
C PHE A 24 -6.25 -3.70 11.96
N GLU A 25 -5.84 -3.91 13.17
CA GLU A 25 -6.76 -4.49 14.19
C GLU A 25 -7.59 -3.38 14.85
N LYS A 26 -6.99 -2.25 15.11
CA LYS A 26 -7.74 -1.14 15.75
C LYS A 26 -8.58 -0.39 14.70
N ALA A 27 -8.23 -0.50 13.45
CA ALA A 27 -9.00 0.20 12.39
C ALA A 27 -10.43 -0.38 12.30
N ALA A 28 -10.61 -1.59 12.75
CA ALA A 28 -11.96 -2.21 12.70
C ALA A 28 -12.84 -1.62 13.81
N ASP A 29 -12.26 -0.95 14.75
CA ASP A 29 -13.07 -0.36 15.87
C ASP A 29 -13.38 1.11 15.58
N ALA A 30 -12.85 1.64 14.51
CA ALA A 30 -13.12 3.07 14.17
C ALA A 30 -14.18 3.18 13.07
N GLY A 31 -14.23 2.21 12.19
CA GLY A 31 -15.23 2.27 11.09
C GLY A 31 -14.85 3.38 10.12
N LEU A 32 -13.62 3.43 9.70
CA LEU A 32 -13.18 4.49 8.76
C LEU A 32 -13.69 4.20 7.34
N ASP A 33 -13.26 4.94 6.37
CA ASP A 33 -13.73 4.72 4.97
C ASP A 33 -13.37 3.29 4.53
N GLY A 34 -14.12 2.75 3.60
CA GLY A 34 -13.83 1.37 3.11
C GLY A 34 -12.61 1.39 2.21
N GLU A 35 -12.56 2.32 1.29
CA GLU A 35 -11.39 2.41 0.37
C GLU A 35 -10.12 2.72 1.17
N ASP A 36 -10.27 3.08 2.42
CA ASP A 36 -9.08 3.41 3.25
C ASP A 36 -8.57 2.15 3.96
N TYR A 37 -9.42 1.45 4.65
CA TYR A 37 -8.97 0.22 5.36
C TYR A 37 -9.91 -0.95 5.04
N GLY A 38 -9.36 -2.12 4.86
CA GLY A 38 -10.22 -3.31 4.55
C GLY A 38 -9.33 -4.46 4.07
N THR A 39 -9.91 -5.61 3.84
CA THR A 39 -9.10 -6.77 3.37
C THR A 39 -9.07 -6.80 1.84
N MET A 40 -7.92 -7.02 1.26
CA MET A 40 -7.84 -7.07 -0.23
C MET A 40 -7.36 -8.46 -0.67
N GLU A 41 -8.27 -9.31 -1.07
CA GLU A 41 -7.86 -10.67 -1.53
C GLU A 41 -7.69 -10.70 -3.04
N VAL A 42 -6.49 -10.92 -3.51
CA VAL A 42 -6.26 -10.95 -4.98
C VAL A 42 -5.52 -12.24 -5.38
N ALA A 43 -5.84 -12.77 -6.53
CA ALA A 43 -5.15 -14.02 -6.98
C ALA A 43 -3.64 -13.80 -7.06
N GLU A 44 -2.88 -14.58 -6.32
CA GLU A 44 -1.41 -14.41 -6.35
C GLU A 44 -0.91 -14.26 -7.80
N GLY A 45 -0.34 -13.13 -8.12
CA GLY A 45 0.15 -12.92 -9.51
C GLY A 45 -0.58 -11.73 -10.13
N GLU A 46 -1.57 -11.21 -9.44
CA GLU A 46 -2.31 -10.04 -10.00
C GLU A 46 -1.80 -8.74 -9.39
N TYR A 47 -1.77 -7.68 -10.15
CA TYR A 47 -1.27 -6.39 -9.61
C TYR A 47 -2.30 -5.78 -8.64
N ILE A 48 -1.85 -5.30 -7.52
CA ILE A 48 -2.79 -4.69 -6.54
C ILE A 48 -3.74 -3.71 -7.25
N LEU A 49 -3.21 -2.62 -7.73
CA LEU A 49 -4.07 -1.62 -8.43
C LEU A 49 -5.05 -2.35 -9.37
N GLU A 50 -4.64 -3.42 -9.98
CA GLU A 50 -5.55 -4.14 -10.90
C GLU A 50 -6.55 -4.99 -10.12
N ALA A 51 -6.08 -5.79 -9.20
CA ALA A 51 -7.00 -6.65 -8.41
C ALA A 51 -7.95 -5.80 -7.57
N ALA A 52 -7.42 -4.84 -6.88
CA ALA A 52 -8.30 -3.98 -6.02
C ALA A 52 -9.18 -3.08 -6.89
N GLU A 53 -8.72 -2.71 -8.06
CA GLU A 53 -9.54 -1.85 -8.94
C GLU A 53 -10.77 -2.62 -9.44
N ALA A 54 -10.63 -3.91 -9.60
CA ALA A 54 -11.79 -4.72 -10.08
C ALA A 54 -12.84 -4.85 -8.97
N GLN A 55 -12.50 -4.49 -7.77
CA GLN A 55 -13.48 -4.60 -6.65
C GLN A 55 -14.15 -3.25 -6.39
N GLY A 56 -13.49 -2.17 -6.72
CA GLY A 56 -14.10 -0.83 -6.49
C GLY A 56 -13.17 0.02 -5.62
N TYR A 57 -11.93 -0.39 -5.48
CA TYR A 57 -10.99 0.41 -4.64
C TYR A 57 -10.39 1.56 -5.46
N ASP A 58 -9.52 2.34 -4.89
CA ASP A 58 -8.92 3.48 -5.65
C ASP A 58 -7.45 3.65 -5.28
N TRP A 59 -6.59 3.76 -6.27
CA TRP A 59 -5.14 3.94 -5.98
C TRP A 59 -4.54 5.00 -6.91
N PRO A 60 -3.58 5.71 -6.40
CA PRO A 60 -2.91 6.77 -7.20
C PRO A 60 -2.00 6.14 -8.25
N PHE A 61 -1.96 6.68 -9.43
CA PHE A 61 -1.09 6.11 -10.49
C PHE A 61 -1.02 7.05 -11.70
N SER A 62 0.07 7.03 -12.42
CA SER A 62 0.21 7.93 -13.60
C SER A 62 0.98 7.22 -14.70
N CYS A 63 2.18 6.80 -14.42
CA CYS A 63 3.00 6.12 -15.46
C CYS A 63 2.44 4.71 -15.74
N ARG A 64 2.05 3.99 -14.72
CA ARG A 64 1.47 2.61 -14.94
C ARG A 64 2.45 1.69 -15.70
N ALA A 65 3.72 1.90 -15.53
CA ALA A 65 4.73 1.05 -16.23
C ALA A 65 5.88 0.70 -15.28
N GLY A 66 5.81 1.13 -14.04
CA GLY A 66 6.91 0.82 -13.08
C GLY A 66 8.06 1.83 -13.25
N ALA A 67 7.74 3.07 -13.49
CA ALA A 67 8.82 4.08 -13.68
C ALA A 67 8.60 5.33 -12.79
N CYS A 68 7.62 5.31 -11.92
CA CYS A 68 7.40 6.49 -11.03
C CYS A 68 7.00 6.03 -9.62
N ALA A 69 6.71 6.94 -8.73
CA ALA A 69 6.33 6.53 -7.34
C ALA A 69 4.97 7.13 -6.94
N ASN A 70 4.26 7.70 -7.87
CA ASN A 70 2.94 8.30 -7.54
C ASN A 70 2.02 7.24 -6.92
N CYS A 71 2.08 6.03 -7.39
CA CYS A 71 1.21 4.96 -6.83
C CYS A 71 1.93 4.25 -5.67
N ALA A 72 3.01 4.81 -5.21
CA ALA A 72 3.78 4.18 -4.10
C ALA A 72 2.86 3.78 -2.94
N SER A 73 3.30 2.85 -2.13
CA SER A 73 2.48 2.40 -0.96
C SER A 73 3.37 2.24 0.28
N ILE A 74 2.90 1.53 1.26
CA ILE A 74 3.71 1.35 2.50
C ILE A 74 3.39 -0.02 3.13
N VAL A 75 3.80 -1.08 2.51
CA VAL A 75 3.52 -2.44 3.07
C VAL A 75 3.81 -2.47 4.58
N LYS A 76 2.87 -2.91 5.37
CA LYS A 76 3.10 -2.95 6.84
C LYS A 76 3.53 -4.36 7.26
N GLU A 77 3.52 -5.29 6.34
CA GLU A 77 3.94 -6.68 6.69
C GLU A 77 3.67 -7.63 5.52
N GLY A 78 4.29 -8.78 5.51
CA GLY A 78 4.07 -9.73 4.40
C GLY A 78 5.15 -9.50 3.33
N GLU A 79 5.01 -10.14 2.20
CA GLU A 79 6.02 -9.95 1.11
C GLU A 79 5.32 -9.77 -0.23
N ILE A 80 5.72 -8.78 -0.98
CA ILE A 80 5.08 -8.54 -2.31
C ILE A 80 6.05 -8.89 -3.45
N ASP A 81 5.54 -9.42 -4.52
CA ASP A 81 6.43 -9.76 -5.66
C ASP A 81 6.48 -8.61 -6.66
N MET A 82 7.64 -8.31 -7.19
CA MET A 82 7.75 -7.19 -8.16
C MET A 82 8.69 -7.55 -9.30
N ASP A 83 8.53 -6.95 -10.45
CA ASP A 83 9.42 -7.25 -11.60
C ASP A 83 10.86 -6.80 -11.29
N MET A 84 11.76 -7.02 -12.20
CA MET A 84 13.18 -6.60 -11.97
C MET A 84 13.31 -5.09 -12.10
N GLN A 85 12.90 -4.35 -11.10
CA GLN A 85 13.00 -2.86 -11.18
C GLN A 85 12.84 -2.26 -9.77
N GLN A 86 13.32 -1.06 -9.58
CA GLN A 86 13.18 -0.42 -8.24
C GLN A 86 13.35 1.10 -8.35
N ILE A 87 12.28 1.81 -8.58
CA ILE A 87 12.38 3.28 -8.70
C ILE A 87 12.70 3.90 -7.33
N LEU A 88 12.38 3.21 -6.27
CA LEU A 88 12.68 3.73 -4.91
C LEU A 88 14.02 3.19 -4.41
N SER A 89 14.42 3.55 -3.23
CA SER A 89 15.72 3.06 -2.70
C SER A 89 15.48 1.83 -1.81
N ASP A 90 16.51 1.04 -1.60
CA ASP A 90 16.34 -0.17 -0.75
C ASP A 90 15.87 0.23 0.66
N GLU A 91 16.45 1.25 1.21
CA GLU A 91 16.03 1.69 2.57
C GLU A 91 14.53 1.97 2.58
N GLU A 92 13.98 2.29 1.45
CA GLU A 92 12.51 2.58 1.39
C GLU A 92 11.72 1.27 1.45
N VAL A 93 12.19 0.25 0.80
CA VAL A 93 11.47 -1.06 0.83
C VAL A 93 11.66 -1.74 2.19
N GLU A 94 12.64 -1.29 2.93
CA GLU A 94 12.90 -1.91 4.27
C GLU A 94 12.47 -0.95 5.39
N GLU A 95 12.67 0.32 5.20
CA GLU A 95 12.28 1.30 6.25
C GLU A 95 10.96 1.98 5.88
N LYS A 96 10.77 2.31 4.63
CA LYS A 96 9.50 2.97 4.22
C LYS A 96 8.51 1.94 3.69
N ASP A 97 8.90 0.69 3.66
CA ASP A 97 7.98 -0.38 3.15
C ASP A 97 7.23 0.11 1.92
N VAL A 98 7.90 0.82 1.05
CA VAL A 98 7.20 1.32 -0.16
C VAL A 98 7.23 0.28 -1.28
N ARG A 99 6.31 0.34 -2.20
CA ARG A 99 6.28 -0.65 -3.31
C ARG A 99 5.42 -0.09 -4.46
N LEU A 100 5.46 -0.74 -5.59
CA LEU A 100 4.65 -0.24 -6.75
C LEU A 100 3.34 -1.02 -6.84
N THR A 101 2.24 -0.40 -6.50
CA THR A 101 0.93 -1.10 -6.57
C THR A 101 0.57 -1.41 -8.02
N CYS A 102 0.97 -0.56 -8.93
CA CYS A 102 0.66 -0.81 -10.37
C CYS A 102 1.62 -1.86 -10.93
N ILE A 103 2.68 -2.15 -10.23
CA ILE A 103 3.66 -3.15 -10.72
C ILE A 103 4.06 -4.12 -9.60
N GLY A 104 3.28 -4.17 -8.55
CA GLY A 104 3.64 -5.09 -7.43
C GLY A 104 2.47 -6.03 -7.14
N SER A 105 2.76 -7.29 -6.91
CA SER A 105 1.68 -8.26 -6.60
C SER A 105 1.98 -8.95 -5.27
N PRO A 106 0.94 -9.19 -4.51
CA PRO A 106 1.09 -9.84 -3.18
C PRO A 106 1.48 -11.31 -3.35
N ALA A 107 2.62 -11.68 -2.84
CA ALA A 107 3.07 -13.11 -2.97
C ALA A 107 2.70 -13.89 -1.71
N ALA A 108 2.87 -13.29 -0.56
CA ALA A 108 2.52 -14.00 0.71
C ALA A 108 1.00 -14.07 0.88
N ASP A 109 0.53 -14.91 1.77
CA ASP A 109 -0.94 -15.02 1.97
C ASP A 109 -1.46 -13.78 2.71
N GLU A 110 -1.17 -13.68 3.99
CA GLU A 110 -1.65 -12.49 4.76
C GLU A 110 -0.61 -11.37 4.68
N VAL A 111 -0.91 -10.31 3.98
CA VAL A 111 0.06 -9.19 3.87
C VAL A 111 -0.61 -7.86 4.24
N LYS A 112 0.07 -7.04 4.98
CA LYS A 112 -0.51 -5.72 5.38
C LYS A 112 0.19 -4.59 4.64
N ILE A 113 -0.55 -3.61 4.19
CA ILE A 113 0.09 -2.47 3.45
C ILE A 113 -0.84 -1.24 3.45
N VAL A 114 -0.26 -0.08 3.35
CA VAL A 114 -1.09 1.16 3.33
C VAL A 114 -1.22 1.65 1.88
N TYR A 115 -2.38 2.09 1.49
CA TYR A 115 -2.56 2.57 0.09
C TYR A 115 -2.59 4.11 0.04
N ASN A 116 -2.30 4.67 -1.11
CA ASN A 116 -2.29 6.15 -1.26
C ASN A 116 -1.03 6.75 -0.61
N ALA A 117 0.12 6.31 -1.03
CA ALA A 117 1.38 6.86 -0.43
C ALA A 117 1.65 8.27 -0.96
N HIS A 119 0.31 10.67 -0.67
CA HIS A 119 0.01 11.66 0.40
C HIS A 119 1.29 12.00 1.17
N LEU A 120 2.26 11.13 1.15
CA LEU A 120 3.54 11.41 1.87
C LEU A 120 3.94 12.88 1.69
N ASP A 121 3.60 13.71 2.64
CA ASP A 121 3.95 15.16 2.52
C ASP A 121 5.37 15.34 2.00
N TYR A 122 6.26 14.43 2.32
CA TYR A 122 7.66 14.56 1.85
C TYR A 122 7.75 14.27 0.34
N LEU A 123 6.69 13.83 -0.26
CA LEU A 123 6.72 13.53 -1.72
C LEU A 123 5.55 14.23 -2.42
N GLN A 124 4.43 14.32 -1.78
CA GLN A 124 3.26 14.99 -2.42
C GLN A 124 3.67 16.34 -3.02
N ASN A 125 4.52 17.06 -2.34
CA ASN A 125 4.96 18.39 -2.86
C ASN A 125 5.69 18.21 -4.20
N ARG A 126 6.21 17.04 -4.45
CA ARG A 126 6.93 16.81 -5.74
C ARG A 126 5.93 16.66 -6.89
N VAL A 127 4.71 16.31 -6.59
CA VAL A 127 3.70 16.15 -7.67
C VAL A 127 3.43 17.50 -8.34
N ILE A 128 3.27 17.50 -9.64
CA ILE A 128 3.02 18.78 -10.36
C ILE A 128 1.55 19.21 -10.17
N PRO A 1 -3.41 -16.15 -0.61
CA PRO A 1 -3.01 -14.82 -1.16
C PRO A 1 -3.92 -13.72 -0.58
N THR A 2 -3.78 -13.43 0.69
CA THR A 2 -4.63 -12.37 1.30
C THR A 2 -3.78 -11.14 1.62
N VAL A 3 -4.33 -9.97 1.42
CA VAL A 3 -3.56 -8.73 1.70
C VAL A 3 -4.41 -7.76 2.55
N GLU A 4 -3.83 -6.69 2.99
CA GLU A 4 -4.61 -5.70 3.82
C GLU A 4 -4.10 -4.28 3.55
N TYR A 5 -4.92 -3.47 2.94
CA TYR A 5 -4.48 -2.07 2.65
C TYR A 5 -4.98 -1.13 3.74
N LEU A 6 -4.19 -0.14 4.09
CA LEU A 6 -4.61 0.82 5.15
C LEU A 6 -4.28 2.26 4.73
N ASN A 7 -5.17 3.18 4.97
CA ASN A 7 -4.90 4.60 4.60
C ASN A 7 -3.80 5.17 5.50
N TYR A 8 -2.67 5.52 4.95
CA TYR A 8 -1.59 6.08 5.80
C TYR A 8 -2.04 7.38 6.45
N GLU A 9 -2.78 8.20 5.74
CA GLU A 9 -3.24 9.48 6.33
C GLU A 9 -4.05 9.21 7.61
N THR A 10 -4.71 8.10 7.66
CA THR A 10 -5.52 7.77 8.89
C THR A 10 -4.59 7.55 10.08
N LEU A 11 -3.41 7.01 9.83
CA LEU A 11 -2.46 6.75 10.95
C LEU A 11 -1.94 8.07 11.52
N ASP A 12 -1.56 9.00 10.67
CA ASP A 12 -1.05 10.31 11.17
C ASP A 12 -2.21 11.18 11.65
N ASP A 13 -3.25 11.29 10.87
CA ASP A 13 -4.41 12.13 11.30
C ASP A 13 -4.84 11.77 12.72
N GLN A 14 -5.24 10.55 12.94
CA GLN A 14 -5.67 10.15 14.31
C GLN A 14 -4.50 10.28 15.29
N GLY A 15 -3.30 10.06 14.84
CA GLY A 15 -2.12 10.17 15.74
C GLY A 15 -1.83 8.81 16.38
N TRP A 16 -2.09 7.74 15.67
CA TRP A 16 -1.82 6.39 16.24
C TRP A 16 -0.46 5.88 15.76
N ASP A 17 -0.13 4.66 16.10
CA ASP A 17 1.19 4.10 15.65
C ASP A 17 0.98 3.04 14.58
N MET A 18 1.93 2.86 13.71
CA MET A 18 1.79 1.84 12.63
C MET A 18 1.89 0.43 13.22
N ASP A 19 2.31 0.32 14.45
CA ASP A 19 2.44 -1.03 15.07
C ASP A 19 1.89 -1.02 16.50
N ASP A 20 1.96 0.09 17.18
CA ASP A 20 1.45 0.14 18.57
C ASP A 20 -0.08 0.08 18.59
N ASP A 21 -0.73 0.96 17.85
CA ASP A 21 -2.22 0.95 17.83
C ASP A 21 -2.75 -0.16 16.92
N ASP A 22 -1.87 -0.82 16.21
CA ASP A 22 -2.33 -1.90 15.29
C ASP A 22 -3.49 -1.42 14.44
N LEU A 23 -3.33 -0.30 13.79
CA LEU A 23 -4.42 0.24 12.92
C LEU A 23 -5.05 -0.88 12.10
N PHE A 24 -4.25 -1.76 11.56
CA PHE A 24 -4.81 -2.87 10.74
C PHE A 24 -5.80 -3.68 11.57
N GLU A 25 -5.77 -3.52 12.86
CA GLU A 25 -6.72 -4.29 13.73
C GLU A 25 -7.80 -3.35 14.28
N LYS A 26 -7.42 -2.22 14.81
CA LYS A 26 -8.42 -1.26 15.36
C LYS A 26 -9.23 -0.62 14.24
N ALA A 27 -8.72 -0.63 13.04
CA ALA A 27 -9.47 -0.01 11.90
C ALA A 27 -10.71 -0.82 11.58
N ALA A 28 -10.86 -1.98 12.16
CA ALA A 28 -12.06 -2.83 11.89
C ALA A 28 -13.14 -2.57 12.94
N ASP A 29 -12.81 -1.81 13.95
CA ASP A 29 -13.82 -1.52 15.02
C ASP A 29 -14.25 -0.06 14.94
N ALA A 30 -13.59 0.73 14.14
CA ALA A 30 -13.96 2.17 14.03
C ALA A 30 -14.86 2.39 12.81
N GLY A 31 -14.77 1.53 11.84
CA GLY A 31 -15.61 1.69 10.62
C GLY A 31 -14.85 2.51 9.58
N LEU A 32 -13.58 2.27 9.43
CA LEU A 32 -12.78 3.04 8.43
C LEU A 32 -13.28 2.74 7.01
N ASP A 33 -13.37 3.74 6.19
CA ASP A 33 -13.86 3.51 4.80
C ASP A 33 -13.16 2.27 4.19
N GLY A 34 -13.80 1.60 3.28
CA GLY A 34 -13.17 0.40 2.67
C GLY A 34 -11.99 0.82 1.80
N GLU A 35 -11.99 2.04 1.32
CA GLU A 35 -10.87 2.51 0.48
C GLU A 35 -9.63 2.76 1.33
N ASP A 36 -9.83 3.12 2.57
CA ASP A 36 -8.67 3.39 3.47
C ASP A 36 -8.19 2.10 4.14
N TYR A 37 -9.08 1.32 4.68
CA TYR A 37 -8.67 0.05 5.34
C TYR A 37 -9.53 -1.13 4.90
N GLY A 38 -8.95 -2.28 4.77
CA GLY A 38 -9.74 -3.48 4.35
C GLY A 38 -8.78 -4.58 3.89
N THR A 39 -9.17 -5.81 4.02
CA THR A 39 -8.28 -6.93 3.59
C THR A 39 -8.37 -7.11 2.07
N MET A 40 -7.26 -6.98 1.39
CA MET A 40 -7.29 -7.12 -0.10
C MET A 40 -6.96 -8.56 -0.50
N GLU A 41 -7.92 -9.45 -0.41
CA GLU A 41 -7.66 -10.86 -0.80
C GLU A 41 -7.72 -11.00 -2.33
N VAL A 42 -6.63 -11.32 -2.96
CA VAL A 42 -6.64 -11.44 -4.45
C VAL A 42 -5.97 -12.74 -4.88
N ALA A 43 -6.01 -13.06 -6.14
CA ALA A 43 -5.37 -14.32 -6.64
C ALA A 43 -3.86 -14.12 -6.77
N GLU A 44 -3.14 -15.17 -7.08
CA GLU A 44 -1.67 -15.05 -7.23
C GLU A 44 -1.33 -14.31 -8.53
N GLY A 45 -0.70 -13.18 -8.44
CA GLY A 45 -0.34 -12.41 -9.67
C GLY A 45 -1.39 -11.32 -9.92
N GLU A 46 -2.31 -11.15 -9.01
CA GLU A 46 -3.36 -10.11 -9.20
C GLU A 46 -2.82 -8.74 -8.78
N TYR A 47 -2.46 -7.91 -9.72
CA TYR A 47 -1.93 -6.56 -9.37
C TYR A 47 -2.86 -5.87 -8.37
N ILE A 48 -2.33 -5.40 -7.27
CA ILE A 48 -3.18 -4.72 -6.26
C ILE A 48 -4.15 -3.74 -6.94
N LEU A 49 -3.64 -2.66 -7.46
CA LEU A 49 -4.53 -1.66 -8.12
C LEU A 49 -5.56 -2.37 -9.00
N GLU A 50 -5.18 -3.42 -9.67
CA GLU A 50 -6.15 -4.15 -10.54
C GLU A 50 -7.04 -5.05 -9.69
N ALA A 51 -6.47 -5.75 -8.74
CA ALA A 51 -7.31 -6.65 -7.89
C ALA A 51 -8.38 -5.85 -7.15
N ALA A 52 -7.99 -4.79 -6.51
CA ALA A 52 -8.97 -3.95 -5.77
C ALA A 52 -9.85 -3.16 -6.75
N GLU A 53 -9.32 -2.87 -7.90
CA GLU A 53 -10.12 -2.09 -8.91
C GLU A 53 -11.39 -2.85 -9.27
N ALA A 54 -11.27 -4.14 -9.45
CA ALA A 54 -12.48 -4.95 -9.81
C ALA A 54 -13.48 -4.93 -8.66
N GLN A 55 -13.07 -4.48 -7.50
CA GLN A 55 -14.01 -4.44 -6.35
C GLN A 55 -14.59 -3.03 -6.18
N GLY A 56 -13.83 -2.02 -6.55
CA GLY A 56 -14.33 -0.63 -6.42
C GLY A 56 -13.37 0.19 -5.54
N TYR A 57 -12.12 -0.18 -5.51
CA TYR A 57 -11.15 0.58 -4.67
C TYR A 57 -10.46 1.66 -5.51
N ASP A 58 -9.81 2.60 -4.87
CA ASP A 58 -9.11 3.66 -5.64
C ASP A 58 -7.67 3.85 -5.14
N TRP A 59 -6.74 3.98 -6.03
CA TRP A 59 -5.32 4.17 -5.60
C TRP A 59 -4.65 5.27 -6.44
N PRO A 60 -3.62 5.83 -5.87
CA PRO A 60 -2.87 6.90 -6.57
C PRO A 60 -2.03 6.30 -7.70
N PHE A 61 -2.05 6.90 -8.86
CA PHE A 61 -1.26 6.36 -9.99
C PHE A 61 -1.01 7.45 -11.04
N SER A 62 0.03 7.32 -11.80
CA SER A 62 0.35 8.34 -12.83
C SER A 62 0.94 7.67 -14.07
N CYS A 63 2.03 6.98 -13.91
CA CYS A 63 2.68 6.31 -15.08
C CYS A 63 1.97 4.97 -15.39
N ARG A 64 1.61 4.22 -14.39
CA ARG A 64 0.89 2.91 -14.64
C ARG A 64 1.77 1.91 -15.41
N ALA A 65 3.06 1.99 -15.25
CA ALA A 65 3.97 1.04 -15.95
C ALA A 65 5.09 0.60 -15.01
N GLY A 66 5.08 1.04 -13.78
CA GLY A 66 6.15 0.63 -12.83
C GLY A 66 7.41 1.49 -13.04
N ALA A 67 7.24 2.76 -13.31
CA ALA A 67 8.43 3.63 -13.54
C ALA A 67 8.37 4.93 -12.71
N CYS A 68 7.50 4.98 -11.73
CA CYS A 68 7.42 6.21 -10.89
C CYS A 68 7.03 5.85 -9.45
N ALA A 69 6.79 6.82 -8.60
CA ALA A 69 6.43 6.51 -7.19
C ALA A 69 5.11 7.17 -6.78
N ASN A 70 4.38 7.72 -7.70
CA ASN A 70 3.08 8.38 -7.35
C ASN A 70 2.17 7.36 -6.66
N CYS A 71 2.15 6.14 -7.11
CA CYS A 71 1.28 5.11 -6.48
C CYS A 71 2.02 4.47 -5.29
N ALA A 72 3.11 5.06 -4.88
CA ALA A 72 3.89 4.50 -3.75
C ALA A 72 2.98 4.04 -2.60
N SER A 73 3.42 3.04 -1.87
CA SER A 73 2.62 2.52 -0.72
C SER A 73 3.57 2.21 0.44
N ILE A 74 3.10 1.51 1.44
CA ILE A 74 3.98 1.18 2.60
C ILE A 74 3.60 -0.19 3.16
N VAL A 75 4.05 -1.24 2.54
CA VAL A 75 3.72 -2.61 3.04
C VAL A 75 4.06 -2.74 4.53
N LYS A 76 3.11 -3.06 5.35
CA LYS A 76 3.40 -3.19 6.82
C LYS A 76 3.89 -4.61 7.12
N GLU A 77 3.75 -5.51 6.18
CA GLU A 77 4.21 -6.91 6.41
C GLU A 77 4.02 -7.74 5.14
N GLY A 78 4.58 -8.91 5.10
CA GLY A 78 4.43 -9.77 3.89
C GLY A 78 5.35 -9.24 2.78
N GLU A 79 5.53 -10.01 1.74
CA GLU A 79 6.42 -9.55 0.64
C GLU A 79 5.60 -9.32 -0.63
N ILE A 80 5.94 -8.31 -1.39
CA ILE A 80 5.18 -8.02 -2.65
C ILE A 80 6.08 -8.23 -3.86
N ASP A 81 5.50 -8.50 -4.99
CA ASP A 81 6.33 -8.71 -6.22
C ASP A 81 6.27 -7.47 -7.13
N MET A 82 7.40 -7.04 -7.62
CA MET A 82 7.41 -5.84 -8.51
C MET A 82 8.07 -6.18 -9.85
N ASP A 83 8.18 -5.22 -10.72
CA ASP A 83 8.82 -5.49 -12.05
C ASP A 83 10.35 -5.48 -11.92
N MET A 84 11.02 -6.25 -12.73
CA MET A 84 12.50 -6.29 -12.66
C MET A 84 13.10 -4.97 -13.15
N GLN A 85 13.43 -4.09 -12.26
CA GLN A 85 14.02 -2.78 -12.69
C GLN A 85 14.76 -2.13 -11.52
N GLN A 86 14.95 -0.83 -11.57
CA GLN A 86 15.67 -0.14 -10.45
C GLN A 86 14.97 1.18 -10.11
N ILE A 87 13.66 1.17 -10.08
CA ILE A 87 12.92 2.43 -9.75
C ILE A 87 12.88 2.64 -8.23
N LEU A 88 13.04 1.58 -7.48
CA LEU A 88 13.01 1.72 -6.00
C LEU A 88 14.34 1.26 -5.40
N SER A 89 14.45 1.25 -4.10
CA SER A 89 15.73 0.82 -3.46
C SER A 89 15.45 -0.15 -2.31
N ASP A 90 16.25 -1.17 -2.16
CA ASP A 90 16.03 -2.14 -1.06
C ASP A 90 15.76 -1.41 0.26
N GLU A 91 16.58 -0.45 0.58
CA GLU A 91 16.38 0.31 1.85
C GLU A 91 14.98 0.91 1.88
N GLU A 92 14.41 1.15 0.73
CA GLU A 92 13.04 1.74 0.68
C GLU A 92 11.99 0.67 1.01
N VAL A 93 12.22 -0.55 0.60
CA VAL A 93 11.23 -1.62 0.88
C VAL A 93 11.40 -2.14 2.32
N GLU A 94 12.53 -1.90 2.91
CA GLU A 94 12.76 -2.37 4.31
C GLU A 94 12.52 -1.24 5.31
N GLU A 95 12.92 -0.04 4.96
CA GLU A 95 12.71 1.10 5.90
C GLU A 95 11.39 1.81 5.57
N LYS A 96 11.14 2.05 4.31
CA LYS A 96 9.87 2.74 3.94
C LYS A 96 8.81 1.72 3.50
N ASP A 97 9.20 0.48 3.34
CA ASP A 97 8.21 -0.56 2.92
C ASP A 97 7.42 -0.08 1.71
N VAL A 98 8.04 0.66 0.84
CA VAL A 98 7.32 1.17 -0.36
C VAL A 98 7.38 0.17 -1.51
N ARG A 99 6.58 0.37 -2.52
CA ARG A 99 6.58 -0.56 -3.68
C ARG A 99 5.65 -0.04 -4.77
N LEU A 100 5.49 -0.78 -5.84
CA LEU A 100 4.59 -0.32 -6.93
C LEU A 100 3.26 -1.08 -6.87
N THR A 101 2.22 -0.42 -6.46
CA THR A 101 0.89 -1.08 -6.37
C THR A 101 0.25 -1.20 -7.76
N CYS A 102 0.62 -0.34 -8.67
CA CYS A 102 0.04 -0.41 -10.04
C CYS A 102 0.61 -1.60 -10.81
N ILE A 103 1.81 -2.01 -10.49
CA ILE A 103 2.42 -3.16 -11.20
C ILE A 103 3.04 -4.13 -10.19
N GLY A 104 2.53 -4.16 -8.99
CA GLY A 104 3.09 -5.07 -7.96
C GLY A 104 2.00 -6.02 -7.45
N SER A 105 2.31 -7.28 -7.34
CA SER A 105 1.31 -8.25 -6.84
C SER A 105 1.79 -8.91 -5.55
N PRO A 106 0.86 -9.35 -4.75
CA PRO A 106 1.20 -9.99 -3.46
C PRO A 106 1.81 -11.38 -3.70
N ALA A 107 2.95 -11.65 -3.14
CA ALA A 107 3.59 -12.98 -3.34
C ALA A 107 3.44 -13.84 -2.07
N ALA A 108 3.42 -13.22 -0.93
CA ALA A 108 3.27 -13.99 0.34
C ALA A 108 1.79 -14.21 0.66
N ASP A 109 1.49 -15.03 1.62
CA ASP A 109 0.07 -15.29 1.97
C ASP A 109 -0.55 -14.04 2.60
N GLU A 110 -0.30 -13.80 3.86
CA GLU A 110 -0.87 -12.59 4.52
C GLU A 110 0.06 -11.39 4.28
N VAL A 111 -0.46 -10.32 3.74
CA VAL A 111 0.41 -9.13 3.49
C VAL A 111 -0.29 -7.84 3.91
N LYS A 112 0.34 -7.06 4.74
CA LYS A 112 -0.29 -5.77 5.18
C LYS A 112 0.40 -4.60 4.48
N ILE A 113 -0.33 -3.58 4.14
CA ILE A 113 0.28 -2.39 3.46
C ILE A 113 -0.60 -1.16 3.59
N VAL A 114 -0.01 0.00 3.59
CA VAL A 114 -0.81 1.25 3.71
C VAL A 114 -0.93 1.90 2.32
N TYR A 115 -2.12 2.15 1.86
CA TYR A 115 -2.26 2.76 0.51
C TYR A 115 -2.32 4.30 0.60
N ASN A 116 -2.00 4.96 -0.48
CA ASN A 116 -1.96 6.46 -0.54
C ASN A 116 -0.64 6.98 0.02
N ALA A 117 0.46 6.69 -0.62
CA ALA A 117 1.77 7.20 -0.10
C ALA A 117 2.02 8.63 -0.56
N HIS A 119 1.30 11.30 1.02
CA HIS A 119 1.75 12.10 2.18
C HIS A 119 3.28 12.03 2.30
N LEU A 120 3.87 10.98 1.79
CA LEU A 120 5.36 10.87 1.87
C LEU A 120 6.02 12.22 1.59
N ASP A 121 6.78 12.72 2.52
CA ASP A 121 7.44 14.04 2.31
C ASP A 121 8.14 14.09 0.95
N TYR A 122 8.72 12.99 0.54
CA TYR A 122 9.41 12.98 -0.79
C TYR A 122 8.43 13.33 -1.90
N LEU A 123 7.16 13.22 -1.64
CA LEU A 123 6.14 13.54 -2.68
C LEU A 123 5.33 14.77 -2.25
N GLN A 124 5.38 15.11 -0.98
CA GLN A 124 4.62 16.29 -0.50
C GLN A 124 5.18 17.58 -1.11
N ASN A 125 6.40 17.55 -1.56
CA ASN A 125 7.01 18.77 -2.16
C ASN A 125 6.36 19.06 -3.52
N ARG A 126 5.60 18.13 -4.04
CA ARG A 126 4.95 18.35 -5.36
C ARG A 126 3.42 18.32 -5.20
N VAL A 127 2.94 18.49 -4.00
CA VAL A 127 1.47 18.46 -3.78
C VAL A 127 0.77 19.34 -4.81
N ILE A 128 0.04 18.74 -5.71
CA ILE A 128 -0.67 19.55 -6.75
C ILE A 128 -2.15 19.15 -6.80
N PRO A 1 -3.49 -15.79 -0.60
CA PRO A 1 -3.05 -14.49 -1.14
C PRO A 1 -3.93 -13.35 -0.61
N THR A 2 -3.85 -13.08 0.67
CA THR A 2 -4.68 -12.00 1.26
C THR A 2 -3.81 -10.79 1.61
N VAL A 3 -4.08 -9.66 1.02
CA VAL A 3 -3.27 -8.45 1.32
C VAL A 3 -4.13 -7.40 2.04
N GLU A 4 -3.83 -7.11 3.27
CA GLU A 4 -4.65 -6.11 4.02
C GLU A 4 -4.14 -4.69 3.74
N TYR A 5 -4.96 -3.87 3.12
CA TYR A 5 -4.51 -2.48 2.82
C TYR A 5 -4.98 -1.52 3.93
N LEU A 6 -4.24 -0.47 4.18
CA LEU A 6 -4.63 0.50 5.25
C LEU A 6 -4.20 1.91 4.84
N ASN A 7 -5.13 2.84 4.83
CA ASN A 7 -4.79 4.24 4.44
C ASN A 7 -3.78 4.87 5.38
N TYR A 8 -2.66 5.29 4.86
CA TYR A 8 -1.62 5.93 5.72
C TYR A 8 -2.21 7.21 6.33
N GLU A 9 -3.06 7.88 5.62
CA GLU A 9 -3.68 9.13 6.16
C GLU A 9 -4.43 8.81 7.44
N THR A 10 -5.08 7.68 7.51
CA THR A 10 -5.82 7.32 8.74
C THR A 10 -4.84 7.24 9.92
N LEU A 11 -3.66 6.75 9.68
CA LEU A 11 -2.64 6.65 10.76
C LEU A 11 -2.21 8.05 11.20
N ASP A 12 -2.00 8.93 10.26
CA ASP A 12 -1.57 10.32 10.62
C ASP A 12 -2.76 11.13 11.12
N ASP A 13 -3.88 11.03 10.44
CA ASP A 13 -5.07 11.80 10.87
C ASP A 13 -5.53 11.34 12.26
N GLN A 14 -5.65 10.04 12.45
CA GLN A 14 -6.09 9.53 13.77
C GLN A 14 -4.99 9.72 14.82
N GLY A 15 -3.80 10.06 14.38
CA GLY A 15 -2.69 10.27 15.35
C GLY A 15 -2.35 8.95 16.04
N TRP A 16 -2.53 7.86 15.34
CA TRP A 16 -2.22 6.53 15.94
C TRP A 16 -0.73 6.22 15.80
N ASP A 17 -0.31 5.07 16.23
CA ASP A 17 1.13 4.71 16.11
C ASP A 17 1.36 3.87 14.85
N MET A 18 2.57 3.48 14.59
CA MET A 18 2.85 2.66 13.37
C MET A 18 2.39 1.22 13.58
N ASP A 19 2.85 0.59 14.62
CA ASP A 19 2.43 -0.82 14.88
C ASP A 19 1.90 -0.96 16.31
N ASP A 20 2.02 0.08 17.10
CA ASP A 20 1.52 0.01 18.50
C ASP A 20 0.00 -0.14 18.52
N ASP A 21 -0.70 0.76 17.86
CA ASP A 21 -2.19 0.67 17.84
C ASP A 21 -2.65 -0.37 16.82
N ASP A 22 -1.75 -0.95 16.09
CA ASP A 22 -2.14 -1.97 15.08
C ASP A 22 -3.34 -1.46 14.28
N LEU A 23 -3.22 -0.30 13.70
CA LEU A 23 -4.35 0.28 12.90
C LEU A 23 -5.05 -0.83 12.10
N PHE A 24 -4.30 -1.63 11.38
CA PHE A 24 -4.92 -2.72 10.59
C PHE A 24 -5.99 -3.41 11.43
N GLU A 25 -5.83 -3.38 12.72
CA GLU A 25 -6.84 -4.03 13.61
C GLU A 25 -7.79 -2.97 14.19
N LYS A 26 -7.25 -1.95 14.80
CA LYS A 26 -8.12 -0.89 15.38
C LYS A 26 -8.91 -0.19 14.27
N ALA A 27 -8.44 -0.28 13.05
CA ALA A 27 -9.17 0.38 11.92
C ALA A 27 -10.48 -0.36 11.64
N ALA A 28 -10.64 -1.55 12.16
CA ALA A 28 -11.88 -2.32 11.93
C ALA A 28 -12.97 -1.88 12.92
N ASP A 29 -12.58 -1.40 14.07
CA ASP A 29 -13.59 -0.97 15.06
C ASP A 29 -13.94 0.51 14.85
N ALA A 30 -12.99 1.30 14.43
CA ALA A 30 -13.26 2.74 14.19
C ALA A 30 -14.27 2.91 13.05
N GLY A 31 -14.26 2.00 12.11
CA GLY A 31 -15.21 2.10 10.97
C GLY A 31 -14.58 2.93 9.85
N LEU A 32 -13.53 2.43 9.25
CA LEU A 32 -12.87 3.20 8.14
C LEU A 32 -13.44 2.76 6.79
N ASP A 33 -13.45 3.64 5.82
CA ASP A 33 -13.98 3.27 4.49
C ASP A 33 -13.17 2.11 3.89
N GLY A 34 -13.79 1.31 3.06
CA GLY A 34 -13.06 0.15 2.46
C GLY A 34 -11.97 0.69 1.52
N GLU A 35 -12.06 1.93 1.14
CA GLU A 35 -11.03 2.51 0.23
C GLU A 35 -9.76 2.84 1.02
N ASP A 36 -9.82 2.74 2.32
CA ASP A 36 -8.62 3.06 3.15
C ASP A 36 -8.13 1.80 3.86
N TYR A 37 -9.00 1.10 4.53
CA TYR A 37 -8.59 -0.14 5.23
C TYR A 37 -9.48 -1.31 4.82
N GLY A 38 -8.97 -2.50 4.84
CA GLY A 38 -9.80 -3.69 4.46
C GLY A 38 -8.89 -4.82 3.99
N THR A 39 -9.36 -6.03 4.03
CA THR A 39 -8.52 -7.17 3.57
C THR A 39 -8.60 -7.31 2.04
N MET A 40 -7.49 -7.18 1.36
CA MET A 40 -7.51 -7.31 -0.12
C MET A 40 -7.24 -8.75 -0.55
N GLU A 41 -8.28 -9.54 -0.67
CA GLU A 41 -8.07 -10.96 -1.09
C GLU A 41 -8.07 -11.06 -2.62
N VAL A 42 -6.94 -11.35 -3.21
CA VAL A 42 -6.88 -11.44 -4.69
C VAL A 42 -6.13 -12.70 -5.12
N ALA A 43 -6.19 -13.04 -6.38
CA ALA A 43 -5.48 -14.26 -6.87
C ALA A 43 -3.97 -13.98 -6.94
N GLU A 44 -3.17 -14.95 -6.58
CA GLU A 44 -1.69 -14.74 -6.63
C GLU A 44 -1.25 -14.32 -8.04
N GLY A 45 -0.66 -13.16 -8.17
CA GLY A 45 -0.20 -12.71 -9.51
C GLY A 45 -1.11 -11.58 -10.00
N GLU A 46 -1.98 -11.09 -9.16
CA GLU A 46 -2.88 -9.99 -9.58
C GLU A 46 -2.33 -8.64 -9.13
N TYR A 47 -2.31 -7.66 -9.99
CA TYR A 47 -1.78 -6.32 -9.60
C TYR A 47 -2.64 -5.73 -8.48
N ILE A 48 -2.05 -5.47 -7.35
CA ILE A 48 -2.82 -4.89 -6.21
C ILE A 48 -3.79 -3.81 -6.71
N LEU A 49 -3.27 -2.71 -7.19
CA LEU A 49 -4.17 -1.62 -7.67
C LEU A 49 -5.29 -2.19 -8.55
N GLU A 50 -4.97 -3.14 -9.38
CA GLU A 50 -6.02 -3.73 -10.26
C GLU A 50 -6.96 -4.63 -9.46
N ALA A 51 -6.41 -5.43 -8.58
CA ALA A 51 -7.27 -6.34 -7.76
C ALA A 51 -8.29 -5.53 -6.96
N ALA A 52 -7.84 -4.52 -6.28
CA ALA A 52 -8.77 -3.69 -5.46
C ALA A 52 -9.59 -2.77 -6.36
N GLU A 53 -9.04 -2.35 -7.47
CA GLU A 53 -9.79 -1.46 -8.39
C GLU A 53 -11.06 -2.15 -8.88
N ALA A 54 -10.99 -3.46 -9.04
CA ALA A 54 -12.19 -4.21 -9.51
C ALA A 54 -13.22 -4.32 -8.38
N GLN A 55 -12.88 -3.85 -7.21
CA GLN A 55 -13.85 -3.94 -6.07
C GLN A 55 -14.41 -2.55 -5.75
N GLY A 56 -13.85 -1.52 -6.32
CA GLY A 56 -14.36 -0.15 -6.05
C GLY A 56 -13.28 0.69 -5.37
N TYR A 57 -12.20 0.06 -4.96
CA TYR A 57 -11.11 0.83 -4.29
C TYR A 57 -10.35 1.69 -5.31
N ASP A 58 -9.99 2.88 -4.94
CA ASP A 58 -9.26 3.77 -5.88
C ASP A 58 -7.85 4.06 -5.33
N TRP A 59 -6.86 4.03 -6.17
CA TRP A 59 -5.46 4.30 -5.68
C TRP A 59 -4.79 5.33 -6.58
N PRO A 60 -3.74 5.91 -6.07
CA PRO A 60 -2.98 6.93 -6.85
C PRO A 60 -2.19 6.25 -7.97
N PHE A 61 -2.08 6.88 -9.09
CA PHE A 61 -1.32 6.26 -10.22
C PHE A 61 -1.03 7.31 -11.30
N SER A 62 0.06 7.15 -11.99
CA SER A 62 0.40 8.13 -13.06
C SER A 62 1.07 7.42 -14.24
N CYS A 63 2.17 6.76 -13.99
CA CYS A 63 2.89 6.06 -15.09
C CYS A 63 2.26 4.67 -15.37
N ARG A 64 1.90 3.95 -14.33
CA ARG A 64 1.27 2.60 -14.53
C ARG A 64 2.17 1.65 -15.33
N ALA A 65 3.46 1.80 -15.21
CA ALA A 65 4.40 0.92 -15.95
C ALA A 65 5.57 0.51 -15.05
N GLY A 66 5.56 0.92 -13.80
CA GLY A 66 6.67 0.55 -12.89
C GLY A 66 7.86 1.51 -13.08
N ALA A 67 7.60 2.76 -13.29
CA ALA A 67 8.73 3.73 -13.50
C ALA A 67 8.60 4.95 -12.58
N CYS A 68 7.70 4.95 -11.64
CA CYS A 68 7.57 6.14 -10.75
C CYS A 68 7.12 5.71 -9.33
N ALA A 69 6.85 6.65 -8.46
CA ALA A 69 6.45 6.26 -7.07
C ALA A 69 5.11 6.92 -6.68
N ASN A 70 4.41 7.49 -7.61
CA ASN A 70 3.11 8.14 -7.28
C ASN A 70 2.17 7.13 -6.61
N CYS A 71 2.19 5.89 -7.05
CA CYS A 71 1.31 4.86 -6.45
C CYS A 71 2.02 4.19 -5.26
N ALA A 72 3.09 4.77 -4.81
CA ALA A 72 3.86 4.18 -3.68
C ALA A 72 2.95 3.71 -2.54
N SER A 73 3.38 2.71 -1.82
CA SER A 73 2.57 2.19 -0.67
C SER A 73 3.50 1.89 0.50
N ILE A 74 3.04 1.13 1.46
CA ILE A 74 3.90 0.80 2.64
C ILE A 74 3.55 -0.59 3.16
N VAL A 75 4.16 -1.61 2.62
CA VAL A 75 3.86 -3.00 3.09
C VAL A 75 4.19 -3.14 4.57
N LYS A 76 3.22 -3.46 5.39
CA LYS A 76 3.49 -3.61 6.85
C LYS A 76 3.79 -5.07 7.19
N GLU A 77 3.68 -5.95 6.24
CA GLU A 77 3.96 -7.39 6.52
C GLU A 77 3.74 -8.24 5.26
N GLY A 78 4.19 -9.47 5.29
CA GLY A 78 4.01 -10.35 4.10
C GLY A 78 5.07 -10.03 3.04
N GLU A 79 4.99 -10.65 1.90
CA GLU A 79 5.99 -10.36 0.83
C GLU A 79 5.27 -10.14 -0.50
N ILE A 80 5.60 -9.09 -1.20
CA ILE A 80 4.93 -8.82 -2.51
C ILE A 80 5.89 -9.10 -3.67
N ASP A 81 5.36 -9.21 -4.86
CA ASP A 81 6.23 -9.49 -6.03
C ASP A 81 6.32 -8.25 -6.93
N MET A 82 7.51 -7.82 -7.23
CA MET A 82 7.66 -6.60 -8.09
C MET A 82 8.37 -6.97 -9.40
N ASP A 83 8.44 -6.05 -10.32
CA ASP A 83 9.12 -6.34 -11.62
C ASP A 83 10.58 -5.91 -11.55
N MET A 84 11.37 -6.32 -12.51
CA MET A 84 12.82 -5.93 -12.50
C MET A 84 12.98 -4.47 -12.92
N GLN A 85 13.59 -3.66 -12.08
CA GLN A 85 13.77 -2.22 -12.43
C GLN A 85 14.61 -1.52 -11.36
N GLN A 86 15.10 -0.34 -11.66
CA GLN A 86 15.93 0.40 -10.67
C GLN A 86 15.25 1.71 -10.28
N ILE A 87 13.95 1.77 -10.36
CA ILE A 87 13.24 3.04 -10.01
C ILE A 87 13.10 3.15 -8.49
N LEU A 88 13.12 2.05 -7.79
CA LEU A 88 12.98 2.09 -6.30
C LEU A 88 14.31 1.68 -5.64
N SER A 89 14.59 2.22 -4.49
CA SER A 89 15.86 1.86 -3.80
C SER A 89 15.60 0.80 -2.72
N ASP A 90 16.59 0.01 -2.40
CA ASP A 90 16.40 -1.04 -1.37
C ASP A 90 16.05 -0.40 -0.02
N GLU A 91 16.78 0.60 0.38
CA GLU A 91 16.50 1.28 1.67
C GLU A 91 15.05 1.78 1.70
N GLU A 92 14.43 1.90 0.56
CA GLU A 92 13.02 2.40 0.52
C GLU A 92 12.06 1.27 0.92
N VAL A 93 12.30 0.08 0.45
CA VAL A 93 11.39 -1.04 0.80
C VAL A 93 11.72 -1.59 2.20
N GLU A 94 12.93 -1.41 2.65
CA GLU A 94 13.30 -1.92 4.00
C GLU A 94 12.96 -0.89 5.08
N GLU A 95 13.14 0.37 4.80
CA GLU A 95 12.84 1.41 5.83
C GLU A 95 11.48 2.06 5.53
N LYS A 96 11.01 1.97 4.31
CA LYS A 96 9.70 2.59 3.98
C LYS A 96 8.68 1.52 3.59
N ASP A 97 9.13 0.35 3.24
CA ASP A 97 8.18 -0.73 2.84
C ASP A 97 7.36 -0.28 1.64
N VAL A 98 7.95 0.50 0.77
CA VAL A 98 7.18 0.98 -0.41
C VAL A 98 7.30 0.01 -1.59
N ARG A 99 6.21 -0.21 -2.29
CA ARG A 99 6.24 -1.13 -3.45
C ARG A 99 5.41 -0.54 -4.59
N LEU A 100 5.34 -1.21 -5.71
CA LEU A 100 4.54 -0.68 -6.84
C LEU A 100 3.20 -1.43 -6.95
N THR A 101 2.11 -0.78 -6.64
CA THR A 101 0.78 -1.46 -6.71
C THR A 101 0.28 -1.50 -8.16
N CYS A 102 0.65 -0.53 -8.96
CA CYS A 102 0.19 -0.51 -10.36
C CYS A 102 0.84 -1.66 -11.15
N ILE A 103 2.06 -2.00 -10.82
CA ILE A 103 2.74 -3.11 -11.54
C ILE A 103 3.34 -4.10 -10.54
N GLY A 104 2.78 -4.19 -9.38
CA GLY A 104 3.32 -5.14 -8.36
C GLY A 104 2.18 -5.99 -7.80
N SER A 105 2.42 -7.26 -7.61
CA SER A 105 1.34 -8.15 -7.07
C SER A 105 1.83 -8.87 -5.81
N PRO A 106 0.90 -9.30 -5.01
CA PRO A 106 1.23 -10.02 -3.76
C PRO A 106 1.72 -11.44 -4.07
N ALA A 107 2.65 -11.94 -3.31
CA ALA A 107 3.16 -13.31 -3.55
C ALA A 107 2.98 -14.18 -2.31
N ALA A 108 2.91 -13.57 -1.15
CA ALA A 108 2.73 -14.35 0.10
C ALA A 108 1.23 -14.50 0.42
N ASP A 109 0.91 -14.98 1.59
CA ASP A 109 -0.52 -15.15 1.95
C ASP A 109 -1.08 -13.85 2.56
N GLU A 110 -1.05 -13.73 3.86
CA GLU A 110 -1.57 -12.49 4.50
C GLU A 110 -0.51 -11.38 4.46
N VAL A 111 -0.61 -10.48 3.52
CA VAL A 111 0.40 -9.40 3.42
C VAL A 111 -0.23 -8.05 3.83
N LYS A 112 0.35 -7.38 4.78
CA LYS A 112 -0.21 -6.07 5.21
C LYS A 112 0.50 -4.92 4.49
N ILE A 113 -0.23 -3.90 4.12
CA ILE A 113 0.39 -2.74 3.41
C ILE A 113 -0.49 -1.50 3.54
N VAL A 114 0.07 -0.34 3.33
CA VAL A 114 -0.73 0.91 3.43
C VAL A 114 -0.77 1.60 2.06
N TYR A 115 -1.91 2.10 1.68
CA TYR A 115 -1.99 2.80 0.36
C TYR A 115 -2.08 4.31 0.57
N ASN A 116 -1.59 5.08 -0.40
CA ASN A 116 -1.58 6.59 -0.34
C ASN A 116 -0.18 7.10 0.00
N ALA A 117 0.83 6.30 -0.23
CA ALA A 117 2.23 6.74 0.09
C ALA A 117 2.45 8.18 -0.40
N HIS A 119 1.54 10.65 0.42
CA HIS A 119 1.69 11.56 1.60
C HIS A 119 3.17 11.79 1.91
N LEU A 120 3.99 10.80 1.66
CA LEU A 120 5.45 10.94 1.94
C LEU A 120 5.98 12.24 1.31
N ASP A 121 6.58 13.09 2.10
CA ASP A 121 7.13 14.36 1.54
C ASP A 121 8.23 14.06 0.52
N TYR A 122 9.04 13.06 0.78
CA TYR A 122 10.12 12.72 -0.19
C TYR A 122 9.52 12.36 -1.54
N LEU A 123 8.28 11.92 -1.55
CA LEU A 123 7.64 11.55 -2.84
C LEU A 123 7.14 12.80 -3.57
N GLN A 124 6.43 13.65 -2.89
CA GLN A 124 5.92 14.89 -3.55
C GLN A 124 7.08 15.65 -4.20
N ASN A 125 8.23 15.58 -3.62
CA ASN A 125 9.40 16.30 -4.20
C ASN A 125 9.49 16.02 -5.71
N ARG A 126 9.08 14.86 -6.13
CA ARG A 126 9.13 14.53 -7.59
C ARG A 126 8.40 15.59 -8.40
N VAL A 127 7.38 16.17 -7.83
CA VAL A 127 6.61 17.22 -8.57
C VAL A 127 7.46 18.49 -8.74
N ILE A 128 8.29 18.79 -7.77
CA ILE A 128 9.14 20.01 -7.87
C ILE A 128 9.75 20.11 -9.27
N PRO A 1 -3.47 -15.60 -0.65
CA PRO A 1 -3.54 -14.49 -1.64
C PRO A 1 -4.46 -13.37 -1.14
N THR A 2 -4.21 -12.88 0.04
CA THR A 2 -5.07 -11.79 0.59
C THR A 2 -4.20 -10.63 1.08
N VAL A 3 -4.49 -9.44 0.65
CA VAL A 3 -3.68 -8.26 1.10
C VAL A 3 -4.58 -7.23 1.79
N GLU A 4 -4.36 -7.00 3.05
CA GLU A 4 -5.20 -6.01 3.79
C GLU A 4 -4.68 -4.59 3.57
N TYR A 5 -5.46 -3.73 2.97
CA TYR A 5 -5.01 -2.33 2.73
C TYR A 5 -5.43 -1.42 3.89
N LEU A 6 -4.58 -0.49 4.26
CA LEU A 6 -4.93 0.44 5.37
C LEU A 6 -4.65 1.89 4.95
N ASN A 7 -5.68 2.71 4.94
CA ASN A 7 -5.50 4.13 4.51
C ASN A 7 -4.34 4.80 5.26
N TYR A 8 -3.38 5.33 4.54
CA TYR A 8 -2.24 6.00 5.20
C TYR A 8 -2.75 7.18 6.04
N GLU A 9 -3.78 7.84 5.56
CA GLU A 9 -4.34 9.00 6.32
C GLU A 9 -4.81 8.52 7.69
N THR A 10 -5.36 7.34 7.77
CA THR A 10 -5.83 6.82 9.09
C THR A 10 -4.67 6.81 10.08
N LEU A 11 -3.47 6.66 9.59
CA LEU A 11 -2.29 6.65 10.50
C LEU A 11 -2.04 8.06 11.03
N ASP A 12 -1.95 9.02 10.15
CA ASP A 12 -1.72 10.42 10.60
C ASP A 12 -3.02 11.04 11.08
N ASP A 13 -4.14 10.47 10.71
CA ASP A 13 -5.45 11.02 11.15
C ASP A 13 -5.70 10.68 12.62
N GLN A 14 -5.55 9.43 12.97
CA GLN A 14 -5.78 9.04 14.39
C GLN A 14 -4.54 9.35 15.23
N GLY A 15 -3.44 9.61 14.59
CA GLY A 15 -2.20 9.92 15.35
C GLY A 15 -1.65 8.65 16.01
N TRP A 16 -1.56 7.59 15.27
CA TRP A 16 -1.03 6.32 15.86
C TRP A 16 0.34 5.98 15.27
N ASP A 17 1.07 5.11 15.92
CA ASP A 17 2.42 4.75 15.41
C ASP A 17 2.32 4.08 14.05
N MET A 18 3.43 3.63 13.51
CA MET A 18 3.40 2.96 12.18
C MET A 18 2.87 1.53 12.30
N ASP A 19 3.47 0.73 13.15
CA ASP A 19 3.00 -0.67 13.31
C ASP A 19 2.83 -1.00 14.80
N ASP A 20 3.06 -0.05 15.66
CA ASP A 20 2.92 -0.32 17.12
C ASP A 20 1.45 -0.28 17.52
N ASP A 21 0.73 0.71 17.06
CA ASP A 21 -0.72 0.81 17.41
C ASP A 21 -1.53 -0.22 16.61
N ASP A 22 -0.89 -0.96 15.75
CA ASP A 22 -1.62 -1.97 14.95
C ASP A 22 -2.82 -1.33 14.26
N LEU A 23 -2.61 -0.23 13.58
CA LEU A 23 -3.74 0.44 12.87
C LEU A 23 -4.63 -0.59 12.19
N PHE A 24 -4.07 -1.45 11.38
CA PHE A 24 -4.90 -2.49 10.70
C PHE A 24 -5.87 -3.10 11.71
N GLU A 25 -5.51 -3.09 12.95
CA GLU A 25 -6.41 -3.66 14.00
C GLU A 25 -7.17 -2.55 14.70
N LYS A 26 -6.50 -1.48 15.04
CA LYS A 26 -7.18 -0.34 15.73
C LYS A 26 -8.08 0.41 14.74
N ALA A 27 -7.85 0.23 13.46
CA ALA A 27 -8.68 0.93 12.45
C ALA A 27 -10.04 0.22 12.30
N ALA A 28 -10.07 -1.07 12.51
CA ALA A 28 -11.36 -1.81 12.39
C ALA A 28 -12.28 -1.45 13.56
N ASP A 29 -11.72 -1.23 14.72
CA ASP A 29 -12.55 -0.87 15.89
C ASP A 29 -13.06 0.57 15.77
N ALA A 30 -12.44 1.35 14.92
CA ALA A 30 -12.88 2.75 14.74
C ALA A 30 -13.94 2.85 13.64
N GLY A 31 -14.07 1.82 12.84
CA GLY A 31 -15.08 1.85 11.75
C GLY A 31 -14.62 2.82 10.65
N LEU A 32 -13.43 2.63 10.14
CA LEU A 32 -12.92 3.53 9.07
C LEU A 32 -13.60 3.20 7.74
N ASP A 33 -13.52 4.09 6.79
CA ASP A 33 -14.15 3.83 5.47
C ASP A 33 -13.65 2.50 4.90
N GLY A 34 -14.42 1.89 4.03
CA GLY A 34 -13.98 0.60 3.43
C GLY A 34 -12.86 0.85 2.44
N GLU A 35 -12.94 1.93 1.70
CA GLU A 35 -11.87 2.24 0.71
C GLU A 35 -10.58 2.63 1.43
N ASP A 36 -10.64 2.76 2.73
CA ASP A 36 -9.42 3.13 3.51
C ASP A 36 -8.88 1.91 4.26
N TYR A 37 -9.73 1.20 4.96
CA TYR A 37 -9.26 0.01 5.70
C TYR A 37 -10.13 -1.21 5.34
N GLY A 38 -9.52 -2.26 4.86
CA GLY A 38 -10.31 -3.46 4.49
C GLY A 38 -9.35 -4.57 4.02
N THR A 39 -9.88 -5.72 3.70
CA THR A 39 -9.00 -6.83 3.24
C THR A 39 -9.08 -6.97 1.71
N MET A 40 -7.96 -6.89 1.05
CA MET A 40 -7.98 -7.02 -0.44
C MET A 40 -7.83 -8.50 -0.83
N GLU A 41 -8.39 -8.89 -1.93
CA GLU A 41 -8.28 -10.32 -2.36
C GLU A 41 -7.78 -10.41 -3.80
N VAL A 42 -6.61 -10.97 -4.00
CA VAL A 42 -6.07 -11.09 -5.39
C VAL A 42 -5.07 -12.25 -5.47
N ALA A 43 -5.07 -12.97 -6.55
CA ALA A 43 -4.12 -14.11 -6.68
C ALA A 43 -2.72 -13.60 -7.00
N GLU A 44 -1.71 -14.34 -6.63
CA GLU A 44 -0.32 -13.90 -6.90
C GLU A 44 -0.08 -13.80 -8.41
N GLY A 45 0.33 -12.65 -8.89
CA GLY A 45 0.58 -12.49 -10.35
C GLY A 45 -0.33 -11.39 -10.90
N GLU A 46 -1.33 -11.01 -10.16
CA GLU A 46 -2.25 -9.94 -10.63
C GLU A 46 -1.90 -8.60 -9.97
N TYR A 47 -1.70 -7.57 -10.76
CA TYR A 47 -1.36 -6.25 -10.17
C TYR A 47 -2.37 -5.88 -9.07
N ILE A 48 -1.90 -5.58 -7.90
CA ILE A 48 -2.82 -5.22 -6.79
C ILE A 48 -3.83 -4.15 -7.25
N LEU A 49 -3.35 -2.98 -7.58
CA LEU A 49 -4.28 -1.90 -8.03
C LEU A 49 -5.33 -2.47 -9.00
N GLU A 50 -5.03 -3.53 -9.67
CA GLU A 50 -6.01 -4.13 -10.62
C GLU A 50 -7.05 -4.97 -9.88
N ALA A 51 -6.62 -5.93 -9.12
CA ALA A 51 -7.58 -6.79 -8.38
C ALA A 51 -8.44 -5.95 -7.43
N ALA A 52 -7.88 -4.93 -6.85
CA ALA A 52 -8.66 -4.08 -5.92
C ALA A 52 -9.56 -3.12 -6.70
N GLU A 53 -9.01 -2.47 -7.69
CA GLU A 53 -9.81 -1.52 -8.50
C GLU A 53 -11.00 -2.24 -9.12
N ALA A 54 -10.87 -3.52 -9.35
CA ALA A 54 -12.00 -4.29 -9.95
C ALA A 54 -13.08 -4.56 -8.90
N GLN A 55 -12.75 -4.39 -7.64
CA GLN A 55 -13.75 -4.64 -6.57
C GLN A 55 -14.40 -3.32 -6.13
N GLY A 56 -13.76 -2.21 -6.43
CA GLY A 56 -14.35 -0.90 -6.04
C GLY A 56 -13.32 -0.10 -5.23
N TYR A 57 -12.13 -0.61 -5.08
CA TYR A 57 -11.09 0.13 -4.31
C TYR A 57 -10.50 1.25 -5.16
N ASP A 58 -9.67 2.07 -4.57
CA ASP A 58 -9.06 3.20 -5.35
C ASP A 58 -7.60 3.41 -4.92
N TRP A 59 -6.71 3.56 -5.87
CA TRP A 59 -5.27 3.78 -5.52
C TRP A 59 -4.68 4.87 -6.43
N PRO A 60 -3.74 5.58 -5.89
CA PRO A 60 -3.07 6.66 -6.66
C PRO A 60 -2.15 6.07 -7.72
N PHE A 61 -2.12 6.65 -8.90
CA PHE A 61 -1.24 6.12 -9.98
C PHE A 61 -1.00 7.18 -11.04
N SER A 62 0.13 7.14 -11.70
CA SER A 62 0.42 8.16 -12.75
C SER A 62 1.20 7.52 -13.90
N CYS A 63 2.35 6.97 -13.61
CA CYS A 63 3.17 6.33 -14.68
C CYS A 63 2.59 4.96 -15.08
N ARG A 64 2.16 4.17 -14.11
CA ARG A 64 1.55 2.84 -14.43
C ARG A 64 2.55 1.88 -15.09
N ALA A 65 3.82 2.02 -14.82
CA ALA A 65 4.82 1.11 -15.43
C ALA A 65 5.88 0.71 -14.39
N GLY A 66 5.74 1.17 -13.17
CA GLY A 66 6.74 0.81 -12.12
C GLY A 66 7.95 1.74 -12.24
N ALA A 67 7.74 2.99 -12.54
CA ALA A 67 8.89 3.93 -12.68
C ALA A 67 8.71 5.17 -11.76
N CYS A 68 7.71 5.17 -10.94
CA CYS A 68 7.51 6.34 -10.04
C CYS A 68 6.99 5.88 -8.66
N ALA A 69 6.73 6.79 -7.76
CA ALA A 69 6.25 6.39 -6.41
C ALA A 69 4.88 7.00 -6.09
N ASN A 70 4.22 7.56 -7.06
CA ASN A 70 2.88 8.17 -6.79
C ASN A 70 1.93 7.11 -6.21
N CYS A 71 2.00 5.91 -6.71
CA CYS A 71 1.13 4.83 -6.20
C CYS A 71 1.80 4.13 -5.02
N ALA A 72 2.85 4.72 -4.51
CA ALA A 72 3.58 4.09 -3.37
C ALA A 72 2.63 3.60 -2.28
N SER A 73 3.05 2.61 -1.53
CA SER A 73 2.21 2.06 -0.43
C SER A 73 3.13 1.57 0.70
N ILE A 74 2.72 1.72 1.93
CA ILE A 74 3.60 1.27 3.05
C ILE A 74 3.25 -0.16 3.45
N VAL A 75 3.97 -1.12 2.94
CA VAL A 75 3.69 -2.54 3.30
C VAL A 75 3.86 -2.75 4.81
N LYS A 76 2.82 -3.14 5.49
CA LYS A 76 2.94 -3.34 6.97
C LYS A 76 3.32 -4.79 7.28
N GLU A 77 3.39 -5.63 6.29
CA GLU A 77 3.77 -7.06 6.55
C GLU A 77 3.68 -7.88 5.26
N GLY A 78 4.10 -9.11 5.31
CA GLY A 78 4.04 -9.97 4.09
C GLY A 78 5.11 -9.50 3.09
N GLU A 79 4.99 -9.92 1.86
CA GLU A 79 5.99 -9.51 0.83
C GLU A 79 5.35 -9.49 -0.56
N ILE A 80 5.46 -8.39 -1.27
CA ILE A 80 4.84 -8.31 -2.61
C ILE A 80 5.89 -8.56 -3.70
N ASP A 81 5.49 -9.12 -4.81
CA ASP A 81 6.47 -9.37 -5.90
C ASP A 81 6.40 -8.25 -6.95
N MET A 82 7.42 -8.09 -7.74
CA MET A 82 7.40 -7.01 -8.76
C MET A 82 8.55 -7.19 -9.75
N ASP A 83 8.30 -7.00 -11.02
CA ASP A 83 9.38 -7.16 -12.04
C ASP A 83 10.64 -6.44 -11.56
N MET A 84 11.79 -6.98 -11.87
CA MET A 84 13.06 -6.32 -11.44
C MET A 84 13.13 -4.89 -11.98
N GLN A 85 13.49 -3.95 -11.16
CA GLN A 85 13.58 -2.54 -11.63
C GLN A 85 14.60 -1.75 -10.80
N GLN A 86 14.57 -0.45 -10.90
CA GLN A 86 15.54 0.38 -10.11
C GLN A 86 14.87 1.70 -9.70
N ILE A 87 13.57 1.72 -9.62
CA ILE A 87 12.87 2.98 -9.23
C ILE A 87 12.94 3.18 -7.71
N LEU A 88 13.10 2.12 -6.96
CA LEU A 88 13.16 2.26 -5.48
C LEU A 88 14.37 1.50 -4.94
N SER A 89 14.46 1.37 -3.64
CA SER A 89 15.63 0.65 -3.04
C SER A 89 15.13 -0.32 -1.96
N ASP A 90 15.88 -1.36 -1.69
CA ASP A 90 15.46 -2.34 -0.65
C ASP A 90 15.33 -1.63 0.70
N GLU A 91 16.27 -0.79 1.04
CA GLU A 91 16.19 -0.06 2.34
C GLU A 91 14.86 0.68 2.44
N GLU A 92 14.31 1.07 1.31
CA GLU A 92 13.01 1.80 1.34
C GLU A 92 11.88 0.80 1.60
N VAL A 93 12.05 -0.42 1.18
CA VAL A 93 10.99 -1.44 1.41
C VAL A 93 11.02 -1.91 2.86
N GLU A 94 12.16 -1.82 3.49
CA GLU A 94 12.27 -2.24 4.92
C GLU A 94 12.16 -1.01 5.83
N GLU A 95 12.71 0.09 5.42
CA GLU A 95 12.64 1.33 6.26
C GLU A 95 11.41 2.14 5.89
N LYS A 96 11.08 2.22 4.63
CA LYS A 96 9.89 3.01 4.20
C LYS A 96 8.73 2.07 3.83
N ASP A 97 8.97 0.79 3.83
CA ASP A 97 7.88 -0.18 3.48
C ASP A 97 7.15 0.28 2.22
N VAL A 98 7.81 1.03 1.37
CA VAL A 98 7.14 1.50 0.13
C VAL A 98 7.15 0.42 -0.95
N ARG A 99 6.37 0.62 -1.98
CA ARG A 99 6.30 -0.37 -3.09
C ARG A 99 5.35 0.14 -4.18
N LEU A 100 5.31 -0.53 -5.30
CA LEU A 100 4.39 -0.07 -6.39
C LEU A 100 3.24 -1.06 -6.59
N THR A 101 2.03 -0.63 -6.30
CA THR A 101 0.86 -1.55 -6.47
C THR A 101 0.40 -1.58 -7.93
N CYS A 102 0.80 -0.61 -8.71
CA CYS A 102 0.36 -0.59 -10.14
C CYS A 102 1.09 -1.69 -10.93
N ILE A 103 2.29 -2.02 -10.56
CA ILE A 103 3.04 -3.08 -11.29
C ILE A 103 3.59 -4.12 -10.31
N GLY A 104 3.02 -4.22 -9.15
CA GLY A 104 3.51 -5.21 -8.15
C GLY A 104 2.35 -6.07 -7.66
N SER A 105 2.59 -7.33 -7.44
CA SER A 105 1.50 -8.22 -6.96
C SER A 105 1.89 -8.87 -5.63
N PRO A 106 0.92 -9.43 -4.97
CA PRO A 106 1.17 -10.09 -3.66
C PRO A 106 1.94 -11.40 -3.86
N ALA A 107 2.99 -11.59 -3.11
CA ALA A 107 3.78 -12.85 -3.27
C ALA A 107 3.54 -13.77 -2.07
N ALA A 108 3.14 -13.21 -0.95
CA ALA A 108 2.89 -14.06 0.24
C ALA A 108 1.39 -14.30 0.41
N ASP A 109 0.99 -14.83 1.54
CA ASP A 109 -0.47 -15.09 1.76
C ASP A 109 -1.16 -13.84 2.31
N GLU A 110 -0.88 -13.49 3.54
CA GLU A 110 -1.52 -12.28 4.13
C GLU A 110 -0.56 -11.10 4.09
N VAL A 111 -0.58 -10.34 3.02
CA VAL A 111 0.33 -9.16 2.91
C VAL A 111 -0.38 -7.90 3.39
N LYS A 112 0.22 -7.17 4.29
CA LYS A 112 -0.43 -5.92 4.79
C LYS A 112 0.30 -4.70 4.24
N ILE A 113 -0.43 -3.68 3.86
CA ILE A 113 0.22 -2.45 3.31
C ILE A 113 -0.73 -1.26 3.40
N VAL A 114 -0.20 -0.07 3.50
CA VAL A 114 -1.08 1.13 3.57
C VAL A 114 -1.31 1.66 2.16
N TYR A 115 -2.54 1.86 1.76
CA TYR A 115 -2.82 2.36 0.39
C TYR A 115 -2.86 3.90 0.38
N ASN A 116 -2.67 4.48 -0.78
CA ASN A 116 -2.66 5.98 -0.91
C ASN A 116 -1.45 6.57 -0.18
N ALA A 117 -0.28 6.09 -0.47
CA ALA A 117 0.94 6.64 0.19
C ALA A 117 1.21 8.05 -0.34
N HIS A 119 0.21 10.66 0.34
CA HIS A 119 0.32 11.64 1.46
C HIS A 119 1.63 11.42 2.23
N LEU A 120 2.42 10.45 1.83
CA LEU A 120 3.70 10.21 2.54
C LEU A 120 4.44 11.52 2.77
N ASP A 121 5.17 11.63 3.85
CA ASP A 121 5.91 12.90 4.13
C ASP A 121 6.85 13.23 2.97
N TYR A 122 7.44 12.23 2.36
CA TYR A 122 8.37 12.49 1.23
C TYR A 122 7.59 12.99 0.01
N LEU A 123 6.29 12.92 0.06
CA LEU A 123 5.46 13.39 -1.09
C LEU A 123 4.61 14.61 -0.68
N GLN A 124 4.20 14.66 0.57
CA GLN A 124 3.38 15.80 1.02
C GLN A 124 3.99 17.13 0.54
N ASN A 125 5.27 17.17 0.37
CA ASN A 125 5.92 18.43 -0.09
C ASN A 125 5.43 18.80 -1.49
N ARG A 126 4.85 17.86 -2.20
CA ARG A 126 4.34 18.17 -3.56
C ARG A 126 2.83 18.41 -3.53
N VAL A 127 2.31 18.81 -2.40
CA VAL A 127 0.84 19.07 -2.31
C VAL A 127 0.43 20.19 -3.27
N ILE A 128 1.28 21.16 -3.45
CA ILE A 128 0.94 22.28 -4.38
C ILE A 128 2.18 22.71 -5.16
N PRO A 1 -3.73 -15.61 -0.09
CA PRO A 1 -3.63 -14.45 -1.03
C PRO A 1 -4.45 -13.27 -0.49
N THR A 2 -4.18 -12.87 0.72
CA THR A 2 -4.95 -11.72 1.30
C THR A 2 -4.00 -10.61 1.73
N VAL A 3 -4.39 -9.37 1.54
CA VAL A 3 -3.51 -8.23 1.93
C VAL A 3 -4.37 -7.09 2.47
N GLU A 4 -4.19 -6.72 3.71
CA GLU A 4 -5.00 -5.61 4.28
C GLU A 4 -4.43 -4.25 3.91
N TYR A 5 -5.08 -3.53 3.04
CA TYR A 5 -4.58 -2.19 2.64
C TYR A 5 -5.09 -1.13 3.64
N LEU A 6 -4.25 -0.21 4.03
CA LEU A 6 -4.68 0.83 5.01
C LEU A 6 -4.40 2.24 4.47
N ASN A 7 -5.20 3.20 4.86
CA ASN A 7 -4.99 4.59 4.37
C ASN A 7 -3.80 5.24 5.09
N TYR A 8 -2.85 5.75 4.36
CA TYR A 8 -1.68 6.41 5.00
C TYR A 8 -2.14 7.64 5.77
N GLU A 9 -3.07 8.37 5.23
CA GLU A 9 -3.56 9.60 5.92
C GLU A 9 -4.28 9.22 7.22
N THR A 10 -4.81 8.02 7.29
CA THR A 10 -5.52 7.60 8.53
C THR A 10 -4.51 7.37 9.65
N LEU A 11 -3.34 6.89 9.32
CA LEU A 11 -2.31 6.66 10.37
C LEU A 11 -1.84 7.99 10.96
N ASP A 12 -1.60 8.97 10.13
CA ASP A 12 -1.15 10.30 10.64
C ASP A 12 -2.32 11.03 11.30
N ASP A 13 -3.44 11.10 10.63
CA ASP A 13 -4.63 11.80 11.22
C ASP A 13 -4.94 11.22 12.60
N GLN A 14 -5.15 9.94 12.69
CA GLN A 14 -5.47 9.32 14.00
C GLN A 14 -4.28 9.49 14.96
N GLY A 15 -3.09 9.48 14.44
CA GLY A 15 -1.89 9.65 15.32
C GLY A 15 -1.50 8.30 15.92
N TRP A 16 -1.77 7.23 15.21
CA TRP A 16 -1.41 5.88 15.73
C TRP A 16 0.02 5.51 15.30
N ASP A 17 0.47 4.35 15.68
CA ASP A 17 1.85 3.93 15.29
C ASP A 17 1.80 3.01 14.06
N MET A 18 2.93 2.50 13.65
CA MET A 18 2.94 1.62 12.45
C MET A 18 2.41 0.23 12.81
N ASP A 19 2.77 -0.29 13.95
CA ASP A 19 2.28 -1.63 14.36
C ASP A 19 1.89 -1.64 15.83
N ASP A 20 1.97 -0.51 16.50
CA ASP A 20 1.60 -0.47 17.93
C ASP A 20 0.08 -0.40 18.10
N ASP A 21 -0.56 0.50 17.41
CA ASP A 21 -2.04 0.62 17.53
C ASP A 21 -2.73 -0.45 16.68
N ASP A 22 -1.98 -1.30 16.05
CA ASP A 22 -2.59 -2.37 15.22
C ASP A 22 -3.75 -1.79 14.39
N LEU A 23 -3.48 -0.75 13.65
CA LEU A 23 -4.56 -0.13 12.82
C LEU A 23 -5.35 -1.22 12.09
N PHE A 24 -4.69 -2.12 11.43
CA PHE A 24 -5.40 -3.20 10.70
C PHE A 24 -6.34 -3.94 11.66
N GLU A 25 -6.09 -3.85 12.94
CA GLU A 25 -6.96 -4.53 13.92
C GLU A 25 -7.89 -3.52 14.59
N LYS A 26 -7.36 -2.42 15.04
CA LYS A 26 -8.22 -1.39 15.70
C LYS A 26 -9.12 -0.71 14.67
N ALA A 27 -8.67 -0.59 13.45
CA ALA A 27 -9.50 0.05 12.40
C ALA A 27 -10.75 -0.79 12.13
N ALA A 28 -10.63 -2.09 12.29
CA ALA A 28 -11.81 -2.98 12.05
C ALA A 28 -12.84 -2.82 13.17
N ASP A 29 -12.42 -2.29 14.29
CA ASP A 29 -13.37 -2.11 15.42
C ASP A 29 -14.12 -0.78 15.28
N ALA A 30 -13.63 0.09 14.44
CA ALA A 30 -14.31 1.41 14.24
C ALA A 30 -15.05 1.43 12.90
N GLY A 31 -14.52 0.76 11.92
CA GLY A 31 -15.20 0.73 10.58
C GLY A 31 -14.83 1.98 9.80
N LEU A 32 -13.57 2.20 9.56
CA LEU A 32 -13.14 3.41 8.79
C LEU A 32 -13.61 3.29 7.34
N ASP A 33 -13.27 4.25 6.51
CA ASP A 33 -13.70 4.18 5.08
C ASP A 33 -13.12 2.94 4.42
N GLY A 34 -13.93 2.16 3.76
CA GLY A 34 -13.42 0.94 3.09
C GLY A 34 -12.25 1.29 2.18
N GLU A 35 -12.34 2.40 1.49
CA GLU A 35 -11.24 2.80 0.58
C GLU A 35 -9.95 3.03 1.37
N ASP A 36 -10.05 3.22 2.66
CA ASP A 36 -8.83 3.46 3.49
C ASP A 36 -8.35 2.15 4.10
N TYR A 37 -9.22 1.40 4.71
CA TYR A 37 -8.81 0.12 5.32
C TYR A 37 -9.70 -1.03 4.82
N GLY A 38 -9.13 -2.17 4.57
CA GLY A 38 -9.93 -3.32 4.07
C GLY A 38 -9.00 -4.45 3.64
N THR A 39 -9.44 -5.67 3.73
CA THR A 39 -8.58 -6.81 3.31
C THR A 39 -8.64 -6.99 1.80
N MET A 40 -7.52 -6.83 1.13
CA MET A 40 -7.53 -6.99 -0.36
C MET A 40 -7.29 -8.45 -0.72
N GLU A 41 -8.14 -9.03 -1.54
CA GLU A 41 -7.96 -10.45 -1.92
C GLU A 41 -7.43 -10.55 -3.35
N VAL A 42 -6.18 -10.89 -3.50
CA VAL A 42 -5.59 -11.01 -4.87
C VAL A 42 -4.55 -12.14 -4.91
N ALA A 43 -4.72 -13.06 -5.82
CA ALA A 43 -3.74 -14.19 -5.91
C ALA A 43 -2.45 -13.72 -6.57
N GLU A 44 -1.33 -14.31 -6.20
CA GLU A 44 -0.04 -13.90 -6.82
C GLU A 44 -0.15 -13.94 -8.34
N GLY A 45 0.03 -12.83 -8.99
CA GLY A 45 -0.08 -12.79 -10.47
C GLY A 45 -1.05 -11.69 -10.89
N GLU A 46 -1.81 -11.19 -9.95
CA GLU A 46 -2.78 -10.10 -10.28
C GLU A 46 -2.28 -8.76 -9.72
N TYR A 47 -2.21 -7.75 -10.54
CA TYR A 47 -1.73 -6.43 -10.05
C TYR A 47 -2.57 -5.97 -8.85
N ILE A 48 -1.93 -5.80 -7.71
CA ILE A 48 -2.68 -5.37 -6.50
C ILE A 48 -3.67 -4.24 -6.86
N LEU A 49 -3.17 -3.06 -7.10
CA LEU A 49 -4.08 -1.93 -7.45
C LEU A 49 -5.19 -2.41 -8.40
N GLU A 50 -4.91 -3.38 -9.22
CA GLU A 50 -5.94 -3.88 -10.17
C GLU A 50 -6.97 -4.74 -9.42
N ALA A 51 -6.52 -5.56 -8.50
CA ALA A 51 -7.47 -6.42 -7.74
C ALA A 51 -8.48 -5.55 -6.98
N ALA A 52 -8.00 -4.65 -6.19
CA ALA A 52 -8.93 -3.76 -5.43
C ALA A 52 -9.65 -2.81 -6.39
N GLU A 53 -9.04 -2.50 -7.49
CA GLU A 53 -9.69 -1.58 -8.47
C GLU A 53 -11.06 -2.13 -8.85
N ALA A 54 -11.10 -3.32 -9.37
CA ALA A 54 -12.40 -3.93 -9.76
C ALA A 54 -13.25 -4.16 -8.51
N GLN A 55 -12.66 -4.00 -7.34
CA GLN A 55 -13.43 -4.21 -6.08
C GLN A 55 -14.11 -2.90 -5.67
N GLY A 56 -13.57 -1.78 -6.08
CA GLY A 56 -14.19 -0.48 -5.70
C GLY A 56 -13.20 0.34 -4.88
N TYR A 57 -11.94 0.03 -4.98
CA TYR A 57 -10.92 0.78 -4.20
C TYR A 57 -10.13 1.72 -5.13
N ASP A 58 -9.82 2.90 -4.67
CA ASP A 58 -9.06 3.86 -5.53
C ASP A 58 -7.60 3.93 -5.10
N TRP A 59 -6.69 4.04 -6.03
CA TRP A 59 -5.24 4.12 -5.67
C TRP A 59 -4.55 5.18 -6.51
N PRO A 60 -3.51 5.74 -5.96
CA PRO A 60 -2.73 6.78 -6.66
C PRO A 60 -1.89 6.13 -7.76
N PHE A 61 -1.91 6.68 -8.95
CA PHE A 61 -1.11 6.08 -10.05
C PHE A 61 -0.98 7.08 -11.20
N SER A 62 0.09 7.00 -11.94
CA SER A 62 0.29 7.96 -13.07
C SER A 62 0.98 7.25 -14.24
N CYS A 63 2.15 6.73 -14.01
CA CYS A 63 2.89 6.05 -15.10
C CYS A 63 2.26 4.66 -15.41
N ARG A 64 1.83 3.93 -14.41
CA ARG A 64 1.18 2.60 -14.65
C ARG A 64 2.14 1.61 -15.34
N ALA A 65 3.40 1.74 -15.12
CA ALA A 65 4.38 0.80 -15.73
C ALA A 65 5.47 0.41 -14.72
N GLY A 66 5.36 0.88 -13.50
CA GLY A 66 6.39 0.53 -12.47
C GLY A 66 7.64 1.38 -12.68
N ALA A 67 7.49 2.63 -13.04
CA ALA A 67 8.68 3.50 -13.27
C ALA A 67 8.59 4.80 -12.47
N CYS A 68 7.64 4.91 -11.58
CA CYS A 68 7.53 6.17 -10.77
C CYS A 68 7.16 5.84 -9.31
N ALA A 69 6.89 6.84 -8.51
CA ALA A 69 6.53 6.58 -7.08
C ALA A 69 5.19 7.21 -6.72
N ASN A 70 4.47 7.73 -7.67
CA ASN A 70 3.16 8.37 -7.36
C ASN A 70 2.24 7.37 -6.66
N CYS A 71 2.26 6.14 -7.09
CA CYS A 71 1.38 5.11 -6.45
C CYS A 71 2.10 4.51 -5.24
N ALA A 72 3.15 5.12 -4.80
CA ALA A 72 3.92 4.60 -3.63
C ALA A 72 2.98 4.11 -2.52
N SER A 73 3.42 3.13 -1.77
CA SER A 73 2.60 2.59 -0.66
C SER A 73 3.47 2.42 0.59
N ILE A 74 3.02 1.67 1.55
CA ILE A 74 3.82 1.47 2.78
C ILE A 74 3.59 0.06 3.33
N VAL A 75 4.14 -0.94 2.69
CA VAL A 75 3.94 -2.34 3.18
C VAL A 75 4.15 -2.38 4.70
N LYS A 76 3.11 -2.57 5.46
CA LYS A 76 3.25 -2.61 6.94
C LYS A 76 3.71 -3.99 7.40
N GLU A 77 3.75 -4.95 6.51
CA GLU A 77 4.20 -6.32 6.90
C GLU A 77 3.98 -7.29 5.74
N GLY A 78 4.76 -8.34 5.68
CA GLY A 78 4.60 -9.32 4.57
C GLY A 78 5.56 -8.97 3.44
N GLU A 79 5.12 -9.08 2.22
CA GLU A 79 6.01 -8.75 1.07
C GLU A 79 5.23 -8.81 -0.24
N ILE A 80 5.50 -7.89 -1.14
CA ILE A 80 4.77 -7.90 -2.45
C ILE A 80 5.72 -8.33 -3.56
N ASP A 81 5.21 -9.00 -4.56
CA ASP A 81 6.09 -9.46 -5.68
C ASP A 81 6.28 -8.33 -6.69
N MET A 82 7.47 -7.80 -6.79
CA MET A 82 7.73 -6.70 -7.76
C MET A 82 8.42 -7.26 -9.01
N ASP A 83 8.80 -6.41 -9.93
CA ASP A 83 9.47 -6.91 -11.16
C ASP A 83 10.89 -6.34 -11.26
N MET A 84 11.72 -6.95 -12.07
CA MET A 84 13.11 -6.45 -12.21
C MET A 84 13.11 -5.05 -12.82
N GLN A 85 13.65 -4.09 -12.13
CA GLN A 85 13.68 -2.69 -12.67
C GLN A 85 14.72 -1.85 -11.93
N GLN A 86 14.61 -0.56 -12.01
CA GLN A 86 15.59 0.33 -11.32
C GLN A 86 14.89 1.55 -10.75
N ILE A 87 13.62 1.45 -10.47
CA ILE A 87 12.88 2.61 -9.92
C ILE A 87 12.98 2.63 -8.39
N LEU A 88 13.25 1.51 -7.79
CA LEU A 88 13.35 1.48 -6.30
C LEU A 88 14.13 0.23 -5.85
N SER A 89 14.41 0.12 -4.59
CA SER A 89 15.17 -1.07 -4.09
C SER A 89 14.60 -1.52 -2.73
N ASP A 90 14.83 -2.74 -2.37
CA ASP A 90 14.31 -3.23 -1.06
C ASP A 90 14.64 -2.24 0.05
N GLU A 91 15.66 -1.44 -0.13
CA GLU A 91 16.02 -0.46 0.93
C GLU A 91 14.79 0.41 1.23
N GLU A 92 14.07 0.80 0.22
CA GLU A 92 12.86 1.63 0.44
C GLU A 92 11.70 0.72 0.87
N VAL A 93 11.73 -0.53 0.47
CA VAL A 93 10.63 -1.46 0.86
C VAL A 93 10.89 -1.95 2.29
N GLU A 94 12.11 -1.86 2.76
CA GLU A 94 12.41 -2.32 4.14
C GLU A 94 12.55 -1.12 5.08
N GLU A 95 13.25 -0.11 4.66
CA GLU A 95 13.42 1.09 5.53
C GLU A 95 12.26 2.06 5.32
N LYS A 96 11.58 1.95 4.21
CA LYS A 96 10.43 2.87 3.94
C LYS A 96 9.16 2.06 3.69
N ASP A 97 9.28 0.77 3.57
CA ASP A 97 8.08 -0.08 3.33
C ASP A 97 7.34 0.39 2.08
N VAL A 98 8.00 1.11 1.22
CA VAL A 98 7.31 1.59 -0.02
C VAL A 98 7.27 0.49 -1.07
N ARG A 99 6.30 0.54 -1.95
CA ARG A 99 6.20 -0.51 -3.01
C ARG A 99 5.24 -0.04 -4.11
N LEU A 100 5.33 -0.62 -5.27
CA LEU A 100 4.43 -0.21 -6.39
C LEU A 100 3.27 -1.21 -6.53
N THR A 101 2.09 -0.80 -6.18
CA THR A 101 0.92 -1.73 -6.29
C THR A 101 0.39 -1.73 -7.73
N CYS A 102 0.65 -0.69 -8.47
CA CYS A 102 0.16 -0.64 -9.89
C CYS A 102 0.81 -1.76 -10.71
N ILE A 103 2.02 -2.14 -10.38
CA ILE A 103 2.69 -3.23 -11.15
C ILE A 103 3.29 -4.25 -10.18
N GLY A 104 2.79 -4.32 -8.98
CA GLY A 104 3.33 -5.30 -8.00
C GLY A 104 2.21 -6.22 -7.53
N SER A 105 2.52 -7.46 -7.30
CA SER A 105 1.46 -8.41 -6.83
C SER A 105 1.79 -8.92 -5.42
N PRO A 106 0.86 -9.65 -4.86
CA PRO A 106 1.04 -10.19 -3.50
C PRO A 106 2.04 -11.36 -3.52
N ALA A 107 3.10 -11.26 -2.76
CA ALA A 107 4.11 -12.36 -2.74
C ALA A 107 3.88 -13.27 -1.54
N ALA A 108 3.25 -12.78 -0.50
CA ALA A 108 3.00 -13.62 0.70
C ALA A 108 1.49 -13.80 0.92
N ASP A 109 1.12 -14.60 1.86
CA ASP A 109 -0.33 -14.82 2.13
C ASP A 109 -0.96 -13.54 2.71
N GLU A 110 -0.86 -13.35 3.99
CA GLU A 110 -1.45 -12.12 4.60
C GLU A 110 -0.41 -11.00 4.63
N VAL A 111 -0.48 -10.09 3.69
CA VAL A 111 0.49 -8.98 3.65
C VAL A 111 -0.16 -7.67 4.10
N LYS A 112 0.58 -6.79 4.72
CA LYS A 112 0.00 -5.50 5.16
C LYS A 112 0.63 -4.34 4.39
N ILE A 113 -0.15 -3.40 3.95
CA ILE A 113 0.41 -2.25 3.18
C ILE A 113 -0.53 -1.06 3.26
N VAL A 114 0.01 0.13 3.32
CA VAL A 114 -0.85 1.35 3.38
C VAL A 114 -0.97 1.95 1.97
N TYR A 115 -2.17 2.23 1.54
CA TYR A 115 -2.36 2.81 0.17
C TYR A 115 -2.38 4.35 0.26
N ASN A 116 -2.19 5.01 -0.84
CA ASN A 116 -2.19 6.50 -0.83
C ASN A 116 -0.94 7.04 -0.15
N ALA A 117 0.21 6.55 -0.52
CA ALA A 117 1.47 7.03 0.13
C ALA A 117 1.84 8.42 -0.42
N HIS A 119 0.65 10.93 -0.04
CA HIS A 119 0.41 11.95 1.03
C HIS A 119 1.68 12.14 1.86
N LEU A 120 2.59 11.20 1.82
CA LEU A 120 3.84 11.34 2.62
C LEU A 120 4.40 12.76 2.49
N ASP A 121 4.52 13.46 3.58
CA ASP A 121 5.06 14.85 3.52
C ASP A 121 6.52 14.84 3.06
N TYR A 122 7.22 13.77 3.31
CA TYR A 122 8.65 13.69 2.88
C TYR A 122 8.75 13.55 1.37
N LEU A 123 7.62 13.44 0.70
CA LEU A 123 7.65 13.29 -0.78
C LEU A 123 7.01 14.52 -1.45
N GLN A 124 5.90 14.97 -0.94
CA GLN A 124 5.24 16.17 -1.55
C GLN A 124 6.26 17.29 -1.76
N ASN A 125 7.32 17.28 -1.02
CA ASN A 125 8.36 18.35 -1.17
C ASN A 125 8.81 18.43 -2.63
N ARG A 126 8.59 17.39 -3.39
CA ARG A 126 9.01 17.41 -4.82
C ARG A 126 8.06 18.30 -5.64
N VAL A 127 7.00 18.77 -5.04
CA VAL A 127 6.04 19.63 -5.77
C VAL A 127 6.62 21.04 -5.94
N ILE A 128 7.40 21.48 -5.01
CA ILE A 128 8.00 22.84 -5.11
C ILE A 128 9.25 22.81 -6.00
#